data_1DF7
# 
_entry.id   1DF7 
# 
_audit_conform.dict_name       mmcif_pdbx.dic 
_audit_conform.dict_version    5.385 
_audit_conform.dict_location   http://mmcif.pdb.org/dictionaries/ascii/mmcif_pdbx.dic 
# 
loop_
_database_2.database_id 
_database_2.database_code 
_database_2.pdbx_database_accession 
_database_2.pdbx_DOI 
PDB   1DF7         pdb_00001df7 10.2210/pdb1df7/pdb 
RCSB  RCSB010034   ?            ?                   
WWPDB D_1000010034 ?            ?                   
# 
loop_
_pdbx_audit_revision_history.ordinal 
_pdbx_audit_revision_history.data_content_type 
_pdbx_audit_revision_history.major_revision 
_pdbx_audit_revision_history.minor_revision 
_pdbx_audit_revision_history.revision_date 
1 'Structure model' 1 0 2000-03-09 
2 'Structure model' 1 1 2008-04-27 
3 'Structure model' 1 2 2011-07-13 
4 'Structure model' 1 3 2024-02-07 
# 
_pdbx_audit_revision_details.ordinal             1 
_pdbx_audit_revision_details.revision_ordinal    1 
_pdbx_audit_revision_details.data_content_type   'Structure model' 
_pdbx_audit_revision_details.provider            repository 
_pdbx_audit_revision_details.type                'Initial release' 
_pdbx_audit_revision_details.description         ? 
_pdbx_audit_revision_details.details             ? 
# 
loop_
_pdbx_audit_revision_group.ordinal 
_pdbx_audit_revision_group.revision_ordinal 
_pdbx_audit_revision_group.data_content_type 
_pdbx_audit_revision_group.group 
1 2 'Structure model' 'Version format compliance' 
2 3 'Structure model' 'Non-polymer description'   
3 3 'Structure model' 'Version format compliance' 
4 4 'Structure model' 'Data collection'           
5 4 'Structure model' 'Database references'       
6 4 'Structure model' 'Derived calculations'      
# 
loop_
_pdbx_audit_revision_category.ordinal 
_pdbx_audit_revision_category.revision_ordinal 
_pdbx_audit_revision_category.data_content_type 
_pdbx_audit_revision_category.category 
1 4 'Structure model' chem_comp_atom 
2 4 'Structure model' chem_comp_bond 
3 4 'Structure model' database_2     
4 4 'Structure model' struct_site    
# 
loop_
_pdbx_audit_revision_item.ordinal 
_pdbx_audit_revision_item.revision_ordinal 
_pdbx_audit_revision_item.data_content_type 
_pdbx_audit_revision_item.item 
1 4 'Structure model' '_database_2.pdbx_DOI'                
2 4 'Structure model' '_database_2.pdbx_database_accession' 
3 4 'Structure model' '_struct_site.pdbx_auth_asym_id'      
4 4 'Structure model' '_struct_site.pdbx_auth_comp_id'      
5 4 'Structure model' '_struct_site.pdbx_auth_seq_id'       
# 
_pdbx_database_status.status_code                     REL 
_pdbx_database_status.entry_id                        1DF7 
_pdbx_database_status.recvd_initial_deposition_date   1999-11-17 
_pdbx_database_status.deposit_site                    RCSB 
_pdbx_database_status.process_site                    RCSB 
_pdbx_database_status.SG_entry                        . 
_pdbx_database_status.pdb_format_compatible           Y 
_pdbx_database_status.status_code_mr                  ? 
_pdbx_database_status.status_code_sf                  ? 
_pdbx_database_status.status_code_cs                  ? 
_pdbx_database_status.status_code_nmr_data            ? 
_pdbx_database_status.methods_development_category    ? 
# 
loop_
_pdbx_database_related.db_name 
_pdbx_database_related.db_id 
_pdbx_database_related.details 
_pdbx_database_related.content_type 
PDB 1DG5 . unspecified 
PDB 1DG7 . unspecified 
PDB 1DG8 . unspecified 
# 
loop_
_audit_author.name 
_audit_author.pdbx_ordinal 
'Li, R.'           1 
'Sirawaraporn, R.' 2 
'Chitnumsub, P.'   3 
'Sirawaraporn, W.' 4 
'Wooden, J.'       5 
'Athappilly, F.'   6 
'Turley, S.'       7 
'Hol, W.G.'        8 
# 
loop_
_citation.id 
_citation.title 
_citation.journal_abbrev 
_citation.journal_volume 
_citation.page_first 
_citation.page_last 
_citation.year 
_citation.journal_id_ASTM 
_citation.country 
_citation.journal_id_ISSN 
_citation.journal_id_CSD 
_citation.book_publisher 
_citation.pdbx_database_id_PubMed 
_citation.pdbx_database_id_DOI 
primary 
;Three-dimensional structure of M. tuberculosis dihydrofolate reductase reveals opportunities for the design of novel tuberculosis drugs.
;
J.Mol.Biol.  295 307   323   2000 JMOBAK UK 0022-2836 0070 ? 10623528 10.1006/jmbi.1999.3328 
1       
;Comparison of Two Independent Crystal Structures of Human Dihydrofolate Reductase Ternary Complexes Reduced with Nicotinamide Adenine Dinucleotide Phosphate and the Very Tight-Binding Inhibitor PT523
;
Biochemistry 36  13897 13903 1997 BICHAW US 0006-2960 0033 ? ?        10.1021/bi971711l      
# 
loop_
_citation_author.citation_id 
_citation_author.name 
_citation_author.ordinal 
_citation_author.identifier_ORCID 
primary 'Li, R.'           1  ? 
primary 'Sirawaraporn, R.' 2  ? 
primary 'Chitnumsub, P.'   3  ? 
primary 'Sirawaraporn, W.' 4  ? 
primary 'Wooden, J.'       5  ? 
primary 'Athappilly, F.'   6  ? 
primary 'Turley, S.'       7  ? 
primary 'Hol, W.G.'        8  ? 
1       'Cody, V.'         9  ? 
1       'Galitsky, N.'     10 ? 
1       'Luft, J.R.'       11 ? 
1       'Pangborn, W.'     12 ? 
1       'Rosowsky, A.'     13 ? 
1       'Blakley, R.L.'    14 ? 
# 
loop_
_entity.id 
_entity.type 
_entity.src_method 
_entity.pdbx_description 
_entity.formula_weight 
_entity.pdbx_number_of_molecules 
_entity.pdbx_ec 
_entity.pdbx_mutation 
_entity.pdbx_fragment 
_entity.details 
1 polymer     nat 'DIHYDROFOLATE REDUCTASE'                                   17660.992 1   1.5.1.3 ? ? ? 
2 non-polymer syn 'SULFATE ION'                                               96.063    1   ?       ? ? ? 
3 non-polymer syn 'NADPH DIHYDRO-NICOTINAMIDE-ADENINE-DINUCLEOTIDE PHOSPHATE' 745.421   1   ?       ? ? ? 
4 non-polymer syn METHOTREXATE                                                454.439   1   ?       ? ? ? 
5 non-polymer syn GLYCEROL                                                    92.094    4   ?       ? ? ? 
6 water       nat water                                                       18.015    195 ?       ? ? ? 
# 
_entity_name_com.entity_id   1 
_entity_name_com.name        DHFR 
# 
_entity_poly.entity_id                      1 
_entity_poly.type                           'polypeptide(L)' 
_entity_poly.nstd_linkage                   no 
_entity_poly.nstd_monomer                   no 
_entity_poly.pdbx_seq_one_letter_code       
;MVGLIWAQATSGVIGRGGDIPWRLPEDQAHFREITMGHTIVMGRRTWDSLPAKVRPLPGRRNVVLSRQADFMASGAEVVG
SLEEALTSPETWVIGGGQVYALALPYATRCEVTEVDIGLPREAGDALAPVLDETWRGETGEWRFSRSGLRYRLYSYHRS
;
_entity_poly.pdbx_seq_one_letter_code_can   
;MVGLIWAQATSGVIGRGGDIPWRLPEDQAHFREITMGHTIVMGRRTWDSLPAKVRPLPGRRNVVLSRQADFMASGAEVVG
SLEEALTSPETWVIGGGQVYALALPYATRCEVTEVDIGLPREAGDALAPVLDETWRGETGEWRFSRSGLRYRLYSYHRS
;
_entity_poly.pdbx_strand_id                 A 
_entity_poly.pdbx_target_identifier         ? 
# 
loop_
_pdbx_entity_nonpoly.entity_id 
_pdbx_entity_nonpoly.name 
_pdbx_entity_nonpoly.comp_id 
2 'SULFATE ION'                                               SO4 
3 'NADPH DIHYDRO-NICOTINAMIDE-ADENINE-DINUCLEOTIDE PHOSPHATE' NDP 
4 METHOTREXATE                                                MTX 
5 GLYCEROL                                                    GOL 
6 water                                                       HOH 
# 
loop_
_entity_poly_seq.entity_id 
_entity_poly_seq.num 
_entity_poly_seq.mon_id 
_entity_poly_seq.hetero 
1 1   MET n 
1 2   VAL n 
1 3   GLY n 
1 4   LEU n 
1 5   ILE n 
1 6   TRP n 
1 7   ALA n 
1 8   GLN n 
1 9   ALA n 
1 10  THR n 
1 11  SER n 
1 12  GLY n 
1 13  VAL n 
1 14  ILE n 
1 15  GLY n 
1 16  ARG n 
1 17  GLY n 
1 18  GLY n 
1 19  ASP n 
1 20  ILE n 
1 21  PRO n 
1 22  TRP n 
1 23  ARG n 
1 24  LEU n 
1 25  PRO n 
1 26  GLU n 
1 27  ASP n 
1 28  GLN n 
1 29  ALA n 
1 30  HIS n 
1 31  PHE n 
1 32  ARG n 
1 33  GLU n 
1 34  ILE n 
1 35  THR n 
1 36  MET n 
1 37  GLY n 
1 38  HIS n 
1 39  THR n 
1 40  ILE n 
1 41  VAL n 
1 42  MET n 
1 43  GLY n 
1 44  ARG n 
1 45  ARG n 
1 46  THR n 
1 47  TRP n 
1 48  ASP n 
1 49  SER n 
1 50  LEU n 
1 51  PRO n 
1 52  ALA n 
1 53  LYS n 
1 54  VAL n 
1 55  ARG n 
1 56  PRO n 
1 57  LEU n 
1 58  PRO n 
1 59  GLY n 
1 60  ARG n 
1 61  ARG n 
1 62  ASN n 
1 63  VAL n 
1 64  VAL n 
1 65  LEU n 
1 66  SER n 
1 67  ARG n 
1 68  GLN n 
1 69  ALA n 
1 70  ASP n 
1 71  PHE n 
1 72  MET n 
1 73  ALA n 
1 74  SER n 
1 75  GLY n 
1 76  ALA n 
1 77  GLU n 
1 78  VAL n 
1 79  VAL n 
1 80  GLY n 
1 81  SER n 
1 82  LEU n 
1 83  GLU n 
1 84  GLU n 
1 85  ALA n 
1 86  LEU n 
1 87  THR n 
1 88  SER n 
1 89  PRO n 
1 90  GLU n 
1 91  THR n 
1 92  TRP n 
1 93  VAL n 
1 94  ILE n 
1 95  GLY n 
1 96  GLY n 
1 97  GLY n 
1 98  GLN n 
1 99  VAL n 
1 100 TYR n 
1 101 ALA n 
1 102 LEU n 
1 103 ALA n 
1 104 LEU n 
1 105 PRO n 
1 106 TYR n 
1 107 ALA n 
1 108 THR n 
1 109 ARG n 
1 110 CYS n 
1 111 GLU n 
1 112 VAL n 
1 113 THR n 
1 114 GLU n 
1 115 VAL n 
1 116 ASP n 
1 117 ILE n 
1 118 GLY n 
1 119 LEU n 
1 120 PRO n 
1 121 ARG n 
1 122 GLU n 
1 123 ALA n 
1 124 GLY n 
1 125 ASP n 
1 126 ALA n 
1 127 LEU n 
1 128 ALA n 
1 129 PRO n 
1 130 VAL n 
1 131 LEU n 
1 132 ASP n 
1 133 GLU n 
1 134 THR n 
1 135 TRP n 
1 136 ARG n 
1 137 GLY n 
1 138 GLU n 
1 139 THR n 
1 140 GLY n 
1 141 GLU n 
1 142 TRP n 
1 143 ARG n 
1 144 PHE n 
1 145 SER n 
1 146 ARG n 
1 147 SER n 
1 148 GLY n 
1 149 LEU n 
1 150 ARG n 
1 151 TYR n 
1 152 ARG n 
1 153 LEU n 
1 154 TYR n 
1 155 SER n 
1 156 TYR n 
1 157 HIS n 
1 158 ARG n 
1 159 SER n 
# 
_entity_src_nat.entity_id                  1 
_entity_src_nat.pdbx_src_id                1 
_entity_src_nat.pdbx_alt_source_flag       sample 
_entity_src_nat.pdbx_beg_seq_num           ? 
_entity_src_nat.pdbx_end_seq_num           ? 
_entity_src_nat.common_name                ? 
_entity_src_nat.pdbx_organism_scientific   'Mycobacterium tuberculosis' 
_entity_src_nat.pdbx_ncbi_taxonomy_id      1773 
_entity_src_nat.genus                      Mycobacterium 
_entity_src_nat.species                    ? 
_entity_src_nat.strain                     ? 
_entity_src_nat.tissue                     ? 
_entity_src_nat.tissue_fraction            ? 
_entity_src_nat.pdbx_secretion             ? 
_entity_src_nat.pdbx_fragment              ? 
_entity_src_nat.pdbx_variant               ? 
_entity_src_nat.pdbx_cell_line             ? 
_entity_src_nat.pdbx_atcc                  ? 
_entity_src_nat.pdbx_cellular_location     ? 
_entity_src_nat.pdbx_organ                 ? 
_entity_src_nat.pdbx_organelle             ? 
_entity_src_nat.pdbx_cell                  ? 
_entity_src_nat.pdbx_plasmid_name          ? 
_entity_src_nat.pdbx_plasmid_details       ? 
_entity_src_nat.details                    ? 
# 
loop_
_chem_comp.id 
_chem_comp.type 
_chem_comp.mon_nstd_flag 
_chem_comp.name 
_chem_comp.pdbx_synonyms 
_chem_comp.formula 
_chem_comp.formula_weight 
ALA 'L-peptide linking' y ALANINE                                                     ?                               'C3 H7 N O2' 
89.093  
ARG 'L-peptide linking' y ARGININE                                                    ?                               
'C6 H15 N4 O2 1'    175.209 
ASN 'L-peptide linking' y ASPARAGINE                                                  ?                               
'C4 H8 N2 O3'       132.118 
ASP 'L-peptide linking' y 'ASPARTIC ACID'                                             ?                               'C4 H7 N O4' 
133.103 
CYS 'L-peptide linking' y CYSTEINE                                                    ?                               
'C3 H7 N O2 S'      121.158 
GLN 'L-peptide linking' y GLUTAMINE                                                   ?                               
'C5 H10 N2 O3'      146.144 
GLU 'L-peptide linking' y 'GLUTAMIC ACID'                                             ?                               'C5 H9 N O4' 
147.129 
GLY 'peptide linking'   y GLYCINE                                                     ?                               'C2 H5 N O2' 
75.067  
GOL non-polymer         . GLYCEROL                                                    'GLYCERIN; PROPANE-1,2,3-TRIOL' 'C3 H8 O3' 
92.094  
HIS 'L-peptide linking' y HISTIDINE                                                   ?                               
'C6 H10 N3 O2 1'    156.162 
HOH non-polymer         . WATER                                                       ?                               'H2 O' 
18.015  
ILE 'L-peptide linking' y ISOLEUCINE                                                  ?                               
'C6 H13 N O2'       131.173 
LEU 'L-peptide linking' y LEUCINE                                                     ?                               
'C6 H13 N O2'       131.173 
LYS 'L-peptide linking' y LYSINE                                                      ?                               
'C6 H15 N2 O2 1'    147.195 
MET 'L-peptide linking' y METHIONINE                                                  ?                               
'C5 H11 N O2 S'     149.211 
MTX non-polymer         . METHOTREXATE                                                ?                               
'C20 H22 N8 O5'     454.439 
NDP non-polymer         . 'NADPH DIHYDRO-NICOTINAMIDE-ADENINE-DINUCLEOTIDE PHOSPHATE' ?                               
'C21 H30 N7 O17 P3' 745.421 
PHE 'L-peptide linking' y PHENYLALANINE                                               ?                               
'C9 H11 N O2'       165.189 
PRO 'L-peptide linking' y PROLINE                                                     ?                               'C5 H9 N O2' 
115.130 
SER 'L-peptide linking' y SERINE                                                      ?                               'C3 H7 N O3' 
105.093 
SO4 non-polymer         . 'SULFATE ION'                                               ?                               'O4 S -2' 
96.063  
THR 'L-peptide linking' y THREONINE                                                   ?                               'C4 H9 N O3' 
119.119 
TRP 'L-peptide linking' y TRYPTOPHAN                                                  ?                               
'C11 H12 N2 O2'     204.225 
TYR 'L-peptide linking' y TYROSINE                                                    ?                               
'C9 H11 N O3'       181.189 
VAL 'L-peptide linking' y VALINE                                                      ?                               
'C5 H11 N O2'       117.146 
# 
loop_
_pdbx_poly_seq_scheme.asym_id 
_pdbx_poly_seq_scheme.entity_id 
_pdbx_poly_seq_scheme.seq_id 
_pdbx_poly_seq_scheme.mon_id 
_pdbx_poly_seq_scheme.ndb_seq_num 
_pdbx_poly_seq_scheme.pdb_seq_num 
_pdbx_poly_seq_scheme.auth_seq_num 
_pdbx_poly_seq_scheme.pdb_mon_id 
_pdbx_poly_seq_scheme.auth_mon_id 
_pdbx_poly_seq_scheme.pdb_strand_id 
_pdbx_poly_seq_scheme.pdb_ins_code 
_pdbx_poly_seq_scheme.hetero 
A 1 1   MET 1   1   1   MET MET A . n 
A 1 2   VAL 2   2   2   VAL VAL A . n 
A 1 3   GLY 3   3   3   GLY GLY A . n 
A 1 4   LEU 4   4   4   LEU LEU A . n 
A 1 5   ILE 5   5   5   ILE ILE A . n 
A 1 6   TRP 6   6   6   TRP TRP A . n 
A 1 7   ALA 7   7   7   ALA ALA A . n 
A 1 8   GLN 8   8   8   GLN GLN A . n 
A 1 9   ALA 9   9   9   ALA ALA A . n 
A 1 10  THR 10  10  10  THR THR A . n 
A 1 11  SER 11  11  11  SER SER A . n 
A 1 12  GLY 12  12  12  GLY GLY A . n 
A 1 13  VAL 13  13  13  VAL VAL A . n 
A 1 14  ILE 14  14  14  ILE ILE A . n 
A 1 15  GLY 15  15  15  GLY GLY A . n 
A 1 16  ARG 16  16  16  ARG ARG A . n 
A 1 17  GLY 17  17  17  GLY GLY A . n 
A 1 18  GLY 18  18  18  GLY GLY A . n 
A 1 19  ASP 19  19  19  ASP ASP A . n 
A 1 20  ILE 20  20  20  ILE ILE A . n 
A 1 21  PRO 21  21  21  PRO PRO A . n 
A 1 22  TRP 22  22  22  TRP TRP A . n 
A 1 23  ARG 23  23  23  ARG ARG A . n 
A 1 24  LEU 24  24  24  LEU LEU A . n 
A 1 25  PRO 25  25  25  PRO PRO A . n 
A 1 26  GLU 26  26  26  GLU GLU A . n 
A 1 27  ASP 27  27  27  ASP ASP A . n 
A 1 28  GLN 28  28  28  GLN GLN A . n 
A 1 29  ALA 29  29  29  ALA ALA A . n 
A 1 30  HIS 30  30  30  HIS HIS A . n 
A 1 31  PHE 31  31  31  PHE PHE A . n 
A 1 32  ARG 32  32  32  ARG ARG A . n 
A 1 33  GLU 33  33  33  GLU GLU A . n 
A 1 34  ILE 34  34  34  ILE ILE A . n 
A 1 35  THR 35  35  35  THR THR A . n 
A 1 36  MET 36  36  36  MET MET A . n 
A 1 37  GLY 37  37  37  GLY GLY A . n 
A 1 38  HIS 38  38  38  HIS HIS A . n 
A 1 39  THR 39  39  39  THR THR A . n 
A 1 40  ILE 40  40  40  ILE ILE A . n 
A 1 41  VAL 41  41  41  VAL VAL A . n 
A 1 42  MET 42  42  42  MET MET A . n 
A 1 43  GLY 43  43  43  GLY GLY A . n 
A 1 44  ARG 44  44  44  ARG ARG A . n 
A 1 45  ARG 45  45  45  ARG ARG A . n 
A 1 46  THR 46  46  46  THR THR A . n 
A 1 47  TRP 47  47  47  TRP TRP A . n 
A 1 48  ASP 48  48  48  ASP ASP A . n 
A 1 49  SER 49  49  49  SER SER A . n 
A 1 50  LEU 50  50  50  LEU LEU A . n 
A 1 51  PRO 51  51  51  PRO PRO A . n 
A 1 52  ALA 52  52  52  ALA ALA A . n 
A 1 53  LYS 53  53  53  LYS LYS A . n 
A 1 54  VAL 54  54  54  VAL VAL A . n 
A 1 55  ARG 55  55  55  ARG ARG A . n 
A 1 56  PRO 56  56  56  PRO PRO A . n 
A 1 57  LEU 57  57  57  LEU LEU A . n 
A 1 58  PRO 58  58  58  PRO PRO A . n 
A 1 59  GLY 59  59  59  GLY GLY A . n 
A 1 60  ARG 60  60  60  ARG ARG A . n 
A 1 61  ARG 61  61  61  ARG ARG A . n 
A 1 62  ASN 62  62  62  ASN ASN A . n 
A 1 63  VAL 63  63  63  VAL VAL A . n 
A 1 64  VAL 64  64  64  VAL VAL A . n 
A 1 65  LEU 65  65  65  LEU LEU A . n 
A 1 66  SER 66  66  66  SER SER A . n 
A 1 67  ARG 67  67  67  ARG ARG A . n 
A 1 68  GLN 68  68  68  GLN GLN A . n 
A 1 69  ALA 69  69  69  ALA ALA A . n 
A 1 70  ASP 70  70  70  ASP ASP A . n 
A 1 71  PHE 71  71  71  PHE PHE A . n 
A 1 72  MET 72  72  72  MET MET A . n 
A 1 73  ALA 73  73  73  ALA ALA A . n 
A 1 74  SER 74  74  74  SER SER A . n 
A 1 75  GLY 75  75  75  GLY GLY A . n 
A 1 76  ALA 76  76  76  ALA ALA A . n 
A 1 77  GLU 77  77  77  GLU GLU A . n 
A 1 78  VAL 78  78  78  VAL VAL A . n 
A 1 79  VAL 79  79  79  VAL VAL A . n 
A 1 80  GLY 80  80  80  GLY GLY A . n 
A 1 81  SER 81  81  81  SER SER A . n 
A 1 82  LEU 82  82  82  LEU LEU A . n 
A 1 83  GLU 83  83  83  GLU GLU A . n 
A 1 84  GLU 84  84  84  GLU GLU A . n 
A 1 85  ALA 85  85  85  ALA ALA A . n 
A 1 86  LEU 86  86  86  LEU LEU A . n 
A 1 87  THR 87  87  87  THR THR A . n 
A 1 88  SER 88  88  88  SER SER A . n 
A 1 89  PRO 89  89  89  PRO PRO A . n 
A 1 90  GLU 90  90  90  GLU GLU A . n 
A 1 91  THR 91  91  91  THR THR A . n 
A 1 92  TRP 92  92  92  TRP TRP A . n 
A 1 93  VAL 93  93  93  VAL VAL A . n 
A 1 94  ILE 94  94  94  ILE ILE A . n 
A 1 95  GLY 95  95  95  GLY GLC A . n 
A 1 96  GLY 96  96  96  GLY GLY A . n 
A 1 97  GLY 97  97  97  GLY GLY A . n 
A 1 98  GLN 98  98  98  GLN GLN A . n 
A 1 99  VAL 99  99  99  VAL VAL A . n 
A 1 100 TYR 100 100 100 TYR TYR A . n 
A 1 101 ALA 101 101 101 ALA ALA A . n 
A 1 102 LEU 102 102 102 LEU LEU A . n 
A 1 103 ALA 103 103 103 ALA ALA A . n 
A 1 104 LEU 104 104 104 LEU LEU A . n 
A 1 105 PRO 105 105 105 PRO PRO A . n 
A 1 106 TYR 106 106 106 TYR TYR A . n 
A 1 107 ALA 107 107 107 ALA ALA A . n 
A 1 108 THR 108 108 108 THR THR A . n 
A 1 109 ARG 109 109 109 ARG ARG A . n 
A 1 110 CYS 110 110 110 CYS CYS A . n 
A 1 111 GLU 111 111 111 GLU GLU A . n 
A 1 112 VAL 112 112 112 VAL VAL A . n 
A 1 113 THR 113 113 113 THR THR A . n 
A 1 114 GLU 114 114 114 GLU GLU A . n 
A 1 115 VAL 115 115 115 VAL VAL A . n 
A 1 116 ASP 116 116 116 ASP ASP A . n 
A 1 117 ILE 117 117 117 ILE ILE A . n 
A 1 118 GLY 118 118 118 GLY GLY A . n 
A 1 119 LEU 119 119 119 LEU LEU A . n 
A 1 120 PRO 120 120 120 PRO PRO A . n 
A 1 121 ARG 121 121 121 ARG ARG A . n 
A 1 122 GLU 122 122 122 GLU GLU A . n 
A 1 123 ALA 123 123 123 ALA ALA A . n 
A 1 124 GLY 124 124 124 GLY GLY A . n 
A 1 125 ASP 125 125 125 ASP ASP A . n 
A 1 126 ALA 126 126 126 ALA ALA A . n 
A 1 127 LEU 127 127 127 LEU LEU A . n 
A 1 128 ALA 128 128 128 ALA ALA A . n 
A 1 129 PRO 129 129 129 PRO PRO A . n 
A 1 130 VAL 130 130 130 VAL VAL A . n 
A 1 131 LEU 131 131 131 LEU LEU A . n 
A 1 132 ASP 132 132 132 ASP ASP A . n 
A 1 133 GLU 133 133 133 GLU GLU A . n 
A 1 134 THR 134 134 134 THR THR A . n 
A 1 135 TRP 135 135 135 TRP TRP A . n 
A 1 136 ARG 136 136 136 ARG ARG A . n 
A 1 137 GLY 137 137 137 GLY GLY A . n 
A 1 138 GLU 138 138 138 GLU GLU A . n 
A 1 139 THR 139 139 139 THR THR A . n 
A 1 140 GLY 140 140 140 GLY GLY A . n 
A 1 141 GLU 141 141 141 GLU GLU A . n 
A 1 142 TRP 142 142 142 TRP TRP A . n 
A 1 143 ARG 143 143 143 ARG ARG A . n 
A 1 144 PHE 144 144 144 PHE PHE A . n 
A 1 145 SER 145 145 145 SER SER A . n 
A 1 146 ARG 146 146 146 ARG ARG A . n 
A 1 147 SER 147 147 147 SER SER A . n 
A 1 148 GLY 148 148 148 GLY GLY A . n 
A 1 149 LEU 149 149 149 LEU LEU A . n 
A 1 150 ARG 150 150 150 ARG ARG A . n 
A 1 151 TYR 151 151 151 TYR TYR A . n 
A 1 152 ARG 152 152 152 ARG ARG A . n 
A 1 153 LEU 153 153 153 LEU LEU A . n 
A 1 154 TYR 154 154 154 TYR TYR A . n 
A 1 155 SER 155 155 155 SER SER A . n 
A 1 156 TYR 156 156 156 TYR TYR A . n 
A 1 157 HIS 157 157 157 HIS HIS A . n 
A 1 158 ARG 158 158 158 ARG ARG A . n 
A 1 159 SER 159 159 159 SER SER A . n 
# 
loop_
_pdbx_nonpoly_scheme.asym_id 
_pdbx_nonpoly_scheme.entity_id 
_pdbx_nonpoly_scheme.mon_id 
_pdbx_nonpoly_scheme.ndb_seq_num 
_pdbx_nonpoly_scheme.pdb_seq_num 
_pdbx_nonpoly_scheme.auth_seq_num 
_pdbx_nonpoly_scheme.pdb_mon_id 
_pdbx_nonpoly_scheme.auth_mon_id 
_pdbx_nonpoly_scheme.pdb_strand_id 
_pdbx_nonpoly_scheme.pdb_ins_code 
B 2 SO4 1   506 5   SO4 SO4 A . 
C 3 NDP 1   500 1   NDP NDP A . 
D 4 MTX 1   501 2   MTX MTX A . 
E 5 GOL 1   502 1   GOL GOL A . 
F 5 GOL 1   503 2   GOL GOL A . 
G 5 GOL 1   504 3   GOL GOL A . 
H 5 GOL 1   505 4   GOL GOL A . 
I 6 HOH 1   507 1   HOH WAT A . 
I 6 HOH 2   508 2   HOH WAT A . 
I 6 HOH 3   509 3   HOH WAT A . 
I 6 HOH 4   510 4   HOH WAT A . 
I 6 HOH 5   511 5   HOH WAT A . 
I 6 HOH 6   512 6   HOH WAT A . 
I 6 HOH 7   513 7   HOH WAT A . 
I 6 HOH 8   514 8   HOH WAT A . 
I 6 HOH 9   515 9   HOH WAT A . 
I 6 HOH 10  516 10  HOH WAT A . 
I 6 HOH 11  517 11  HOH WAT A . 
I 6 HOH 12  518 12  HOH WAT A . 
I 6 HOH 13  519 13  HOH WAT A . 
I 6 HOH 14  520 14  HOH WAT A . 
I 6 HOH 15  521 15  HOH WAT A . 
I 6 HOH 16  522 16  HOH WAT A . 
I 6 HOH 17  523 17  HOH WAT A . 
I 6 HOH 18  524 18  HOH WAT A . 
I 6 HOH 19  525 19  HOH WAT A . 
I 6 HOH 20  526 20  HOH WAT A . 
I 6 HOH 21  527 21  HOH WAT A . 
I 6 HOH 22  528 22  HOH WAT A . 
I 6 HOH 23  529 23  HOH WAT A . 
I 6 HOH 24  530 24  HOH WAT A . 
I 6 HOH 25  531 25  HOH WAT A . 
I 6 HOH 26  532 26  HOH WAT A . 
I 6 HOH 27  533 27  HOH WAT A . 
I 6 HOH 28  534 28  HOH WAT A . 
I 6 HOH 29  535 29  HOH WAT A . 
I 6 HOH 30  536 30  HOH WAT A . 
I 6 HOH 31  537 31  HOH WAT A . 
I 6 HOH 32  538 32  HOH WAT A . 
I 6 HOH 33  539 33  HOH WAT A . 
I 6 HOH 34  540 34  HOH WAT A . 
I 6 HOH 35  541 35  HOH WAT A . 
I 6 HOH 36  542 36  HOH WAT A . 
I 6 HOH 37  543 37  HOH WAT A . 
I 6 HOH 38  544 38  HOH WAT A . 
I 6 HOH 39  545 39  HOH WAT A . 
I 6 HOH 40  546 40  HOH WAT A . 
I 6 HOH 41  547 41  HOH WAT A . 
I 6 HOH 42  548 42  HOH WAT A . 
I 6 HOH 43  549 43  HOH WAT A . 
I 6 HOH 44  550 44  HOH WAT A . 
I 6 HOH 45  551 45  HOH WAT A . 
I 6 HOH 46  552 46  HOH WAT A . 
I 6 HOH 47  553 47  HOH WAT A . 
I 6 HOH 48  554 48  HOH WAT A . 
I 6 HOH 49  555 49  HOH WAT A . 
I 6 HOH 50  556 50  HOH WAT A . 
I 6 HOH 51  557 51  HOH WAT A . 
I 6 HOH 52  558 52  HOH WAT A . 
I 6 HOH 53  559 53  HOH WAT A . 
I 6 HOH 54  560 54  HOH WAT A . 
I 6 HOH 55  561 55  HOH WAT A . 
I 6 HOH 56  562 56  HOH WAT A . 
I 6 HOH 57  563 57  HOH WAT A . 
I 6 HOH 58  564 58  HOH WAT A . 
I 6 HOH 59  565 59  HOH WAT A . 
I 6 HOH 60  566 60  HOH WAT A . 
I 6 HOH 61  567 61  HOH WAT A . 
I 6 HOH 62  568 62  HOH WAT A . 
I 6 HOH 63  569 63  HOH WAT A . 
I 6 HOH 64  570 64  HOH WAT A . 
I 6 HOH 65  571 65  HOH WAT A . 
I 6 HOH 66  572 66  HOH WAT A . 
I 6 HOH 67  573 67  HOH WAT A . 
I 6 HOH 68  574 68  HOH WAT A . 
I 6 HOH 69  575 69  HOH WAT A . 
I 6 HOH 70  576 70  HOH WAT A . 
I 6 HOH 71  577 71  HOH WAT A . 
I 6 HOH 72  578 72  HOH WAT A . 
I 6 HOH 73  579 73  HOH WAT A . 
I 6 HOH 74  580 74  HOH WAT A . 
I 6 HOH 75  581 75  HOH WAT A . 
I 6 HOH 76  582 76  HOH WAT A . 
I 6 HOH 77  583 77  HOH WAT A . 
I 6 HOH 78  584 78  HOH WAT A . 
I 6 HOH 79  585 79  HOH WAT A . 
I 6 HOH 80  586 80  HOH WAT A . 
I 6 HOH 81  587 81  HOH WAT A . 
I 6 HOH 82  588 82  HOH WAT A . 
I 6 HOH 83  589 83  HOH WAT A . 
I 6 HOH 84  590 84  HOH WAT A . 
I 6 HOH 85  591 85  HOH WAT A . 
I 6 HOH 86  592 86  HOH WAT A . 
I 6 HOH 87  593 87  HOH WAT A . 
I 6 HOH 88  594 88  HOH WAT A . 
I 6 HOH 89  595 89  HOH WAT A . 
I 6 HOH 90  596 90  HOH WAT A . 
I 6 HOH 91  597 91  HOH WAT A . 
I 6 HOH 92  598 92  HOH WAT A . 
I 6 HOH 93  599 93  HOH WAT A . 
I 6 HOH 94  600 94  HOH WAT A . 
I 6 HOH 95  601 95  HOH WAT A . 
I 6 HOH 96  602 96  HOH WAT A . 
I 6 HOH 97  603 97  HOH WAT A . 
I 6 HOH 98  604 98  HOH WAT A . 
I 6 HOH 99  605 99  HOH WAT A . 
I 6 HOH 100 606 100 HOH WAT A . 
I 6 HOH 101 607 101 HOH WAT A . 
I 6 HOH 102 608 102 HOH WAT A . 
I 6 HOH 103 609 103 HOH WAT A . 
I 6 HOH 104 610 104 HOH WAT A . 
I 6 HOH 105 611 105 HOH WAT A . 
I 6 HOH 106 612 106 HOH WAT A . 
I 6 HOH 107 613 107 HOH WAT A . 
I 6 HOH 108 614 108 HOH WAT A . 
I 6 HOH 109 615 109 HOH WAT A . 
I 6 HOH 110 616 110 HOH WAT A . 
I 6 HOH 111 617 111 HOH WAT A . 
I 6 HOH 112 618 112 HOH WAT A . 
I 6 HOH 113 619 113 HOH WAT A . 
I 6 HOH 114 620 114 HOH WAT A . 
I 6 HOH 115 621 115 HOH WAT A . 
I 6 HOH 116 622 116 HOH WAT A . 
I 6 HOH 117 623 117 HOH WAT A . 
I 6 HOH 118 624 118 HOH WAT A . 
I 6 HOH 119 625 119 HOH WAT A . 
I 6 HOH 120 626 120 HOH WAT A . 
I 6 HOH 121 627 121 HOH WAT A . 
I 6 HOH 122 628 122 HOH WAT A . 
I 6 HOH 123 629 123 HOH WAT A . 
I 6 HOH 124 630 124 HOH WAT A . 
I 6 HOH 125 631 125 HOH WAT A . 
I 6 HOH 126 632 126 HOH WAT A . 
I 6 HOH 127 633 127 HOH WAT A . 
I 6 HOH 128 634 128 HOH WAT A . 
I 6 HOH 129 635 129 HOH WAT A . 
I 6 HOH 130 636 130 HOH WAT A . 
I 6 HOH 131 637 131 HOH WAT A . 
I 6 HOH 132 638 132 HOH WAT A . 
I 6 HOH 133 639 133 HOH WAT A . 
I 6 HOH 134 640 134 HOH WAT A . 
I 6 HOH 135 641 135 HOH WAT A . 
I 6 HOH 136 642 136 HOH WAT A . 
I 6 HOH 137 643 137 HOH WAT A . 
I 6 HOH 138 644 138 HOH WAT A . 
I 6 HOH 139 645 139 HOH WAT A . 
I 6 HOH 140 646 140 HOH WAT A . 
I 6 HOH 141 647 141 HOH WAT A . 
I 6 HOH 142 648 142 HOH WAT A . 
I 6 HOH 143 649 143 HOH WAT A . 
I 6 HOH 144 650 144 HOH WAT A . 
I 6 HOH 145 651 145 HOH WAT A . 
I 6 HOH 146 652 146 HOH WAT A . 
I 6 HOH 147 653 147 HOH WAT A . 
I 6 HOH 148 654 148 HOH WAT A . 
I 6 HOH 149 655 149 HOH WAT A . 
I 6 HOH 150 656 150 HOH WAT A . 
I 6 HOH 151 657 151 HOH WAT A . 
I 6 HOH 152 658 152 HOH WAT A . 
I 6 HOH 153 659 153 HOH WAT A . 
I 6 HOH 154 660 154 HOH WAT A . 
I 6 HOH 155 661 155 HOH WAT A . 
I 6 HOH 156 662 156 HOH WAT A . 
I 6 HOH 157 663 157 HOH WAT A . 
I 6 HOH 158 664 158 HOH WAT A . 
I 6 HOH 159 665 159 HOH WAT A . 
I 6 HOH 160 666 160 HOH WAT A . 
I 6 HOH 161 667 161 HOH WAT A . 
I 6 HOH 162 668 162 HOH WAT A . 
I 6 HOH 163 669 163 HOH WAT A . 
I 6 HOH 164 670 164 HOH WAT A . 
I 6 HOH 165 671 165 HOH WAT A . 
I 6 HOH 166 672 166 HOH WAT A . 
I 6 HOH 167 673 167 HOH WAT A . 
I 6 HOH 168 674 168 HOH WAT A . 
I 6 HOH 169 675 169 HOH WAT A . 
I 6 HOH 170 676 170 HOH WAT A . 
I 6 HOH 171 677 171 HOH WAT A . 
I 6 HOH 172 678 172 HOH WAT A . 
I 6 HOH 173 679 173 HOH WAT A . 
I 6 HOH 174 680 174 HOH WAT A . 
I 6 HOH 175 681 175 HOH WAT A . 
I 6 HOH 176 682 176 HOH WAT A . 
I 6 HOH 177 683 177 HOH WAT A . 
I 6 HOH 178 684 178 HOH WAT A . 
I 6 HOH 179 685 179 HOH WAT A . 
I 6 HOH 180 686 180 HOH WAT A . 
I 6 HOH 181 687 181 HOH WAT A . 
I 6 HOH 182 688 182 HOH WAT A . 
I 6 HOH 183 689 183 HOH WAT A . 
I 6 HOH 184 690 184 HOH WAT A . 
I 6 HOH 185 691 185 HOH WAT A . 
I 6 HOH 186 692 186 HOH WAT A . 
I 6 HOH 187 693 187 HOH WAT A . 
I 6 HOH 188 694 188 HOH WAT A . 
I 6 HOH 189 695 189 HOH WAT A . 
I 6 HOH 190 696 190 HOH WAT A . 
I 6 HOH 191 697 191 HOH WAT A . 
I 6 HOH 192 698 192 HOH WAT A . 
I 6 HOH 193 699 193 HOH WAT A . 
I 6 HOH 194 700 194 HOH WAT A . 
I 6 HOH 195 701 195 HOH WAT A . 
# 
loop_
_software.name 
_software.classification 
_software.version 
_software.citation_id 
_software.pdbx_ordinal 
SHARP     phasing          . ? 1 
X-PLOR    refinement       . ? 2 
DENZO     'data reduction' . ? 3 
SCALEPACK 'data scaling'   . ? 4 
# 
_cell.entry_id           1DF7 
_cell.length_a           60.510 
_cell.length_b           60.510 
_cell.length_c           58.830 
_cell.angle_alpha        90.00 
_cell.angle_beta         90.00 
_cell.angle_gamma        90.00 
_cell.Z_PDB              4 
_cell.pdbx_unique_axis   ? 
# 
_symmetry.entry_id                         1DF7 
_symmetry.space_group_name_H-M             'P 41' 
_symmetry.pdbx_full_space_group_name_H-M   ? 
_symmetry.cell_setting                     ? 
_symmetry.Int_Tables_number                76 
# 
_exptl.entry_id          1DF7 
_exptl.method            'X-RAY DIFFRACTION' 
_exptl.crystals_number   1 
# 
_exptl_crystal.id                    1 
_exptl_crystal.density_meas          ? 
_exptl_crystal.density_Matthews      3.05 
_exptl_crystal.density_percent_sol   59.64 
_exptl_crystal.description           ? 
# 
_exptl_crystal_grow.crystal_id      1 
_exptl_crystal_grow.method          'VAPOR DIFFUSION' 
_exptl_crystal_grow.temp            277 
_exptl_crystal_grow.temp_details    ? 
_exptl_crystal_grow.pH              4.5 
_exptl_crystal_grow.pdbx_details    
;AMMONIUM SULFATE, SODIUM ACETATE, GLYCEROL, NADPH, METHOTREXATE, POTASSIUM 
PHOSPHATE, DTT, POTASSIUM CHLORIDE, pH 4.5, VAPOR DIFFUSION, temperature 277K
;
_exptl_crystal_grow.pdbx_pH_range   . 
# 
_diffrn.id                     1 
_diffrn.ambient_temp           100 
_diffrn.ambient_temp_details   ? 
_diffrn.crystal_id             1 
# 
_diffrn_detector.diffrn_id              1 
_diffrn_detector.detector               CCD 
_diffrn_detector.type                   SBC-2 
_diffrn_detector.pdbx_collection_date   1998-09-17 
_diffrn_detector.details                ? 
# 
_diffrn_radiation.diffrn_id                        1 
_diffrn_radiation.wavelength_id                    1 
_diffrn_radiation.pdbx_monochromatic_or_laue_m_l   M 
_diffrn_radiation.monochromator                    ? 
_diffrn_radiation.pdbx_diffrn_protocol             'SINGLE WAVELENGTH' 
_diffrn_radiation.pdbx_scattering_type             x-ray 
# 
_diffrn_radiation_wavelength.id           1 
_diffrn_radiation_wavelength.wavelength   1.0188 
_diffrn_radiation_wavelength.wt           1.0 
# 
_diffrn_source.diffrn_id                   1 
_diffrn_source.source                      SYNCHROTRON 
_diffrn_source.type                        'APS BEAMLINE 19-ID' 
_diffrn_source.pdbx_synchrotron_site       APS 
_diffrn_source.pdbx_synchrotron_beamline   19-ID 
_diffrn_source.pdbx_wavelength             1.0188 
_diffrn_source.pdbx_wavelength_list        ? 
# 
_reflns.entry_id                     1DF7 
_reflns.observed_criterion_sigma_I   ? 
_reflns.observed_criterion_sigma_F   ? 
_reflns.d_resolution_low             50.0 
_reflns.d_resolution_high            1.7 
_reflns.number_obs                   109952 
_reflns.number_all                   23394 
_reflns.percent_possible_obs         99.7 
_reflns.pdbx_Rmerge_I_obs            0.0420000 
_reflns.pdbx_Rsym_value              ? 
_reflns.pdbx_netI_over_sigmaI        27 
_reflns.B_iso_Wilson_estimate        ? 
_reflns.pdbx_redundancy              4.7 
_reflns.R_free_details               ? 
_reflns.limit_h_max                  ? 
_reflns.limit_h_min                  ? 
_reflns.limit_k_max                  ? 
_reflns.limit_k_min                  ? 
_reflns.limit_l_max                  ? 
_reflns.limit_l_min                  ? 
_reflns.observed_criterion_F_max     ? 
_reflns.observed_criterion_F_min     ? 
_reflns.pdbx_ordinal                 1 
_reflns.pdbx_diffrn_id               1 
# 
_reflns_shell.d_res_high             1.70 
_reflns_shell.d_res_low              1.78 
_reflns_shell.percent_possible_all   99.7 
_reflns_shell.Rmerge_I_obs           0.2630000 
_reflns_shell.pdbx_Rsym_value        ? 
_reflns_shell.meanI_over_sigI_obs    ? 
_reflns_shell.pdbx_redundancy        4.7 
_reflns_shell.percent_possible_obs   ? 
_reflns_shell.number_unique_all      ? 
_reflns_shell.pdbx_ordinal           1 
_reflns_shell.pdbx_diffrn_id         1 
# 
_refine.entry_id                                 1DF7 
_refine.ls_number_reflns_obs                     23394 
_refine.ls_number_reflns_all                     23394 
_refine.pdbx_ls_sigma_I                          ? 
_refine.pdbx_ls_sigma_F                          1.0 
_refine.pdbx_data_cutoff_high_absF               ? 
_refine.pdbx_data_cutoff_low_absF                ? 
_refine.pdbx_data_cutoff_high_rms_absF           ? 
_refine.ls_d_res_low                             50.0 
_refine.ls_d_res_high                            1.7 
_refine.ls_percent_reflns_obs                    90.0 
_refine.ls_R_factor_obs                          0.1870000 
_refine.ls_R_factor_all                          ? 
_refine.ls_R_factor_R_work                       0.1870000 
_refine.ls_R_factor_R_free                       0.2460000 
_refine.ls_R_factor_R_free_error                 ? 
_refine.ls_R_factor_R_free_error_details         ? 
_refine.ls_percent_reflns_R_free                 ? 
_refine.ls_number_reflns_R_free                  2311 
_refine.ls_number_parameters                     ? 
_refine.ls_number_restraints                     ? 
_refine.occupancy_min                            ? 
_refine.occupancy_max                            ? 
_refine.B_iso_mean                               ? 
_refine.aniso_B[1][1]                            ? 
_refine.aniso_B[2][2]                            ? 
_refine.aniso_B[3][3]                            ? 
_refine.aniso_B[1][2]                            ? 
_refine.aniso_B[1][3]                            ? 
_refine.aniso_B[2][3]                            ? 
_refine.solvent_model_details                    ? 
_refine.solvent_model_param_ksol                 ? 
_refine.solvent_model_param_bsol                 ? 
_refine.pdbx_ls_cross_valid_method               ? 
_refine.details                                  ? 
_refine.pdbx_starting_model                      ? 
_refine.pdbx_method_to_determine_struct          ? 
_refine.pdbx_isotropic_thermal_model             ? 
_refine.pdbx_stereochemistry_target_values       'ENGH & HUBER' 
_refine.pdbx_stereochem_target_val_spec_case     ? 
_refine.pdbx_R_Free_selection_details            RANDOM 
_refine.pdbx_overall_ESU_R                       ? 
_refine.pdbx_overall_ESU_R_Free                  ? 
_refine.overall_SU_ML                            ? 
_refine.overall_SU_B                             ? 
_refine.ls_redundancy_reflns_obs                 ? 
_refine.B_iso_min                                ? 
_refine.B_iso_max                                ? 
_refine.pdbx_refine_id                           'X-RAY DIFFRACTION' 
_refine.pdbx_diffrn_id                           1 
_refine.pdbx_TLS_residual_ADP_flag               ? 
_refine.correlation_coeff_Fo_to_Fc               ? 
_refine.correlation_coeff_Fo_to_Fc_free          ? 
_refine.pdbx_solvent_vdw_probe_radii             ? 
_refine.pdbx_solvent_ion_probe_radii             ? 
_refine.pdbx_solvent_shrinkage_radii             ? 
_refine.pdbx_overall_phase_error                 ? 
_refine.overall_SU_R_Cruickshank_DPI             ? 
_refine.pdbx_overall_SU_R_free_Cruickshank_DPI   ? 
_refine.pdbx_overall_SU_R_Blow_DPI               ? 
_refine.pdbx_overall_SU_R_free_Blow_DPI          ? 
# 
_refine_hist.pdbx_refine_id                   'X-RAY DIFFRACTION' 
_refine_hist.cycle_id                         LAST 
_refine_hist.pdbx_number_atoms_protein        1244 
_refine_hist.pdbx_number_atoms_nucleic_acid   0 
_refine_hist.pdbx_number_atoms_ligand         110 
_refine_hist.number_atoms_solvent             195 
_refine_hist.number_atoms_total               1549 
_refine_hist.d_res_high                       1.7 
_refine_hist.d_res_low                        50.0 
# 
loop_
_refine_ls_restr.type 
_refine_ls_restr.dev_ideal 
_refine_ls_restr.dev_ideal_target 
_refine_ls_restr.weight 
_refine_ls_restr.number 
_refine_ls_restr.pdbx_refine_id 
_refine_ls_restr.pdbx_restraint_function 
x_bond_d                0.017 ? ? ? 'X-RAY DIFFRACTION' ? 
x_bond_d_na             ?     ? ? ? 'X-RAY DIFFRACTION' ? 
x_bond_d_prot           ?     ? ? ? 'X-RAY DIFFRACTION' ? 
x_angle_d               ?     ? ? ? 'X-RAY DIFFRACTION' ? 
x_angle_d_na            ?     ? ? ? 'X-RAY DIFFRACTION' ? 
x_angle_d_prot          ?     ? ? ? 'X-RAY DIFFRACTION' ? 
x_angle_deg             1.69  ? ? ? 'X-RAY DIFFRACTION' ? 
x_angle_deg_na          ?     ? ? ? 'X-RAY DIFFRACTION' ? 
x_angle_deg_prot        ?     ? ? ? 'X-RAY DIFFRACTION' ? 
x_dihedral_angle_d      ?     ? ? ? 'X-RAY DIFFRACTION' ? 
x_dihedral_angle_d_na   ?     ? ? ? 'X-RAY DIFFRACTION' ? 
x_dihedral_angle_d_prot ?     ? ? ? 'X-RAY DIFFRACTION' ? 
x_improper_angle_d      ?     ? ? ? 'X-RAY DIFFRACTION' ? 
x_improper_angle_d_na   ?     ? ? ? 'X-RAY DIFFRACTION' ? 
x_improper_angle_d_prot ?     ? ? ? 'X-RAY DIFFRACTION' ? 
x_mcbond_it             ?     ? ? ? 'X-RAY DIFFRACTION' ? 
x_mcangle_it            ?     ? ? ? 'X-RAY DIFFRACTION' ? 
x_scbond_it             ?     ? ? ? 'X-RAY DIFFRACTION' ? 
x_scangle_it            ?     ? ? ? 'X-RAY DIFFRACTION' ? 
# 
_struct.entry_id                  1DF7 
_struct.title                     'DIHYDROFOLATE REDUCTASE OF MYCOBACTERIUM TUBERCULOSIS COMPLEXED WITH NADPH AND METHOTREXATE' 
_struct.pdbx_model_details        ? 
_struct.pdbx_CASP_flag            ? 
_struct.pdbx_model_type_details   ? 
# 
_struct_keywords.entry_id        1DF7 
_struct_keywords.pdbx_keywords   OXIDOREDUCTASE 
_struct_keywords.text            
;DIHYDROFOLATE REDUCTASE, STRUCTURE-BASED INHIBITOR DESIGN, FOLATEANALOGS, ROSSMANN FOLD, NICOTINAMIDE ADENINE DINUCLEOTIDE, METHOTREXATE, TUBERCULOSIS, OXIDOREDUCTASE
;
# 
loop_
_struct_asym.id 
_struct_asym.pdbx_blank_PDB_chainid_flag 
_struct_asym.pdbx_modified 
_struct_asym.entity_id 
_struct_asym.details 
A N N 1 ? 
B N N 2 ? 
C N N 3 ? 
D N N 4 ? 
E N N 5 ? 
F N N 5 ? 
G N N 5 ? 
H N N 5 ? 
I N N 6 ? 
# 
_struct_ref.id                         1 
_struct_ref.db_name                    UNP 
_struct_ref.db_code                    DYR_MYCTU 
_struct_ref.entity_id                  1 
_struct_ref.pdbx_db_accession          P0A546 
_struct_ref.pdbx_align_begin           ? 
_struct_ref.pdbx_seq_one_letter_code   ? 
_struct_ref.pdbx_db_isoform            ? 
# 
_struct_ref_seq.align_id                      1 
_struct_ref_seq.ref_id                        1 
_struct_ref_seq.pdbx_PDB_id_code              1DF7 
_struct_ref_seq.pdbx_strand_id                A 
_struct_ref_seq.seq_align_beg                 1 
_struct_ref_seq.pdbx_seq_align_beg_ins_code   ? 
_struct_ref_seq.seq_align_end                 159 
_struct_ref_seq.pdbx_seq_align_end_ins_code   ? 
_struct_ref_seq.pdbx_db_accession             P0A546 
_struct_ref_seq.db_align_beg                  1 
_struct_ref_seq.pdbx_db_align_beg_ins_code    ? 
_struct_ref_seq.db_align_end                  159 
_struct_ref_seq.pdbx_db_align_end_ins_code    ? 
_struct_ref_seq.pdbx_auth_seq_align_beg       1 
_struct_ref_seq.pdbx_auth_seq_align_end       159 
# 
_pdbx_struct_assembly.id                   1 
_pdbx_struct_assembly.details              author_defined_assembly 
_pdbx_struct_assembly.method_details       ? 
_pdbx_struct_assembly.oligomeric_details   monomeric 
_pdbx_struct_assembly.oligomeric_count     1 
# 
_pdbx_struct_assembly_gen.assembly_id       1 
_pdbx_struct_assembly_gen.oper_expression   1 
_pdbx_struct_assembly_gen.asym_id_list      A,B,C,D,E,F,G,H,I 
# 
_pdbx_struct_oper_list.id                   1 
_pdbx_struct_oper_list.type                 'identity operation' 
_pdbx_struct_oper_list.name                 1_555 
_pdbx_struct_oper_list.symmetry_operation   x,y,z 
_pdbx_struct_oper_list.matrix[1][1]         1.0000000000 
_pdbx_struct_oper_list.matrix[1][2]         0.0000000000 
_pdbx_struct_oper_list.matrix[1][3]         0.0000000000 
_pdbx_struct_oper_list.vector[1]            0.0000000000 
_pdbx_struct_oper_list.matrix[2][1]         0.0000000000 
_pdbx_struct_oper_list.matrix[2][2]         1.0000000000 
_pdbx_struct_oper_list.matrix[2][3]         0.0000000000 
_pdbx_struct_oper_list.vector[2]            0.0000000000 
_pdbx_struct_oper_list.matrix[3][1]         0.0000000000 
_pdbx_struct_oper_list.matrix[3][2]         0.0000000000 
_pdbx_struct_oper_list.matrix[3][3]         1.0000000000 
_pdbx_struct_oper_list.vector[3]            0.0000000000 
# 
_struct_biol.id   1 
# 
loop_
_struct_conf.conf_type_id 
_struct_conf.id 
_struct_conf.pdbx_PDB_helix_id 
_struct_conf.beg_label_comp_id 
_struct_conf.beg_label_asym_id 
_struct_conf.beg_label_seq_id 
_struct_conf.pdbx_beg_PDB_ins_code 
_struct_conf.end_label_comp_id 
_struct_conf.end_label_asym_id 
_struct_conf.end_label_seq_id 
_struct_conf.pdbx_end_PDB_ins_code 
_struct_conf.beg_auth_comp_id 
_struct_conf.beg_auth_asym_id 
_struct_conf.beg_auth_seq_id 
_struct_conf.end_auth_comp_id 
_struct_conf.end_auth_asym_id 
_struct_conf.end_auth_seq_id 
_struct_conf.pdbx_PDB_helix_class 
_struct_conf.details 
_struct_conf.pdbx_PDB_helix_length 
HELX_P HELX_P1 1 LEU A 24  ? MET A 36  ? LEU A 24  MET A 36  1 ? 13 
HELX_P HELX_P2 2 ARG A 44  ? LEU A 50  ? ARG A 44  LEU A 50  1 ? 7  
HELX_P HELX_P3 3 PRO A 51  ? ARG A 55  ? PRO A 51  ARG A 55  5 ? 5  
HELX_P HELX_P4 4 SER A 81  ? LEU A 86  ? SER A 81  LEU A 86  1 ? 6  
HELX_P HELX_P5 5 GLY A 96  ? LEU A 104 ? GLY A 96  LEU A 104 1 ? 9  
HELX_P HELX_P6 6 PRO A 105 ? ALA A 107 ? PRO A 105 ALA A 107 5 ? 3  
# 
_struct_conf_type.id          HELX_P 
_struct_conf_type.criteria    ? 
_struct_conf_type.reference   ? 
# 
loop_
_struct_mon_prot_cis.pdbx_id 
_struct_mon_prot_cis.label_comp_id 
_struct_mon_prot_cis.label_seq_id 
_struct_mon_prot_cis.label_asym_id 
_struct_mon_prot_cis.label_alt_id 
_struct_mon_prot_cis.pdbx_PDB_ins_code 
_struct_mon_prot_cis.auth_comp_id 
_struct_mon_prot_cis.auth_seq_id 
_struct_mon_prot_cis.auth_asym_id 
_struct_mon_prot_cis.pdbx_label_comp_id_2 
_struct_mon_prot_cis.pdbx_label_seq_id_2 
_struct_mon_prot_cis.pdbx_label_asym_id_2 
_struct_mon_prot_cis.pdbx_PDB_ins_code_2 
_struct_mon_prot_cis.pdbx_auth_comp_id_2 
_struct_mon_prot_cis.pdbx_auth_seq_id_2 
_struct_mon_prot_cis.pdbx_auth_asym_id_2 
_struct_mon_prot_cis.pdbx_PDB_model_num 
_struct_mon_prot_cis.pdbx_omega_angle 
1 ARG 55 A . ? ARG 55 A PRO 56 A ? PRO 56 A 1 0.13  
2 GLY 95 A . ? GLY 95 A GLY 96 A ? GLY 96 A 1 -6.88 
# 
loop_
_struct_sheet.id 
_struct_sheet.type 
_struct_sheet.number_strands 
_struct_sheet.details 
A  ? 8 ? 
A1 ? 8 ? 
B  ? 2 ? 
# 
loop_
_struct_sheet_order.sheet_id 
_struct_sheet_order.range_id_1 
_struct_sheet_order.range_id_2 
_struct_sheet_order.offset 
_struct_sheet_order.sense 
A  1 2 ? parallel      
A  2 3 ? parallel      
A  3 4 ? parallel      
A  4 5 ? parallel      
A  5 6 ? parallel      
A  6 7 ? anti-parallel 
A  7 8 ? anti-parallel 
A1 1 2 ? parallel      
A1 2 3 ? parallel      
A1 3 4 ? parallel      
A1 4 5 ? parallel      
A1 5 6 ? parallel      
A1 6 7 ? anti-parallel 
A1 7 8 ? anti-parallel 
B  1 2 ? anti-parallel 
# 
loop_
_struct_sheet_range.sheet_id 
_struct_sheet_range.id 
_struct_sheet_range.beg_label_comp_id 
_struct_sheet_range.beg_label_asym_id 
_struct_sheet_range.beg_label_seq_id 
_struct_sheet_range.pdbx_beg_PDB_ins_code 
_struct_sheet_range.end_label_comp_id 
_struct_sheet_range.end_label_asym_id 
_struct_sheet_range.end_label_seq_id 
_struct_sheet_range.pdbx_end_PDB_ins_code 
_struct_sheet_range.beg_auth_comp_id 
_struct_sheet_range.beg_auth_asym_id 
_struct_sheet_range.beg_auth_seq_id 
_struct_sheet_range.end_auth_comp_id 
_struct_sheet_range.end_auth_asym_id 
_struct_sheet_range.end_auth_seq_id 
A  1 GLU A 77  ? VAL A 79  ? GLU A 77  VAL A 79  
A  2 ARG A 61  ? LEU A 65  ? ARG A 61  LEU A 65  
A  3 THR A 39  ? GLY A 43  ? THR A 39  GLY A 43  
A  4 THR A 91  ? VAL A 93  ? THR A 91  VAL A 93  
A  5 VAL A 2   ? ALA A 9   ? VAL A 2   ALA A 9   
A  6 ARG A 109 ? VAL A 115 ? ARG A 109 VAL A 115 
A  7 ARG A 150 ? HIS A 157 ? ARG A 150 HIS A 157 
A  8 ARG A 136 ? THR A 139 ? ARG A 136 THR A 139 
A1 1 GLU A 77  ? VAL A 79  ? GLU A 77  VAL A 79  
A1 2 ARG A 61  ? LEU A 65  ? ARG A 61  LEU A 65  
A1 3 THR A 39  ? GLY A 43  ? THR A 39  GLY A 43  
A1 4 THR A 91  ? VAL A 93  ? THR A 91  VAL A 93  
A1 5 VAL A 2   ? ALA A 9   ? VAL A 2   ALA A 9   
A1 6 ARG A 109 ? VAL A 115 ? ARG A 109 VAL A 115 
A1 7 ARG A 150 ? HIS A 157 ? ARG A 150 HIS A 157 
A1 8 ARG A 143 ? PHE A 144 ? ARG A 143 PHE A 144 
B  1 VAL A 13  ? GLY A 15  ? VAL A 13  GLY A 15  
B  2 ALA A 126 ? LEU A 127 ? ALA A 126 LEU A 127 
# 
loop_
_pdbx_struct_sheet_hbond.sheet_id 
_pdbx_struct_sheet_hbond.range_id_1 
_pdbx_struct_sheet_hbond.range_id_2 
_pdbx_struct_sheet_hbond.range_1_label_atom_id 
_pdbx_struct_sheet_hbond.range_1_label_comp_id 
_pdbx_struct_sheet_hbond.range_1_label_asym_id 
_pdbx_struct_sheet_hbond.range_1_label_seq_id 
_pdbx_struct_sheet_hbond.range_1_PDB_ins_code 
_pdbx_struct_sheet_hbond.range_1_auth_atom_id 
_pdbx_struct_sheet_hbond.range_1_auth_comp_id 
_pdbx_struct_sheet_hbond.range_1_auth_asym_id 
_pdbx_struct_sheet_hbond.range_1_auth_seq_id 
_pdbx_struct_sheet_hbond.range_2_label_atom_id 
_pdbx_struct_sheet_hbond.range_2_label_comp_id 
_pdbx_struct_sheet_hbond.range_2_label_asym_id 
_pdbx_struct_sheet_hbond.range_2_label_seq_id 
_pdbx_struct_sheet_hbond.range_2_PDB_ins_code 
_pdbx_struct_sheet_hbond.range_2_auth_atom_id 
_pdbx_struct_sheet_hbond.range_2_auth_comp_id 
_pdbx_struct_sheet_hbond.range_2_auth_asym_id 
_pdbx_struct_sheet_hbond.range_2_auth_seq_id 
A  1 2 N GLU A 77  ? N GLU A 77  O ASN A 62  ? O ASN A 62  
A  2 3 O ARG A 61  ? O ARG A 61  N ILE A 40  ? N ILE A 40  
A  3 4 N VAL A 41  ? N VAL A 41  O TRP A 92  ? O TRP A 92  
A  4 5 O THR A 91  ? O THR A 91  N GLY A 3   ? N GLY A 3   
A  5 6 N LEU A 4   ? N LEU A 4   O ARG A 109 ? O ARG A 109 
A  6 7 N GLU A 114 ? N GLU A 114 O ARG A 152 ? O ARG A 152 
A  7 8 O HIS A 157 ? O HIS A 157 N ARG A 136 ? N ARG A 136 
A1 1 2 N GLU A 77  ? N GLU A 77  O ASN A 62  ? O ASN A 62  
A1 2 3 O ARG A 61  ? O ARG A 61  N ILE A 40  ? N ILE A 40  
A1 3 4 N VAL A 41  ? N VAL A 41  O TRP A 92  ? O TRP A 92  
A1 4 5 O THR A 91  ? O THR A 91  N GLY A 3   ? N GLY A 3   
A1 5 6 N LEU A 4   ? N LEU A 4   O ARG A 109 ? O ARG A 109 
A1 6 7 N GLU A 114 ? N GLU A 114 O ARG A 152 ? O ARG A 152 
A1 7 8 O TYR A 151 ? O TYR A 151 N ARG A 143 ? N ARG A 143 
B  1 2 N ILE A 14  ? N ILE A 14  O ALA A 126 ? O ALA A 126 
# 
loop_
_struct_site.id 
_struct_site.pdbx_evidence_code 
_struct_site.pdbx_auth_asym_id 
_struct_site.pdbx_auth_comp_id 
_struct_site.pdbx_auth_seq_id 
_struct_site.pdbx_auth_ins_code 
_struct_site.pdbx_num_residues 
_struct_site.details 
AC1 Software A SO4 506 ? 2  'BINDING SITE FOR RESIDUE SO4 A 506' 
AC2 Software A NDP 500 ? 34 'BINDING SITE FOR RESIDUE NDP A 500' 
AC3 Software A MTX 501 ? 19 'BINDING SITE FOR RESIDUE MTX A 501' 
AC4 Software A GOL 502 ? 6  'BINDING SITE FOR RESIDUE GOL A 502' 
AC5 Software A GOL 503 ? 10 'BINDING SITE FOR RESIDUE GOL A 503' 
AC6 Software A GOL 504 ? 7  'BINDING SITE FOR RESIDUE GOL A 504' 
AC7 Software A GOL 505 ? 5  'BINDING SITE FOR RESIDUE GOL A 505' 
# 
loop_
_struct_site_gen.id 
_struct_site_gen.site_id 
_struct_site_gen.pdbx_num_res 
_struct_site_gen.label_comp_id 
_struct_site_gen.label_asym_id 
_struct_site_gen.label_seq_id 
_struct_site_gen.pdbx_auth_ins_code 
_struct_site_gen.auth_comp_id 
_struct_site_gen.auth_asym_id 
_struct_site_gen.auth_seq_id 
_struct_site_gen.label_atom_id 
_struct_site_gen.label_alt_id 
_struct_site_gen.symmetry 
_struct_site_gen.details 
1  AC1 2  ARG A 44  ? ARG A 44  . ? 1_555 ? 
2  AC1 2  ARG A 45  ? ARG A 45  . ? 1_555 ? 
3  AC2 34 TRP A 6   ? TRP A 6   . ? 1_555 ? 
4  AC2 34 ALA A 7   ? ALA A 7   . ? 1_555 ? 
5  AC2 34 ILE A 14  ? ILE A 14  . ? 1_555 ? 
6  AC2 34 GLY A 15  ? GLY A 15  . ? 1_555 ? 
7  AC2 34 GLY A 18  ? GLY A 18  . ? 1_555 ? 
8  AC2 34 ASP A 19  ? ASP A 19  . ? 1_555 ? 
9  AC2 34 ILE A 20  ? ILE A 20  . ? 1_555 ? 
10 AC2 34 GLY A 43  ? GLY A 43  . ? 1_555 ? 
11 AC2 34 ARG A 44  ? ARG A 44  . ? 1_555 ? 
12 AC2 34 ARG A 45  ? ARG A 45  . ? 1_555 ? 
13 AC2 34 THR A 46  ? THR A 46  . ? 1_555 ? 
14 AC2 34 LEU A 65  ? LEU A 65  . ? 1_555 ? 
15 AC2 34 SER A 66  ? SER A 66  . ? 1_555 ? 
16 AC2 34 ARG A 67  ? ARG A 67  . ? 1_555 ? 
17 AC2 34 GLN A 68  ? GLN A 68  . ? 1_555 ? 
18 AC2 34 GLY A 80  ? GLY A 80  . ? 1_555 ? 
19 AC2 34 ILE A 94  ? ILE A 94  . ? 1_555 ? 
20 AC2 34 GLY A 96  ? GLY A 96  . ? 1_555 ? 
21 AC2 34 GLY A 97  ? GLY A 97  . ? 1_555 ? 
22 AC2 34 GLN A 98  ? GLN A 98  . ? 1_555 ? 
23 AC2 34 VAL A 99  ? VAL A 99  . ? 1_555 ? 
24 AC2 34 TYR A 100 ? TYR A 100 . ? 1_555 ? 
25 AC2 34 LEU A 102 ? LEU A 102 . ? 1_555 ? 
26 AC2 34 ALA A 126 ? ALA A 126 . ? 1_555 ? 
27 AC2 34 MTX D .   ? MTX A 501 . ? 1_555 ? 
28 AC2 34 GOL F .   ? GOL A 503 . ? 1_555 ? 
29 AC2 34 HOH I .   ? HOH A 514 . ? 1_555 ? 
30 AC2 34 HOH I .   ? HOH A 519 . ? 1_555 ? 
31 AC2 34 HOH I .   ? HOH A 543 . ? 1_555 ? 
32 AC2 34 HOH I .   ? HOH A 556 . ? 1_555 ? 
33 AC2 34 HOH I .   ? HOH A 571 . ? 1_555 ? 
34 AC2 34 HOH I .   ? HOH A 577 . ? 1_555 ? 
35 AC2 34 HOH I .   ? HOH A 629 . ? 1_555 ? 
36 AC2 34 HOH I .   ? HOH A 648 . ? 1_555 ? 
37 AC3 19 ILE A 5   ? ILE A 5   . ? 1_555 ? 
38 AC3 19 TRP A 6   ? TRP A 6   . ? 1_555 ? 
39 AC3 19 ILE A 20  ? ILE A 20  . ? 1_555 ? 
40 AC3 19 PRO A 25  ? PRO A 25  . ? 1_555 ? 
41 AC3 19 ASP A 27  ? ASP A 27  . ? 1_555 ? 
42 AC3 19 GLN A 28  ? GLN A 28  . ? 1_555 ? 
43 AC3 19 ALA A 29  ? ALA A 29  . ? 1_555 ? 
44 AC3 19 PHE A 31  ? PHE A 31  . ? 1_555 ? 
45 AC3 19 ARG A 32  ? ARG A 32  . ? 1_555 ? 
46 AC3 19 PRO A 51  ? PRO A 51  . ? 1_555 ? 
47 AC3 19 ARG A 60  ? ARG A 60  . ? 1_555 ? 
48 AC3 19 ILE A 94  ? ILE A 94  . ? 1_555 ? 
49 AC3 19 TYR A 100 ? TYR A 100 . ? 1_555 ? 
50 AC3 19 NDP C .   ? NDP A 500 . ? 1_555 ? 
51 AC3 19 GOL E .   ? GOL A 502 . ? 1_555 ? 
52 AC3 19 HOH I .   ? HOH A 508 . ? 1_555 ? 
53 AC3 19 HOH I .   ? HOH A 542 . ? 1_555 ? 
54 AC3 19 HOH I .   ? HOH A 559 . ? 1_555 ? 
55 AC3 19 HOH I .   ? HOH A 682 . ? 1_555 ? 
56 AC4 6  TRP A 22  ? TRP A 22  . ? 1_555 ? 
57 AC4 6  LEU A 24  ? LEU A 24  . ? 1_555 ? 
58 AC4 6  ASP A 27  ? ASP A 27  . ? 1_555 ? 
59 AC4 6  GLN A 28  ? GLN A 28  . ? 1_555 ? 
60 AC4 6  MTX D .   ? MTX A 501 . ? 1_555 ? 
61 AC4 6  HOH I .   ? HOH A 609 . ? 1_555 ? 
62 AC5 10 ARG A 45  ? ARG A 45  . ? 1_555 ? 
63 AC5 10 GLN A 98  ? GLN A 98  . ? 1_555 ? 
64 AC5 10 GLY A 124 ? GLY A 124 . ? 1_555 ? 
65 AC5 10 GLY A 148 ? GLY A 148 . ? 3_655 ? 
66 AC5 10 LEU A 149 ? LEU A 149 . ? 3_655 ? 
67 AC5 10 NDP C .   ? NDP A 500 . ? 1_555 ? 
68 AC5 10 HOH I .   ? HOH A 509 . ? 1_555 ? 
69 AC5 10 HOH I .   ? HOH A 517 . ? 3_655 ? 
70 AC5 10 HOH I .   ? HOH A 574 . ? 1_555 ? 
71 AC5 10 HOH I .   ? HOH A 628 . ? 3_655 ? 
72 AC6 7  HIS A 30  ? HIS A 30  . ? 1_555 ? 
73 AC6 7  GLU A 33  ? GLU A 33  . ? 1_555 ? 
74 AC6 7  ALA A 52  ? ALA A 52  . ? 2_564 ? 
75 AC6 7  ARG A 143 ? ARG A 143 . ? 1_555 ? 
76 AC6 7  LEU A 153 ? LEU A 153 . ? 1_555 ? 
77 AC6 7  HOH I .   ? HOH A 552 . ? 2_564 ? 
78 AC6 7  HOH I .   ? HOH A 677 . ? 1_555 ? 
79 AC7 5  GLN A 8   ? GLN A 8   . ? 1_555 ? 
80 AC7 5  THR A 10  ? THR A 10  . ? 1_555 ? 
81 AC7 5  GLU A 114 ? GLU A 114 . ? 1_555 ? 
82 AC7 5  TYR A 154 ? TYR A 154 . ? 1_555 ? 
83 AC7 5  TYR A 156 ? TYR A 156 . ? 1_555 ? 
# 
loop_
_pdbx_validate_rmsd_bond.id 
_pdbx_validate_rmsd_bond.PDB_model_num 
_pdbx_validate_rmsd_bond.auth_atom_id_1 
_pdbx_validate_rmsd_bond.auth_asym_id_1 
_pdbx_validate_rmsd_bond.auth_comp_id_1 
_pdbx_validate_rmsd_bond.auth_seq_id_1 
_pdbx_validate_rmsd_bond.PDB_ins_code_1 
_pdbx_validate_rmsd_bond.label_alt_id_1 
_pdbx_validate_rmsd_bond.auth_atom_id_2 
_pdbx_validate_rmsd_bond.auth_asym_id_2 
_pdbx_validate_rmsd_bond.auth_comp_id_2 
_pdbx_validate_rmsd_bond.auth_seq_id_2 
_pdbx_validate_rmsd_bond.PDB_ins_code_2 
_pdbx_validate_rmsd_bond.label_alt_id_2 
_pdbx_validate_rmsd_bond.bond_value 
_pdbx_validate_rmsd_bond.bond_target_value 
_pdbx_validate_rmsd_bond.bond_deviation 
_pdbx_validate_rmsd_bond.bond_standard_deviation 
_pdbx_validate_rmsd_bond.linker_flag 
1 1 N  A GLY 95 ? ? CA A GLY 95 ? ? 1.326 1.456 -0.130 0.015 N 
2 1 CA A GLY 95 ? ? C  A GLY 95 ? ? 1.623 1.514 0.109  0.016 N 
# 
loop_
_pdbx_validate_torsion.id 
_pdbx_validate_torsion.PDB_model_num 
_pdbx_validate_torsion.auth_comp_id 
_pdbx_validate_torsion.auth_asym_id 
_pdbx_validate_torsion.auth_seq_id 
_pdbx_validate_torsion.PDB_ins_code 
_pdbx_validate_torsion.label_alt_id 
_pdbx_validate_torsion.phi 
_pdbx_validate_torsion.psi 
1 1 PRO A 21 ? ? -73.31  39.90  
2 1 LEU A 24 ? ? -153.64 79.97  
3 1 ALA A 69 ? ? -34.37  -76.11 
4 1 ASP A 70 ? ? -116.78 66.69  
5 1 LEU A 86 ? ? -90.99  31.96  
# 
loop_
_pdbx_validate_planes.id 
_pdbx_validate_planes.PDB_model_num 
_pdbx_validate_planes.auth_comp_id 
_pdbx_validate_planes.auth_asym_id 
_pdbx_validate_planes.auth_seq_id 
_pdbx_validate_planes.PDB_ins_code 
_pdbx_validate_planes.label_alt_id 
_pdbx_validate_planes.rmsd 
_pdbx_validate_planes.type 
1 1 TYR A 154 ? ? 0.073 'SIDE CHAIN' 
2 1 TYR A 156 ? ? 0.088 'SIDE CHAIN' 
# 
loop_
_chem_comp_atom.comp_id 
_chem_comp_atom.atom_id 
_chem_comp_atom.type_symbol 
_chem_comp_atom.pdbx_aromatic_flag 
_chem_comp_atom.pdbx_stereo_config 
_chem_comp_atom.pdbx_ordinal 
ALA N    N N N 1   
ALA CA   C N S 2   
ALA C    C N N 3   
ALA O    O N N 4   
ALA CB   C N N 5   
ALA OXT  O N N 6   
ALA H    H N N 7   
ALA H2   H N N 8   
ALA HA   H N N 9   
ALA HB1  H N N 10  
ALA HB2  H N N 11  
ALA HB3  H N N 12  
ALA HXT  H N N 13  
ARG N    N N N 14  
ARG CA   C N S 15  
ARG C    C N N 16  
ARG O    O N N 17  
ARG CB   C N N 18  
ARG CG   C N N 19  
ARG CD   C N N 20  
ARG NE   N N N 21  
ARG CZ   C N N 22  
ARG NH1  N N N 23  
ARG NH2  N N N 24  
ARG OXT  O N N 25  
ARG H    H N N 26  
ARG H2   H N N 27  
ARG HA   H N N 28  
ARG HB2  H N N 29  
ARG HB3  H N N 30  
ARG HG2  H N N 31  
ARG HG3  H N N 32  
ARG HD2  H N N 33  
ARG HD3  H N N 34  
ARG HE   H N N 35  
ARG HH11 H N N 36  
ARG HH12 H N N 37  
ARG HH21 H N N 38  
ARG HH22 H N N 39  
ARG HXT  H N N 40  
ASN N    N N N 41  
ASN CA   C N S 42  
ASN C    C N N 43  
ASN O    O N N 44  
ASN CB   C N N 45  
ASN CG   C N N 46  
ASN OD1  O N N 47  
ASN ND2  N N N 48  
ASN OXT  O N N 49  
ASN H    H N N 50  
ASN H2   H N N 51  
ASN HA   H N N 52  
ASN HB2  H N N 53  
ASN HB3  H N N 54  
ASN HD21 H N N 55  
ASN HD22 H N N 56  
ASN HXT  H N N 57  
ASP N    N N N 58  
ASP CA   C N S 59  
ASP C    C N N 60  
ASP O    O N N 61  
ASP CB   C N N 62  
ASP CG   C N N 63  
ASP OD1  O N N 64  
ASP OD2  O N N 65  
ASP OXT  O N N 66  
ASP H    H N N 67  
ASP H2   H N N 68  
ASP HA   H N N 69  
ASP HB2  H N N 70  
ASP HB3  H N N 71  
ASP HD2  H N N 72  
ASP HXT  H N N 73  
CYS N    N N N 74  
CYS CA   C N R 75  
CYS C    C N N 76  
CYS O    O N N 77  
CYS CB   C N N 78  
CYS SG   S N N 79  
CYS OXT  O N N 80  
CYS H    H N N 81  
CYS H2   H N N 82  
CYS HA   H N N 83  
CYS HB2  H N N 84  
CYS HB3  H N N 85  
CYS HG   H N N 86  
CYS HXT  H N N 87  
GLN N    N N N 88  
GLN CA   C N S 89  
GLN C    C N N 90  
GLN O    O N N 91  
GLN CB   C N N 92  
GLN CG   C N N 93  
GLN CD   C N N 94  
GLN OE1  O N N 95  
GLN NE2  N N N 96  
GLN OXT  O N N 97  
GLN H    H N N 98  
GLN H2   H N N 99  
GLN HA   H N N 100 
GLN HB2  H N N 101 
GLN HB3  H N N 102 
GLN HG2  H N N 103 
GLN HG3  H N N 104 
GLN HE21 H N N 105 
GLN HE22 H N N 106 
GLN HXT  H N N 107 
GLU N    N N N 108 
GLU CA   C N S 109 
GLU C    C N N 110 
GLU O    O N N 111 
GLU CB   C N N 112 
GLU CG   C N N 113 
GLU CD   C N N 114 
GLU OE1  O N N 115 
GLU OE2  O N N 116 
GLU OXT  O N N 117 
GLU H    H N N 118 
GLU H2   H N N 119 
GLU HA   H N N 120 
GLU HB2  H N N 121 
GLU HB3  H N N 122 
GLU HG2  H N N 123 
GLU HG3  H N N 124 
GLU HE2  H N N 125 
GLU HXT  H N N 126 
GLY N    N N N 127 
GLY CA   C N N 128 
GLY C    C N N 129 
GLY O    O N N 130 
GLY OXT  O N N 131 
GLY H    H N N 132 
GLY H2   H N N 133 
GLY HA2  H N N 134 
GLY HA3  H N N 135 
GLY HXT  H N N 136 
GOL C1   C N N 137 
GOL O1   O N N 138 
GOL C2   C N N 139 
GOL O2   O N N 140 
GOL C3   C N N 141 
GOL O3   O N N 142 
GOL H11  H N N 143 
GOL H12  H N N 144 
GOL HO1  H N N 145 
GOL H2   H N N 146 
GOL HO2  H N N 147 
GOL H31  H N N 148 
GOL H32  H N N 149 
GOL HO3  H N N 150 
HIS N    N N N 151 
HIS CA   C N S 152 
HIS C    C N N 153 
HIS O    O N N 154 
HIS CB   C N N 155 
HIS CG   C Y N 156 
HIS ND1  N Y N 157 
HIS CD2  C Y N 158 
HIS CE1  C Y N 159 
HIS NE2  N Y N 160 
HIS OXT  O N N 161 
HIS H    H N N 162 
HIS H2   H N N 163 
HIS HA   H N N 164 
HIS HB2  H N N 165 
HIS HB3  H N N 166 
HIS HD1  H N N 167 
HIS HD2  H N N 168 
HIS HE1  H N N 169 
HIS HE2  H N N 170 
HIS HXT  H N N 171 
HOH O    O N N 172 
HOH H1   H N N 173 
HOH H2   H N N 174 
ILE N    N N N 175 
ILE CA   C N S 176 
ILE C    C N N 177 
ILE O    O N N 178 
ILE CB   C N S 179 
ILE CG1  C N N 180 
ILE CG2  C N N 181 
ILE CD1  C N N 182 
ILE OXT  O N N 183 
ILE H    H N N 184 
ILE H2   H N N 185 
ILE HA   H N N 186 
ILE HB   H N N 187 
ILE HG12 H N N 188 
ILE HG13 H N N 189 
ILE HG21 H N N 190 
ILE HG22 H N N 191 
ILE HG23 H N N 192 
ILE HD11 H N N 193 
ILE HD12 H N N 194 
ILE HD13 H N N 195 
ILE HXT  H N N 196 
LEU N    N N N 197 
LEU CA   C N S 198 
LEU C    C N N 199 
LEU O    O N N 200 
LEU CB   C N N 201 
LEU CG   C N N 202 
LEU CD1  C N N 203 
LEU CD2  C N N 204 
LEU OXT  O N N 205 
LEU H    H N N 206 
LEU H2   H N N 207 
LEU HA   H N N 208 
LEU HB2  H N N 209 
LEU HB3  H N N 210 
LEU HG   H N N 211 
LEU HD11 H N N 212 
LEU HD12 H N N 213 
LEU HD13 H N N 214 
LEU HD21 H N N 215 
LEU HD22 H N N 216 
LEU HD23 H N N 217 
LEU HXT  H N N 218 
LYS N    N N N 219 
LYS CA   C N S 220 
LYS C    C N N 221 
LYS O    O N N 222 
LYS CB   C N N 223 
LYS CG   C N N 224 
LYS CD   C N N 225 
LYS CE   C N N 226 
LYS NZ   N N N 227 
LYS OXT  O N N 228 
LYS H    H N N 229 
LYS H2   H N N 230 
LYS HA   H N N 231 
LYS HB2  H N N 232 
LYS HB3  H N N 233 
LYS HG2  H N N 234 
LYS HG3  H N N 235 
LYS HD2  H N N 236 
LYS HD3  H N N 237 
LYS HE2  H N N 238 
LYS HE3  H N N 239 
LYS HZ1  H N N 240 
LYS HZ2  H N N 241 
LYS HZ3  H N N 242 
LYS HXT  H N N 243 
MET N    N N N 244 
MET CA   C N S 245 
MET C    C N N 246 
MET O    O N N 247 
MET CB   C N N 248 
MET CG   C N N 249 
MET SD   S N N 250 
MET CE   C N N 251 
MET OXT  O N N 252 
MET H    H N N 253 
MET H2   H N N 254 
MET HA   H N N 255 
MET HB2  H N N 256 
MET HB3  H N N 257 
MET HG2  H N N 258 
MET HG3  H N N 259 
MET HE1  H N N 260 
MET HE2  H N N 261 
MET HE3  H N N 262 
MET HXT  H N N 263 
MTX N1   N Y N 264 
MTX C2   C Y N 265 
MTX NA2  N N N 266 
MTX N3   N Y N 267 
MTX C4   C Y N 268 
MTX NA4  N N N 269 
MTX C4A  C Y N 270 
MTX N5   N Y N 271 
MTX C6   C Y N 272 
MTX C7   C Y N 273 
MTX N8   N Y N 274 
MTX C8A  C Y N 275 
MTX C9   C N N 276 
MTX N10  N N N 277 
MTX CM   C N N 278 
MTX C11  C Y N 279 
MTX C12  C Y N 280 
MTX C13  C Y N 281 
MTX C14  C Y N 282 
MTX C15  C Y N 283 
MTX C16  C Y N 284 
MTX C    C N N 285 
MTX O    O N N 286 
MTX N    N N N 287 
MTX CA   C N S 288 
MTX CT   C N N 289 
MTX O1   O N N 290 
MTX O2   O N N 291 
MTX CB   C N N 292 
MTX CG   C N N 293 
MTX CD   C N N 294 
MTX OE1  O N N 295 
MTX OE2  O N N 296 
MTX HN21 H N N 297 
MTX HN22 H N N 298 
MTX HN41 H N N 299 
MTX HN42 H N N 300 
MTX H7   H N N 301 
MTX H91  H N N 302 
MTX H92  H N N 303 
MTX HM1  H N N 304 
MTX HM2  H N N 305 
MTX HM3  H N N 306 
MTX H12  H N N 307 
MTX H13  H N N 308 
MTX H15  H N N 309 
MTX H16  H N N 310 
MTX HN   H N N 311 
MTX HA   H N N 312 
MTX HO2  H N N 313 
MTX HB1  H N N 314 
MTX HB2  H N N 315 
MTX HG1  H N N 316 
MTX HG2  H N N 317 
MTX HOE2 H N N 318 
NDP PA   P N S 319 
NDP O1A  O N N 320 
NDP O2A  O N N 321 
NDP O5B  O N N 322 
NDP C5B  C N N 323 
NDP C4B  C N R 324 
NDP O4B  O N N 325 
NDP C3B  C N R 326 
NDP O3B  O N N 327 
NDP C2B  C N R 328 
NDP O2B  O N N 329 
NDP C1B  C N R 330 
NDP N9A  N Y N 331 
NDP C8A  C Y N 332 
NDP N7A  N Y N 333 
NDP C5A  C Y N 334 
NDP C6A  C Y N 335 
NDP N6A  N N N 336 
NDP N1A  N Y N 337 
NDP C2A  C Y N 338 
NDP N3A  N Y N 339 
NDP C4A  C Y N 340 
NDP O3   O N N 341 
NDP PN   P N S 342 
NDP O1N  O N N 343 
NDP O2N  O N N 344 
NDP O5D  O N N 345 
NDP C5D  C N N 346 
NDP C4D  C N R 347 
NDP O4D  O N N 348 
NDP C3D  C N S 349 
NDP O3D  O N N 350 
NDP C2D  C N R 351 
NDP O2D  O N N 352 
NDP C1D  C N R 353 
NDP N1N  N N N 354 
NDP C2N  C N N 355 
NDP C3N  C N N 356 
NDP C7N  C N N 357 
NDP O7N  O N N 358 
NDP N7N  N N N 359 
NDP C4N  C N N 360 
NDP C5N  C N N 361 
NDP C6N  C N N 362 
NDP P2B  P N N 363 
NDP O1X  O N N 364 
NDP O2X  O N N 365 
NDP O3X  O N N 366 
NDP HOA2 H N N 367 
NDP H51A H N N 368 
NDP H52A H N N 369 
NDP H4B  H N N 370 
NDP H3B  H N N 371 
NDP HO3A H N N 372 
NDP H2B  H N N 373 
NDP H1B  H N N 374 
NDP H8A  H N N 375 
NDP H61A H N N 376 
NDP H62A H N N 377 
NDP H2A  H N N 378 
NDP H21N H N N 379 
NDP H51N H N N 380 
NDP H52N H N N 381 
NDP H4D  H N N 382 
NDP H3D  H N N 383 
NDP HO3N H N N 384 
NDP H2D  H N N 385 
NDP HO2N H N N 386 
NDP H1D  H N N 387 
NDP H2N  H N N 388 
NDP H71N H N N 389 
NDP H72N H N N 390 
NDP H41N H N N 391 
NDP H42N H N N 392 
NDP H5N  H N N 393 
NDP H6N  H N N 394 
NDP HOP2 H N N 395 
NDP HOP3 H N N 396 
PHE N    N N N 397 
PHE CA   C N S 398 
PHE C    C N N 399 
PHE O    O N N 400 
PHE CB   C N N 401 
PHE CG   C Y N 402 
PHE CD1  C Y N 403 
PHE CD2  C Y N 404 
PHE CE1  C Y N 405 
PHE CE2  C Y N 406 
PHE CZ   C Y N 407 
PHE OXT  O N N 408 
PHE H    H N N 409 
PHE H2   H N N 410 
PHE HA   H N N 411 
PHE HB2  H N N 412 
PHE HB3  H N N 413 
PHE HD1  H N N 414 
PHE HD2  H N N 415 
PHE HE1  H N N 416 
PHE HE2  H N N 417 
PHE HZ   H N N 418 
PHE HXT  H N N 419 
PRO N    N N N 420 
PRO CA   C N S 421 
PRO C    C N N 422 
PRO O    O N N 423 
PRO CB   C N N 424 
PRO CG   C N N 425 
PRO CD   C N N 426 
PRO OXT  O N N 427 
PRO H    H N N 428 
PRO HA   H N N 429 
PRO HB2  H N N 430 
PRO HB3  H N N 431 
PRO HG2  H N N 432 
PRO HG3  H N N 433 
PRO HD2  H N N 434 
PRO HD3  H N N 435 
PRO HXT  H N N 436 
SER N    N N N 437 
SER CA   C N S 438 
SER C    C N N 439 
SER O    O N N 440 
SER CB   C N N 441 
SER OG   O N N 442 
SER OXT  O N N 443 
SER H    H N N 444 
SER H2   H N N 445 
SER HA   H N N 446 
SER HB2  H N N 447 
SER HB3  H N N 448 
SER HG   H N N 449 
SER HXT  H N N 450 
SO4 S    S N N 451 
SO4 O1   O N N 452 
SO4 O2   O N N 453 
SO4 O3   O N N 454 
SO4 O4   O N N 455 
THR N    N N N 456 
THR CA   C N S 457 
THR C    C N N 458 
THR O    O N N 459 
THR CB   C N R 460 
THR OG1  O N N 461 
THR CG2  C N N 462 
THR OXT  O N N 463 
THR H    H N N 464 
THR H2   H N N 465 
THR HA   H N N 466 
THR HB   H N N 467 
THR HG1  H N N 468 
THR HG21 H N N 469 
THR HG22 H N N 470 
THR HG23 H N N 471 
THR HXT  H N N 472 
TRP N    N N N 473 
TRP CA   C N S 474 
TRP C    C N N 475 
TRP O    O N N 476 
TRP CB   C N N 477 
TRP CG   C Y N 478 
TRP CD1  C Y N 479 
TRP CD2  C Y N 480 
TRP NE1  N Y N 481 
TRP CE2  C Y N 482 
TRP CE3  C Y N 483 
TRP CZ2  C Y N 484 
TRP CZ3  C Y N 485 
TRP CH2  C Y N 486 
TRP OXT  O N N 487 
TRP H    H N N 488 
TRP H2   H N N 489 
TRP HA   H N N 490 
TRP HB2  H N N 491 
TRP HB3  H N N 492 
TRP HD1  H N N 493 
TRP HE1  H N N 494 
TRP HE3  H N N 495 
TRP HZ2  H N N 496 
TRP HZ3  H N N 497 
TRP HH2  H N N 498 
TRP HXT  H N N 499 
TYR N    N N N 500 
TYR CA   C N S 501 
TYR C    C N N 502 
TYR O    O N N 503 
TYR CB   C N N 504 
TYR CG   C Y N 505 
TYR CD1  C Y N 506 
TYR CD2  C Y N 507 
TYR CE1  C Y N 508 
TYR CE2  C Y N 509 
TYR CZ   C Y N 510 
TYR OH   O N N 511 
TYR OXT  O N N 512 
TYR H    H N N 513 
TYR H2   H N N 514 
TYR HA   H N N 515 
TYR HB2  H N N 516 
TYR HB3  H N N 517 
TYR HD1  H N N 518 
TYR HD2  H N N 519 
TYR HE1  H N N 520 
TYR HE2  H N N 521 
TYR HH   H N N 522 
TYR HXT  H N N 523 
VAL N    N N N 524 
VAL CA   C N S 525 
VAL C    C N N 526 
VAL O    O N N 527 
VAL CB   C N N 528 
VAL CG1  C N N 529 
VAL CG2  C N N 530 
VAL OXT  O N N 531 
VAL H    H N N 532 
VAL H2   H N N 533 
VAL HA   H N N 534 
VAL HB   H N N 535 
VAL HG11 H N N 536 
VAL HG12 H N N 537 
VAL HG13 H N N 538 
VAL HG21 H N N 539 
VAL HG22 H N N 540 
VAL HG23 H N N 541 
VAL HXT  H N N 542 
# 
loop_
_chem_comp_bond.comp_id 
_chem_comp_bond.atom_id_1 
_chem_comp_bond.atom_id_2 
_chem_comp_bond.value_order 
_chem_comp_bond.pdbx_aromatic_flag 
_chem_comp_bond.pdbx_stereo_config 
_chem_comp_bond.pdbx_ordinal 
ALA N   CA   sing N N 1   
ALA N   H    sing N N 2   
ALA N   H2   sing N N 3   
ALA CA  C    sing N N 4   
ALA CA  CB   sing N N 5   
ALA CA  HA   sing N N 6   
ALA C   O    doub N N 7   
ALA C   OXT  sing N N 8   
ALA CB  HB1  sing N N 9   
ALA CB  HB2  sing N N 10  
ALA CB  HB3  sing N N 11  
ALA OXT HXT  sing N N 12  
ARG N   CA   sing N N 13  
ARG N   H    sing N N 14  
ARG N   H2   sing N N 15  
ARG CA  C    sing N N 16  
ARG CA  CB   sing N N 17  
ARG CA  HA   sing N N 18  
ARG C   O    doub N N 19  
ARG C   OXT  sing N N 20  
ARG CB  CG   sing N N 21  
ARG CB  HB2  sing N N 22  
ARG CB  HB3  sing N N 23  
ARG CG  CD   sing N N 24  
ARG CG  HG2  sing N N 25  
ARG CG  HG3  sing N N 26  
ARG CD  NE   sing N N 27  
ARG CD  HD2  sing N N 28  
ARG CD  HD3  sing N N 29  
ARG NE  CZ   sing N N 30  
ARG NE  HE   sing N N 31  
ARG CZ  NH1  sing N N 32  
ARG CZ  NH2  doub N N 33  
ARG NH1 HH11 sing N N 34  
ARG NH1 HH12 sing N N 35  
ARG NH2 HH21 sing N N 36  
ARG NH2 HH22 sing N N 37  
ARG OXT HXT  sing N N 38  
ASN N   CA   sing N N 39  
ASN N   H    sing N N 40  
ASN N   H2   sing N N 41  
ASN CA  C    sing N N 42  
ASN CA  CB   sing N N 43  
ASN CA  HA   sing N N 44  
ASN C   O    doub N N 45  
ASN C   OXT  sing N N 46  
ASN CB  CG   sing N N 47  
ASN CB  HB2  sing N N 48  
ASN CB  HB3  sing N N 49  
ASN CG  OD1  doub N N 50  
ASN CG  ND2  sing N N 51  
ASN ND2 HD21 sing N N 52  
ASN ND2 HD22 sing N N 53  
ASN OXT HXT  sing N N 54  
ASP N   CA   sing N N 55  
ASP N   H    sing N N 56  
ASP N   H2   sing N N 57  
ASP CA  C    sing N N 58  
ASP CA  CB   sing N N 59  
ASP CA  HA   sing N N 60  
ASP C   O    doub N N 61  
ASP C   OXT  sing N N 62  
ASP CB  CG   sing N N 63  
ASP CB  HB2  sing N N 64  
ASP CB  HB3  sing N N 65  
ASP CG  OD1  doub N N 66  
ASP CG  OD2  sing N N 67  
ASP OD2 HD2  sing N N 68  
ASP OXT HXT  sing N N 69  
CYS N   CA   sing N N 70  
CYS N   H    sing N N 71  
CYS N   H2   sing N N 72  
CYS CA  C    sing N N 73  
CYS CA  CB   sing N N 74  
CYS CA  HA   sing N N 75  
CYS C   O    doub N N 76  
CYS C   OXT  sing N N 77  
CYS CB  SG   sing N N 78  
CYS CB  HB2  sing N N 79  
CYS CB  HB3  sing N N 80  
CYS SG  HG   sing N N 81  
CYS OXT HXT  sing N N 82  
GLN N   CA   sing N N 83  
GLN N   H    sing N N 84  
GLN N   H2   sing N N 85  
GLN CA  C    sing N N 86  
GLN CA  CB   sing N N 87  
GLN CA  HA   sing N N 88  
GLN C   O    doub N N 89  
GLN C   OXT  sing N N 90  
GLN CB  CG   sing N N 91  
GLN CB  HB2  sing N N 92  
GLN CB  HB3  sing N N 93  
GLN CG  CD   sing N N 94  
GLN CG  HG2  sing N N 95  
GLN CG  HG3  sing N N 96  
GLN CD  OE1  doub N N 97  
GLN CD  NE2  sing N N 98  
GLN NE2 HE21 sing N N 99  
GLN NE2 HE22 sing N N 100 
GLN OXT HXT  sing N N 101 
GLU N   CA   sing N N 102 
GLU N   H    sing N N 103 
GLU N   H2   sing N N 104 
GLU CA  C    sing N N 105 
GLU CA  CB   sing N N 106 
GLU CA  HA   sing N N 107 
GLU C   O    doub N N 108 
GLU C   OXT  sing N N 109 
GLU CB  CG   sing N N 110 
GLU CB  HB2  sing N N 111 
GLU CB  HB3  sing N N 112 
GLU CG  CD   sing N N 113 
GLU CG  HG2  sing N N 114 
GLU CG  HG3  sing N N 115 
GLU CD  OE1  doub N N 116 
GLU CD  OE2  sing N N 117 
GLU OE2 HE2  sing N N 118 
GLU OXT HXT  sing N N 119 
GLY N   CA   sing N N 120 
GLY N   H    sing N N 121 
GLY N   H2   sing N N 122 
GLY CA  C    sing N N 123 
GLY CA  HA2  sing N N 124 
GLY CA  HA3  sing N N 125 
GLY C   O    doub N N 126 
GLY C   OXT  sing N N 127 
GLY OXT HXT  sing N N 128 
GOL C1  O1   sing N N 129 
GOL C1  C2   sing N N 130 
GOL C1  H11  sing N N 131 
GOL C1  H12  sing N N 132 
GOL O1  HO1  sing N N 133 
GOL C2  O2   sing N N 134 
GOL C2  C3   sing N N 135 
GOL C2  H2   sing N N 136 
GOL O2  HO2  sing N N 137 
GOL C3  O3   sing N N 138 
GOL C3  H31  sing N N 139 
GOL C3  H32  sing N N 140 
GOL O3  HO3  sing N N 141 
HIS N   CA   sing N N 142 
HIS N   H    sing N N 143 
HIS N   H2   sing N N 144 
HIS CA  C    sing N N 145 
HIS CA  CB   sing N N 146 
HIS CA  HA   sing N N 147 
HIS C   O    doub N N 148 
HIS C   OXT  sing N N 149 
HIS CB  CG   sing N N 150 
HIS CB  HB2  sing N N 151 
HIS CB  HB3  sing N N 152 
HIS CG  ND1  sing Y N 153 
HIS CG  CD2  doub Y N 154 
HIS ND1 CE1  doub Y N 155 
HIS ND1 HD1  sing N N 156 
HIS CD2 NE2  sing Y N 157 
HIS CD2 HD2  sing N N 158 
HIS CE1 NE2  sing Y N 159 
HIS CE1 HE1  sing N N 160 
HIS NE2 HE2  sing N N 161 
HIS OXT HXT  sing N N 162 
HOH O   H1   sing N N 163 
HOH O   H2   sing N N 164 
ILE N   CA   sing N N 165 
ILE N   H    sing N N 166 
ILE N   H2   sing N N 167 
ILE CA  C    sing N N 168 
ILE CA  CB   sing N N 169 
ILE CA  HA   sing N N 170 
ILE C   O    doub N N 171 
ILE C   OXT  sing N N 172 
ILE CB  CG1  sing N N 173 
ILE CB  CG2  sing N N 174 
ILE CB  HB   sing N N 175 
ILE CG1 CD1  sing N N 176 
ILE CG1 HG12 sing N N 177 
ILE CG1 HG13 sing N N 178 
ILE CG2 HG21 sing N N 179 
ILE CG2 HG22 sing N N 180 
ILE CG2 HG23 sing N N 181 
ILE CD1 HD11 sing N N 182 
ILE CD1 HD12 sing N N 183 
ILE CD1 HD13 sing N N 184 
ILE OXT HXT  sing N N 185 
LEU N   CA   sing N N 186 
LEU N   H    sing N N 187 
LEU N   H2   sing N N 188 
LEU CA  C    sing N N 189 
LEU CA  CB   sing N N 190 
LEU CA  HA   sing N N 191 
LEU C   O    doub N N 192 
LEU C   OXT  sing N N 193 
LEU CB  CG   sing N N 194 
LEU CB  HB2  sing N N 195 
LEU CB  HB3  sing N N 196 
LEU CG  CD1  sing N N 197 
LEU CG  CD2  sing N N 198 
LEU CG  HG   sing N N 199 
LEU CD1 HD11 sing N N 200 
LEU CD1 HD12 sing N N 201 
LEU CD1 HD13 sing N N 202 
LEU CD2 HD21 sing N N 203 
LEU CD2 HD22 sing N N 204 
LEU CD2 HD23 sing N N 205 
LEU OXT HXT  sing N N 206 
LYS N   CA   sing N N 207 
LYS N   H    sing N N 208 
LYS N   H2   sing N N 209 
LYS CA  C    sing N N 210 
LYS CA  CB   sing N N 211 
LYS CA  HA   sing N N 212 
LYS C   O    doub N N 213 
LYS C   OXT  sing N N 214 
LYS CB  CG   sing N N 215 
LYS CB  HB2  sing N N 216 
LYS CB  HB3  sing N N 217 
LYS CG  CD   sing N N 218 
LYS CG  HG2  sing N N 219 
LYS CG  HG3  sing N N 220 
LYS CD  CE   sing N N 221 
LYS CD  HD2  sing N N 222 
LYS CD  HD3  sing N N 223 
LYS CE  NZ   sing N N 224 
LYS CE  HE2  sing N N 225 
LYS CE  HE3  sing N N 226 
LYS NZ  HZ1  sing N N 227 
LYS NZ  HZ2  sing N N 228 
LYS NZ  HZ3  sing N N 229 
LYS OXT HXT  sing N N 230 
MET N   CA   sing N N 231 
MET N   H    sing N N 232 
MET N   H2   sing N N 233 
MET CA  C    sing N N 234 
MET CA  CB   sing N N 235 
MET CA  HA   sing N N 236 
MET C   O    doub N N 237 
MET C   OXT  sing N N 238 
MET CB  CG   sing N N 239 
MET CB  HB2  sing N N 240 
MET CB  HB3  sing N N 241 
MET CG  SD   sing N N 242 
MET CG  HG2  sing N N 243 
MET CG  HG3  sing N N 244 
MET SD  CE   sing N N 245 
MET CE  HE1  sing N N 246 
MET CE  HE2  sing N N 247 
MET CE  HE3  sing N N 248 
MET OXT HXT  sing N N 249 
MTX N1  C2   doub Y N 250 
MTX N1  C8A  sing Y N 251 
MTX C2  NA2  sing N N 252 
MTX C2  N3   sing Y N 253 
MTX NA2 HN21 sing N N 254 
MTX NA2 HN22 sing N N 255 
MTX N3  C4   doub Y N 256 
MTX C4  NA4  sing N N 257 
MTX C4  C4A  sing Y N 258 
MTX NA4 HN41 sing N N 259 
MTX NA4 HN42 sing N N 260 
MTX C4A N5   sing Y N 261 
MTX C4A C8A  doub Y N 262 
MTX N5  C6   doub Y N 263 
MTX C6  C7   sing Y N 264 
MTX C6  C9   sing N N 265 
MTX C7  N8   doub Y N 266 
MTX C7  H7   sing N N 267 
MTX N8  C8A  sing Y N 268 
MTX C9  N10  sing N N 269 
MTX C9  H91  sing N N 270 
MTX C9  H92  sing N N 271 
MTX N10 CM   sing N N 272 
MTX N10 C14  sing N N 273 
MTX CM  HM1  sing N N 274 
MTX CM  HM2  sing N N 275 
MTX CM  HM3  sing N N 276 
MTX C11 C12  doub Y N 277 
MTX C11 C16  sing Y N 278 
MTX C11 C    sing N N 279 
MTX C12 C13  sing Y N 280 
MTX C12 H12  sing N N 281 
MTX C13 C14  doub Y N 282 
MTX C13 H13  sing N N 283 
MTX C14 C15  sing Y N 284 
MTX C15 C16  doub Y N 285 
MTX C15 H15  sing N N 286 
MTX C16 H16  sing N N 287 
MTX C   O    doub N N 288 
MTX C   N    sing N N 289 
MTX N   CA   sing N N 290 
MTX N   HN   sing N N 291 
MTX CA  CT   sing N N 292 
MTX CA  CB   sing N N 293 
MTX CA  HA   sing N N 294 
MTX CT  O1   doub N N 295 
MTX CT  O2   sing N N 296 
MTX O2  HO2  sing N N 297 
MTX CB  CG   sing N N 298 
MTX CB  HB1  sing N N 299 
MTX CB  HB2  sing N N 300 
MTX CG  CD   sing N N 301 
MTX CG  HG1  sing N N 302 
MTX CG  HG2  sing N N 303 
MTX CD  OE1  doub N N 304 
MTX CD  OE2  sing N N 305 
MTX OE2 HOE2 sing N N 306 
NDP PA  O1A  doub N N 307 
NDP PA  O2A  sing N N 308 
NDP PA  O5B  sing N N 309 
NDP PA  O3   sing N N 310 
NDP O2A HOA2 sing N N 311 
NDP O5B C5B  sing N N 312 
NDP C5B C4B  sing N N 313 
NDP C5B H51A sing N N 314 
NDP C5B H52A sing N N 315 
NDP C4B O4B  sing N N 316 
NDP C4B C3B  sing N N 317 
NDP C4B H4B  sing N N 318 
NDP O4B C1B  sing N N 319 
NDP C3B O3B  sing N N 320 
NDP C3B C2B  sing N N 321 
NDP C3B H3B  sing N N 322 
NDP O3B HO3A sing N N 323 
NDP C2B O2B  sing N N 324 
NDP C2B C1B  sing N N 325 
NDP C2B H2B  sing N N 326 
NDP O2B P2B  sing N N 327 
NDP C1B N9A  sing N N 328 
NDP C1B H1B  sing N N 329 
NDP N9A C8A  sing Y N 330 
NDP N9A C4A  sing Y N 331 
NDP C8A N7A  doub Y N 332 
NDP C8A H8A  sing N N 333 
NDP N7A C5A  sing Y N 334 
NDP C5A C6A  sing Y N 335 
NDP C5A C4A  doub Y N 336 
NDP C6A N6A  sing N N 337 
NDP C6A N1A  doub Y N 338 
NDP N6A H61A sing N N 339 
NDP N6A H62A sing N N 340 
NDP N1A C2A  sing Y N 341 
NDP C2A N3A  doub Y N 342 
NDP C2A H2A  sing N N 343 
NDP N3A C4A  sing Y N 344 
NDP O3  PN   sing N N 345 
NDP PN  O1N  doub N N 346 
NDP PN  O2N  sing N N 347 
NDP PN  O5D  sing N N 348 
NDP O2N H21N sing N N 349 
NDP O5D C5D  sing N N 350 
NDP C5D C4D  sing N N 351 
NDP C5D H51N sing N N 352 
NDP C5D H52N sing N N 353 
NDP C4D O4D  sing N N 354 
NDP C4D C3D  sing N N 355 
NDP C4D H4D  sing N N 356 
NDP O4D C1D  sing N N 357 
NDP C3D O3D  sing N N 358 
NDP C3D C2D  sing N N 359 
NDP C3D H3D  sing N N 360 
NDP O3D HO3N sing N N 361 
NDP C2D O2D  sing N N 362 
NDP C2D C1D  sing N N 363 
NDP C2D H2D  sing N N 364 
NDP O2D HO2N sing N N 365 
NDP C1D N1N  sing N N 366 
NDP C1D H1D  sing N N 367 
NDP N1N C2N  sing N N 368 
NDP N1N C6N  sing N N 369 
NDP C2N C3N  doub N N 370 
NDP C2N H2N  sing N N 371 
NDP C3N C7N  sing N N 372 
NDP C3N C4N  sing N N 373 
NDP C7N O7N  doub N N 374 
NDP C7N N7N  sing N N 375 
NDP N7N H71N sing N N 376 
NDP N7N H72N sing N N 377 
NDP C4N C5N  sing N N 378 
NDP C4N H41N sing N N 379 
NDP C4N H42N sing N N 380 
NDP C5N C6N  doub N N 381 
NDP C5N H5N  sing N N 382 
NDP C6N H6N  sing N N 383 
NDP P2B O1X  doub N N 384 
NDP P2B O2X  sing N N 385 
NDP P2B O3X  sing N N 386 
NDP O2X HOP2 sing N N 387 
NDP O3X HOP3 sing N N 388 
PHE N   CA   sing N N 389 
PHE N   H    sing N N 390 
PHE N   H2   sing N N 391 
PHE CA  C    sing N N 392 
PHE CA  CB   sing N N 393 
PHE CA  HA   sing N N 394 
PHE C   O    doub N N 395 
PHE C   OXT  sing N N 396 
PHE CB  CG   sing N N 397 
PHE CB  HB2  sing N N 398 
PHE CB  HB3  sing N N 399 
PHE CG  CD1  doub Y N 400 
PHE CG  CD2  sing Y N 401 
PHE CD1 CE1  sing Y N 402 
PHE CD1 HD1  sing N N 403 
PHE CD2 CE2  doub Y N 404 
PHE CD2 HD2  sing N N 405 
PHE CE1 CZ   doub Y N 406 
PHE CE1 HE1  sing N N 407 
PHE CE2 CZ   sing Y N 408 
PHE CE2 HE2  sing N N 409 
PHE CZ  HZ   sing N N 410 
PHE OXT HXT  sing N N 411 
PRO N   CA   sing N N 412 
PRO N   CD   sing N N 413 
PRO N   H    sing N N 414 
PRO CA  C    sing N N 415 
PRO CA  CB   sing N N 416 
PRO CA  HA   sing N N 417 
PRO C   O    doub N N 418 
PRO C   OXT  sing N N 419 
PRO CB  CG   sing N N 420 
PRO CB  HB2  sing N N 421 
PRO CB  HB3  sing N N 422 
PRO CG  CD   sing N N 423 
PRO CG  HG2  sing N N 424 
PRO CG  HG3  sing N N 425 
PRO CD  HD2  sing N N 426 
PRO CD  HD3  sing N N 427 
PRO OXT HXT  sing N N 428 
SER N   CA   sing N N 429 
SER N   H    sing N N 430 
SER N   H2   sing N N 431 
SER CA  C    sing N N 432 
SER CA  CB   sing N N 433 
SER CA  HA   sing N N 434 
SER C   O    doub N N 435 
SER C   OXT  sing N N 436 
SER CB  OG   sing N N 437 
SER CB  HB2  sing N N 438 
SER CB  HB3  sing N N 439 
SER OG  HG   sing N N 440 
SER OXT HXT  sing N N 441 
SO4 S   O1   doub N N 442 
SO4 S   O2   doub N N 443 
SO4 S   O3   sing N N 444 
SO4 S   O4   sing N N 445 
THR N   CA   sing N N 446 
THR N   H    sing N N 447 
THR N   H2   sing N N 448 
THR CA  C    sing N N 449 
THR CA  CB   sing N N 450 
THR CA  HA   sing N N 451 
THR C   O    doub N N 452 
THR C   OXT  sing N N 453 
THR CB  OG1  sing N N 454 
THR CB  CG2  sing N N 455 
THR CB  HB   sing N N 456 
THR OG1 HG1  sing N N 457 
THR CG2 HG21 sing N N 458 
THR CG2 HG22 sing N N 459 
THR CG2 HG23 sing N N 460 
THR OXT HXT  sing N N 461 
TRP N   CA   sing N N 462 
TRP N   H    sing N N 463 
TRP N   H2   sing N N 464 
TRP CA  C    sing N N 465 
TRP CA  CB   sing N N 466 
TRP CA  HA   sing N N 467 
TRP C   O    doub N N 468 
TRP C   OXT  sing N N 469 
TRP CB  CG   sing N N 470 
TRP CB  HB2  sing N N 471 
TRP CB  HB3  sing N N 472 
TRP CG  CD1  doub Y N 473 
TRP CG  CD2  sing Y N 474 
TRP CD1 NE1  sing Y N 475 
TRP CD1 HD1  sing N N 476 
TRP CD2 CE2  doub Y N 477 
TRP CD2 CE3  sing Y N 478 
TRP NE1 CE2  sing Y N 479 
TRP NE1 HE1  sing N N 480 
TRP CE2 CZ2  sing Y N 481 
TRP CE3 CZ3  doub Y N 482 
TRP CE3 HE3  sing N N 483 
TRP CZ2 CH2  doub Y N 484 
TRP CZ2 HZ2  sing N N 485 
TRP CZ3 CH2  sing Y N 486 
TRP CZ3 HZ3  sing N N 487 
TRP CH2 HH2  sing N N 488 
TRP OXT HXT  sing N N 489 
TYR N   CA   sing N N 490 
TYR N   H    sing N N 491 
TYR N   H2   sing N N 492 
TYR CA  C    sing N N 493 
TYR CA  CB   sing N N 494 
TYR CA  HA   sing N N 495 
TYR C   O    doub N N 496 
TYR C   OXT  sing N N 497 
TYR CB  CG   sing N N 498 
TYR CB  HB2  sing N N 499 
TYR CB  HB3  sing N N 500 
TYR CG  CD1  doub Y N 501 
TYR CG  CD2  sing Y N 502 
TYR CD1 CE1  sing Y N 503 
TYR CD1 HD1  sing N N 504 
TYR CD2 CE2  doub Y N 505 
TYR CD2 HD2  sing N N 506 
TYR CE1 CZ   doub Y N 507 
TYR CE1 HE1  sing N N 508 
TYR CE2 CZ   sing Y N 509 
TYR CE2 HE2  sing N N 510 
TYR CZ  OH   sing N N 511 
TYR OH  HH   sing N N 512 
TYR OXT HXT  sing N N 513 
VAL N   CA   sing N N 514 
VAL N   H    sing N N 515 
VAL N   H2   sing N N 516 
VAL CA  C    sing N N 517 
VAL CA  CB   sing N N 518 
VAL CA  HA   sing N N 519 
VAL C   O    doub N N 520 
VAL C   OXT  sing N N 521 
VAL CB  CG1  sing N N 522 
VAL CB  CG2  sing N N 523 
VAL CB  HB   sing N N 524 
VAL CG1 HG11 sing N N 525 
VAL CG1 HG12 sing N N 526 
VAL CG1 HG13 sing N N 527 
VAL CG2 HG21 sing N N 528 
VAL CG2 HG22 sing N N 529 
VAL CG2 HG23 sing N N 530 
VAL OXT HXT  sing N N 531 
# 
_atom_sites.entry_id                    1DF7 
_atom_sites.fract_transf_matrix[1][1]   0.01546012 
_atom_sites.fract_transf_matrix[1][2]   0.00427300 
_atom_sites.fract_transf_matrix[1][3]   0.00397929 
_atom_sites.fract_transf_matrix[2][1]   -0.00020821 
_atom_sites.fract_transf_matrix[2][2]   0.01165888 
_atom_sites.fract_transf_matrix[2][3]   -0.01171050 
_atom_sites.fract_transf_matrix[3][1]   -0.00600190 
_atom_sites.fract_transf_matrix[3][2]   0.01121653 
_atom_sites.fract_transf_matrix[3][3]   0.01127380 
_atom_sites.fract_transf_vector[1]      0.130141 
_atom_sites.fract_transf_vector[2]      0.341058 
_atom_sites.fract_transf_vector[3]      0.157608 
# 
loop_
_atom_type.symbol 
C 
N 
O 
P 
S 
# 
loop_
_atom_site.group_PDB 
_atom_site.id 
_atom_site.type_symbol 
_atom_site.label_atom_id 
_atom_site.label_alt_id 
_atom_site.label_comp_id 
_atom_site.label_asym_id 
_atom_site.label_entity_id 
_atom_site.label_seq_id 
_atom_site.pdbx_PDB_ins_code 
_atom_site.Cartn_x 
_atom_site.Cartn_y 
_atom_site.Cartn_z 
_atom_site.occupancy 
_atom_site.B_iso_or_equiv 
_atom_site.pdbx_formal_charge 
_atom_site.auth_seq_id 
_atom_site.auth_comp_id 
_atom_site.auth_asym_id 
_atom_site.auth_atom_id 
_atom_site.pdbx_PDB_model_num 
ATOM   1    N N   . MET A 1 1   ? -4.334  -15.887 1.275   1.00 26.47 ? 1   MET A N   1 
ATOM   2    C CA  . MET A 1 1   ? -3.367  -15.083 0.474   1.00 24.82 ? 1   MET A CA  1 
ATOM   3    C C   . MET A 1 1   ? -3.367  -13.636 0.953   1.00 23.26 ? 1   MET A C   1 
ATOM   4    O O   . MET A 1 1   ? -4.408  -12.963 0.922   1.00 23.88 ? 1   MET A O   1 
ATOM   5    C CB  . MET A 1 1   ? -3.751  -15.111 -1.008  1.00 25.58 ? 1   MET A CB  1 
ATOM   6    C CG  . MET A 1 1   ? -2.725  -14.484 -1.989  1.00 27.97 ? 1   MET A CG  1 
ATOM   7    S SD  . MET A 1 1   ? -2.459  -12.658 -1.978  1.00 30.68 ? 1   MET A SD  1 
ATOM   8    C CE  . MET A 1 1   ? -3.935  -12.047 -2.572  1.00 27.06 ? 1   MET A CE  1 
ATOM   9    N N   . VAL A 1 2   ? -2.203  -13.188 1.427   1.00 20.55 ? 2   VAL A N   1 
ATOM   10   C CA  . VAL A 1 2   ? -2.005  -11.819 1.857   1.00 16.68 ? 2   VAL A CA  1 
ATOM   11   C C   . VAL A 1 2   ? -1.048  -11.166 0.852   1.00 16.03 ? 2   VAL A C   1 
ATOM   12   O O   . VAL A 1 2   ? 0.027   -11.693 0.548   1.00 16.27 ? 2   VAL A O   1 
ATOM   13   C CB  . VAL A 1 2   ? -1.419  -11.751 3.272   1.00 15.94 ? 2   VAL A CB  1 
ATOM   14   C CG1 . VAL A 1 2   ? -0.982  -10.337 3.591   1.00 15.68 ? 2   VAL A CG1 1 
ATOM   15   C CG2 . VAL A 1 2   ? -2.461  -12.179 4.292   1.00 15.13 ? 2   VAL A CG2 1 
ATOM   16   N N   . GLY A 1 3   ? -1.472  -10.062 0.252   1.00 14.22 ? 3   GLY A N   1 
ATOM   17   C CA  . GLY A 1 3   ? -0.582  -9.370  -0.666  1.00 13.02 ? 3   GLY A CA  1 
ATOM   18   C C   . GLY A 1 3   ? -0.297  -7.951  -0.176  1.00 12.28 ? 3   GLY A C   1 
ATOM   19   O O   . GLY A 1 3   ? -1.045  -7.399  0.658   1.00 13.24 ? 3   GLY A O   1 
ATOM   20   N N   . LEU A 1 4   ? 0.818   -7.371  -0.591  1.00 11.75 ? 4   LEU A N   1 
ATOM   21   C CA  . LEU A 1 4   ? 1.097   -6.000  -0.216  1.00 13.05 ? 4   LEU A CA  1 
ATOM   22   C C   . LEU A 1 4   ? 1.068   -5.203  -1.521  1.00 12.24 ? 4   LEU A C   1 
ATOM   23   O O   . LEU A 1 4   ? 1.493   -5.724  -2.542  1.00 11.91 ? 4   LEU A O   1 
ATOM   24   C CB  . LEU A 1 4   ? 2.491   -5.886  0.392   1.00 14.35 ? 4   LEU A CB  1 
ATOM   25   C CG  . LEU A 1 4   ? 2.774   -6.054  1.894   1.00 17.44 ? 4   LEU A CG  1 
ATOM   26   C CD1 . LEU A 1 4   ? 2.207   -7.312  2.437   1.00 16.61 ? 4   LEU A CD1 1 
ATOM   27   C CD2 . LEU A 1 4   ? 4.283   -5.975  2.119   1.00 16.50 ? 4   LEU A CD2 1 
ATOM   28   N N   . ILE A 1 5   ? 0.502   -3.994  -1.520  1.00 11.80 ? 5   ILE A N   1 
ATOM   29   C CA  . ILE A 1 5   ? 0.502   -3.154  -2.725  1.00 11.21 ? 5   ILE A CA  1 
ATOM   30   C C   . ILE A 1 5   ? 0.948   -1.742  -2.330  1.00 12.82 ? 5   ILE A C   1 
ATOM   31   O O   . ILE A 1 5   ? 0.470   -1.178  -1.348  1.00 11.46 ? 5   ILE A O   1 
ATOM   32   C CB  . ILE A 1 5   ? -0.865  -3.149  -3.415  1.00 10.78 ? 5   ILE A CB  1 
ATOM   33   C CG1 . ILE A 1 5   ? -0.830  -2.242  -4.647  1.00 11.44 ? 5   ILE A CG1 1 
ATOM   34   C CG2 . ILE A 1 5   ? -1.940  -2.713  -2.454  1.00 11.64 ? 5   ILE A CG2 1 
ATOM   35   C CD1 . ILE A 1 5   ? -2.064  -2.367  -5.526  1.00 10.53 ? 5   ILE A CD1 1 
ATOM   36   N N   . TRP A 1 6   ? 1.937   -1.204  -3.037  1.00 12.41 ? 6   TRP A N   1 
ATOM   37   C CA  . TRP A 1 6   ? 2.435   0.140   -2.739  1.00 12.25 ? 6   TRP A CA  1 
ATOM   38   C C   . TRP A 1 6   ? 3.080   0.781   -3.999  1.00 12.94 ? 6   TRP A C   1 
ATOM   39   O O   . TRP A 1 6   ? 3.396   0.080   -4.971  1.00 12.95 ? 6   TRP A O   1 
ATOM   40   C CB  . TRP A 1 6   ? 3.489   0.079   -1.605  1.00 12.53 ? 6   TRP A CB  1 
ATOM   41   C CG  . TRP A 1 6   ? 4.880   -0.460  -1.996  1.00 11.91 ? 6   TRP A CG  1 
ATOM   42   C CD1 . TRP A 1 6   ? 5.910   0.248   -2.564  1.00 11.99 ? 6   TRP A CD1 1 
ATOM   43   C CD2 . TRP A 1 6   ? 5.396   -1.778  -1.751  1.00 12.96 ? 6   TRP A CD2 1 
ATOM   44   N NE1 . TRP A 1 6   ? 7.046   -0.554  -2.679  1.00 11.68 ? 6   TRP A NE1 1 
ATOM   45   C CE2 . TRP A 1 6   ? 6.752   -1.798  -2.189  1.00 12.57 ? 6   TRP A CE2 1 
ATOM   46   C CE3 . TRP A 1 6   ? 4.854   -2.945  -1.187  1.00 13.94 ? 6   TRP A CE3 1 
ATOM   47   C CZ2 . TRP A 1 6   ? 7.562   -2.938  -2.077  1.00 13.61 ? 6   TRP A CZ2 1 
ATOM   48   C CZ3 . TRP A 1 6   ? 5.661   -4.076  -1.078  1.00 14.25 ? 6   TRP A CZ3 1 
ATOM   49   C CH2 . TRP A 1 6   ? 7.008   -4.057  -1.527  1.00 14.29 ? 6   TRP A CH2 1 
ATOM   50   N N   . ALA A 1 7   ? 3.276   2.099   -3.948  1.00 13.35 ? 7   ALA A N   1 
ATOM   51   C CA  . ALA A 1 7   ? 3.925   2.875   -5.022  1.00 14.27 ? 7   ALA A CA  1 
ATOM   52   C C   . ALA A 1 7   ? 5.121   3.531   -4.318  1.00 13.97 ? 7   ALA A C   1 
ATOM   53   O O   . ALA A 1 7   ? 4.970   4.129   -3.244  1.00 14.67 ? 7   ALA A O   1 
ATOM   54   C CB  . ALA A 1 7   ? 2.986   3.946   -5.576  1.00 11.68 ? 7   ALA A CB  1 
ATOM   55   N N   . GLN A 1 8   ? 6.311   3.330   -4.868  1.00 13.67 ? 8   GLN A N   1 
ATOM   56   C CA  . GLN A 1 8   ? 7.517   3.920   -4.301  1.00 13.83 ? 8   GLN A CA  1 
ATOM   57   C C   . GLN A 1 8   ? 8.360   4.652   -5.317  1.00 13.84 ? 8   GLN A C   1 
ATOM   58   O O   . GLN A 1 8   ? 8.326   4.348   -6.497  1.00 13.74 ? 8   GLN A O   1 
ATOM   59   C CB  . GLN A 1 8   ? 8.404   2.835   -3.704  1.00 12.64 ? 8   GLN A CB  1 
ATOM   60   C CG  . GLN A 1 8   ? 8.935   1.829   -4.710  1.00 13.65 ? 8   GLN A CG  1 
ATOM   61   C CD  . GLN A 1 8   ? 10.003  0.987   -4.129  1.00 14.70 ? 8   GLN A CD  1 
ATOM   62   O OE1 . GLN A 1 8   ? 9.733   -0.051  -3.544  1.00 14.81 ? 8   GLN A OE1 1 
ATOM   63   N NE2 . GLN A 1 8   ? 11.241  1.455   -4.231  1.00 17.24 ? 8   GLN A NE2 1 
ATOM   64   N N   . ALA A 1 9   ? 9.073   5.660   -4.837  1.00 14.37 ? 9   ALA A N   1 
ATOM   65   C CA  . ALA A 1 9   ? 10.049  6.366   -5.655  1.00 15.28 ? 9   ALA A CA  1 
ATOM   66   C C   . ALA A 1 9   ? 11.172  5.329   -5.779  1.00 15.74 ? 9   ALA A C   1 
ATOM   67   O O   . ALA A 1 9   ? 11.249  4.367   -4.995  1.00 15.63 ? 9   ALA A O   1 
ATOM   68   C CB  . ALA A 1 9   ? 10.559  7.589   -4.923  1.00 15.87 ? 9   ALA A CB  1 
ATOM   69   N N   . THR A 1 10  ? 12.039  5.493   -6.758  1.00 16.13 ? 10  THR A N   1 
ATOM   70   C CA  . THR A 1 10  ? 13.126  4.550   -6.906  1.00 16.77 ? 10  THR A CA  1 
ATOM   71   C C   . THR A 1 10  ? 13.939  4.399   -5.613  1.00 17.44 ? 10  THR A C   1 
ATOM   72   O O   . THR A 1 10  ? 14.373  3.300   -5.270  1.00 18.66 ? 10  THR A O   1 
ATOM   73   C CB  . THR A 1 10  ? 14.030  4.953   -8.072  1.00 17.00 ? 10  THR A CB  1 
ATOM   74   O OG1 . THR A 1 10  ? 13.238  4.915   -9.268  1.00 19.65 ? 10  THR A OG1 1 
ATOM   75   C CG2 . THR A 1 10  ? 15.244  3.993   -8.192  1.00 17.00 ? 10  THR A CG2 1 
ATOM   76   N N   . SER A 1 11  ? 14.090  5.487   -4.870  1.00 16.56 ? 11  SER A N   1 
ATOM   77   C CA  . SER A 1 11  ? 14.831  5.464   -3.610  1.00 17.91 ? 11  SER A CA  1 
ATOM   78   C C   . SER A 1 11  ? 14.195  4.636   -2.463  1.00 17.51 ? 11  SER A C   1 
ATOM   79   O O   . SER A 1 11  ? 14.855  4.381   -1.453  1.00 17.38 ? 11  SER A O   1 
ATOM   80   C CB  . SER A 1 11  ? 14.966  6.884   -3.129  1.00 17.50 ? 11  SER A CB  1 
ATOM   81   O OG  . SER A 1 11  ? 13.663  7.377   -2.842  1.00 17.51 ? 11  SER A OG  1 
ATOM   82   N N   . GLY A 1 12  ? 12.924  4.246   -2.608  1.00 16.85 ? 12  GLY A N   1 
ATOM   83   C CA  . GLY A 1 12  ? 12.235  3.514   -1.547  1.00 15.32 ? 12  GLY A CA  1 
ATOM   84   C C   . GLY A 1 12  ? 11.246  4.386   -0.777  1.00 14.65 ? 12  GLY A C   1 
ATOM   85   O O   . GLY A 1 12  ? 10.478  3.864   0.003   1.00 15.70 ? 12  GLY A O   1 
ATOM   86   N N   . VAL A 1 13  ? 11.239  5.705   -0.991  1.00 13.24 ? 13  VAL A N   1 
ATOM   87   C CA  . VAL A 1 13  ? 10.301  6.590   -0.309  1.00 13.50 ? 13  VAL A CA  1 
ATOM   88   C C   . VAL A 1 13  ? 8.856   6.338   -0.795  1.00 14.14 ? 13  VAL A C   1 
ATOM   89   O O   . VAL A 1 13  ? 8.596   6.288   -1.989  1.00 14.86 ? 13  VAL A O   1 
ATOM   90   C CB  . VAL A 1 13  ? 10.635  8.088   -0.573  1.00 12.53 ? 13  VAL A CB  1 
ATOM   91   C CG1 . VAL A 1 13  ? 9.588   9.006   0.041   1.00 11.44 ? 13  VAL A CG1 1 
ATOM   92   C CG2 . VAL A 1 13  ? 12.004  8.420   -0.013  1.00 13.68 ? 13  VAL A CG2 1 
ATOM   93   N N   . ILE A 1 14  ? 7.939   6.145   0.141   1.00 14.23 ? 14  ILE A N   1 
ATOM   94   C CA  . ILE A 1 14  ? 6.527   5.961   -0.179  1.00 13.29 ? 14  ILE A CA  1 
ATOM   95   C C   . ILE A 1 14  ? 5.670   7.066   0.465   1.00 13.70 ? 14  ILE A C   1 
ATOM   96   O O   . ILE A 1 14  ? 4.552   7.317   0.039   1.00 14.52 ? 14  ILE A O   1 
ATOM   97   C CB  . ILE A 1 14  ? 6.019   4.557   0.270   1.00 12.85 ? 14  ILE A CB  1 
ATOM   98   C CG1 . ILE A 1 14  ? 6.054   4.443   1.810   1.00 13.96 ? 14  ILE A CG1 1 
ATOM   99   C CG2 . ILE A 1 14  ? 6.818   3.450   -0.433  1.00 11.35 ? 14  ILE A CG2 1 
ATOM   100  C CD1 . ILE A 1 14  ? 5.227   3.244   2.414   1.00 14.08 ? 14  ILE A CD1 1 
ATOM   101  N N   . GLY A 1 15  ? 6.208   7.771   1.458   1.00 13.90 ? 15  GLY A N   1 
ATOM   102  C CA  . GLY A 1 15  ? 5.432   8.810   2.117   1.00 14.60 ? 15  GLY A CA  1 
ATOM   103  C C   . GLY A 1 15  ? 6.316   9.830   2.797   1.00 15.23 ? 15  GLY A C   1 
ATOM   104  O O   . GLY A 1 15  ? 7.434   9.510   3.232   1.00 15.32 ? 15  GLY A O   1 
ATOM   105  N N   . ARG A 1 16  ? 5.821   11.061  2.876   1.00 16.45 ? 16  ARG A N   1 
ATOM   106  C CA  . ARG A 1 16  ? 6.554   12.178  3.500   1.00 17.99 ? 16  ARG A CA  1 
ATOM   107  C C   . ARG A 1 16  ? 5.561   13.206  3.990   1.00 18.71 ? 16  ARG A C   1 
ATOM   108  O O   . ARG A 1 16  ? 4.665   13.594  3.247   1.00 19.94 ? 16  ARG A O   1 
ATOM   109  C CB  . ARG A 1 16  ? 7.527   12.850  2.515   1.00 17.23 ? 16  ARG A CB  1 
ATOM   110  C CG  . ARG A 1 16  ? 8.352   14.005  3.150   1.00 17.87 ? 16  ARG A CG  1 
ATOM   111  C CD  . ARG A 1 16  ? 9.492   14.502  2.263   1.00 17.64 ? 16  ARG A CD  1 
ATOM   112  N NE  . ARG A 1 16  ? 10.475  13.459  2.018   1.00 17.86 ? 16  ARG A NE  1 
ATOM   113  C CZ  . ARG A 1 16  ? 11.356  13.462  1.026   1.00 16.87 ? 16  ARG A CZ  1 
ATOM   114  N NH1 . ARG A 1 16  ? 11.386  14.470  0.180   1.00 19.31 ? 16  ARG A NH1 1 
ATOM   115  N NH2 . ARG A 1 16  ? 12.204  12.458  0.873   1.00 15.40 ? 16  ARG A NH2 1 
ATOM   116  N N   . GLY A 1 17  ? 5.698   13.601  5.256   1.00 19.19 ? 17  GLY A N   1 
ATOM   117  C CA  . GLY A 1 17  ? 4.808   14.588  5.837   1.00 19.86 ? 17  GLY A CA  1 
ATOM   118  C C   . GLY A 1 17  ? 3.368   14.125  5.858   1.00 20.96 ? 17  GLY A C   1 
ATOM   119  O O   . GLY A 1 17  ? 2.433   14.930  5.785   1.00 21.30 ? 17  GLY A O   1 
ATOM   120  N N   . GLY A 1 18  ? 3.190   12.809  5.917   1.00 21.86 ? 18  GLY A N   1 
ATOM   121  C CA  . GLY A 1 18  ? 1.862   12.233  5.949   1.00 21.50 ? 18  GLY A CA  1 
ATOM   122  C C   . GLY A 1 18  ? 1.146   12.063  4.624   1.00 21.82 ? 18  GLY A C   1 
ATOM   123  O O   . GLY A 1 18  ? -0.004  11.647  4.618   1.00 23.05 ? 18  GLY A O   1 
ATOM   124  N N   . ASP A 1 19  ? 1.815   12.340  3.512   1.00 21.50 ? 19  ASP A N   1 
ATOM   125  C CA  . ASP A 1 19  ? 1.209   12.230  2.184   1.00 23.48 ? 19  ASP A CA  1 
ATOM   126  C C   . ASP A 1 19  ? 2.151   11.481  1.241   1.00 22.39 ? 19  ASP A C   1 
ATOM   127  O O   . ASP A 1 19  ? 3.323   11.276  1.552   1.00 23.35 ? 19  ASP A O   1 
ATOM   128  C CB  . ASP A 1 19  ? 0.987   13.624  1.545   1.00 27.31 ? 19  ASP A CB  1 
ATOM   129  C CG  . ASP A 1 19  ? 0.234   14.610  2.453   1.00 31.73 ? 19  ASP A CG  1 
ATOM   130  O OD1 . ASP A 1 19  ? 0.693   15.795  2.553   1.00 34.45 ? 19  ASP A OD1 1 
ATOM   131  O OD2 . ASP A 1 19  ? -0.811  14.214  3.034   1.00 33.35 ? 19  ASP A OD2 1 
ATOM   132  N N   . ILE A 1 20  ? 1.645   11.132  0.062   1.00 20.36 ? 20  ILE A N   1 
ATOM   133  C CA  . ILE A 1 20  ? 2.447   10.476  -0.963  1.00 19.20 ? 20  ILE A CA  1 
ATOM   134  C C   . ILE A 1 20  ? 3.017   11.671  -1.746  1.00 19.28 ? 20  ILE A C   1 
ATOM   135  O O   . ILE A 1 20  ? 2.262   12.476  -2.281  1.00 17.47 ? 20  ILE A O   1 
ATOM   136  C CB  . ILE A 1 20  ? 1.591   9.530   -1.825  1.00 16.63 ? 20  ILE A CB  1 
ATOM   137  C CG1 . ILE A 1 20  ? 1.118   8.364   -0.957  1.00 16.60 ? 20  ILE A CG1 1 
ATOM   138  C CG2 . ILE A 1 20  ? 2.378   9.033   -2.993  1.00 17.81 ? 20  ILE A CG2 1 
ATOM   139  C CD1 . ILE A 1 20  ? 0.109   7.494   -1.601  1.00 15.40 ? 20  ILE A CD1 1 
ATOM   140  N N   . PRO A 1 21  ? 4.363   11.812  -1.785  1.00 19.41 ? 21  PRO A N   1 
ATOM   141  C CA  . PRO A 1 21  ? 5.054   12.913  -2.470  1.00 19.81 ? 21  PRO A CA  1 
ATOM   142  C C   . PRO A 1 21  ? 5.147   12.985  -4.017  1.00 21.45 ? 21  PRO A C   1 
ATOM   143  O O   . PRO A 1 21  ? 6.175   13.368  -4.570  1.00 22.83 ? 21  PRO A O   1 
ATOM   144  C CB  . PRO A 1 21  ? 6.411   12.925  -1.772  1.00 19.08 ? 21  PRO A CB  1 
ATOM   145  C CG  . PRO A 1 21  ? 6.681   11.492  -1.554  1.00 18.65 ? 21  PRO A CG  1 
ATOM   146  C CD  . PRO A 1 21  ? 5.341   10.962  -1.073  1.00 19.97 ? 21  PRO A CD  1 
ATOM   147  N N   . TRP A 1 22  ? 4.060   12.631  -4.700  1.00 20.98 ? 22  TRP A N   1 
ATOM   148  C CA  . TRP A 1 22  ? 3.979   12.709  -6.154  1.00 19.88 ? 22  TRP A CA  1 
ATOM   149  C C   . TRP A 1 22  ? 2.507   12.545  -6.548  1.00 22.19 ? 22  TRP A C   1 
ATOM   150  O O   . TRP A 1 22  ? 1.672   12.171  -5.710  1.00 22.04 ? 22  TRP A O   1 
ATOM   151  C CB  . TRP A 1 22  ? 4.883   11.667  -6.845  1.00 18.15 ? 22  TRP A CB  1 
ATOM   152  C CG  . TRP A 1 22  ? 4.565   10.227  -6.522  1.00 16.88 ? 22  TRP A CG  1 
ATOM   153  C CD1 . TRP A 1 22  ? 3.541   9.478   -7.029  1.00 16.74 ? 22  TRP A CD1 1 
ATOM   154  C CD2 . TRP A 1 22  ? 5.240   9.387   -5.577  1.00 16.57 ? 22  TRP A CD2 1 
ATOM   155  N NE1 . TRP A 1 22  ? 3.529   8.235   -6.446  1.00 15.92 ? 22  TRP A NE1 1 
ATOM   156  C CE2 . TRP A 1 22  ? 4.564   8.158   -5.553  1.00 16.14 ? 22  TRP A CE2 1 
ATOM   157  C CE3 . TRP A 1 22  ? 6.345   9.562   -4.736  1.00 16.71 ? 22  TRP A CE3 1 
ATOM   158  C CZ2 . TRP A 1 22  ? 4.958   7.108   -4.714  1.00 16.12 ? 22  TRP A CZ2 1 
ATOM   159  C CZ3 . TRP A 1 22  ? 6.733   8.515   -3.905  1.00 14.29 ? 22  TRP A CZ3 1 
ATOM   160  C CH2 . TRP A 1 22  ? 6.042   7.317   -3.902  1.00 13.93 ? 22  TRP A CH2 1 
ATOM   161  N N   . ARG A 1 23  ? 2.181   12.860  -7.804  1.00 22.56 ? 23  ARG A N   1 
ATOM   162  C CA  . ARG A 1 23  ? 0.811   12.728  -8.298  1.00 25.00 ? 23  ARG A CA  1 
ATOM   163  C C   . ARG A 1 23  ? 0.912   11.778  -9.459  1.00 24.38 ? 23  ARG A C   1 
ATOM   164  O O   . ARG A 1 23  ? 1.706   11.994  -10.362 1.00 27.24 ? 23  ARG A O   1 
ATOM   165  C CB  . ARG A 1 23  ? 0.263   14.070  -8.774  1.00 27.04 ? 23  ARG A CB  1 
ATOM   166  C CG  . ARG A 1 23  ? -1.186  14.032  -9.296  1.00 31.28 ? 23  ARG A CG  1 
ATOM   167  C CD  . ARG A 1 23  ? -1.525  15.366  -10.001 1.00 35.13 ? 23  ARG A CD  1 
ATOM   168  N NE  . ARG A 1 23  ? -2.095  15.191  -11.349 1.00 40.09 ? 23  ARG A NE  1 
ATOM   169  C CZ  . ARG A 1 23  ? -3.298  14.661  -11.597 1.00 41.22 ? 23  ARG A CZ  1 
ATOM   170  N NH1 . ARG A 1 23  ? -4.060  14.231  -10.589 1.00 41.92 ? 23  ARG A NH1 1 
ATOM   171  N NH2 . ARG A 1 23  ? -3.782  14.651  -12.840 1.00 42.59 ? 23  ARG A NH2 1 
ATOM   172  N N   . LEU A 1 24  ? 0.178   10.681  -9.400  1.00 23.56 ? 24  LEU A N   1 
ATOM   173  C CA  . LEU A 1 24  ? 0.231   9.671   -10.456 1.00 22.34 ? 24  LEU A CA  1 
ATOM   174  C C   . LEU A 1 24  ? -1.113  8.957   -10.436 1.00 22.80 ? 24  LEU A C   1 
ATOM   175  O O   . LEU A 1 24  ? -1.277  7.875   -9.848  1.00 20.99 ? 24  LEU A O   1 
ATOM   176  C CB  . LEU A 1 24  ? 1.418   8.704   -10.206 1.00 22.32 ? 24  LEU A CB  1 
ATOM   177  C CG  . LEU A 1 24  ? 1.622   7.437   -11.041 1.00 22.08 ? 24  LEU A CG  1 
ATOM   178  C CD1 . LEU A 1 24  ? 1.482   7.732   -12.510 1.00 24.42 ? 24  LEU A CD1 1 
ATOM   179  C CD2 . LEU A 1 24  ? 2.968   6.871   -10.786 1.00 19.81 ? 24  LEU A CD2 1 
ATOM   180  N N   . PRO A 1 25  ? -2.128  9.596   -11.048 1.00 23.67 ? 25  PRO A N   1 
ATOM   181  C CA  . PRO A 1 25  ? -3.489  9.056   -11.118 1.00 21.91 ? 25  PRO A CA  1 
ATOM   182  C C   . PRO A 1 25  ? -3.593  7.644   -11.729 1.00 20.42 ? 25  PRO A C   1 
ATOM   183  O O   . PRO A 1 25  ? -4.415  6.849   -11.298 1.00 21.76 ? 25  PRO A O   1 
ATOM   184  C CB  . PRO A 1 25  ? -4.249  10.131  -11.904 1.00 23.35 ? 25  PRO A CB  1 
ATOM   185  C CG  . PRO A 1 25  ? -3.217  10.782  -12.702 1.00 24.45 ? 25  PRO A CG  1 
ATOM   186  C CD  . PRO A 1 25  ? -2.013  10.859  -11.795 1.00 23.62 ? 25  PRO A CD  1 
ATOM   187  N N   . GLU A 1 26  ? -2.727  7.313   -12.678 1.00 19.26 ? 26  GLU A N   1 
ATOM   188  C CA  . GLU A 1 26  ? -2.732  5.988   -13.293 1.00 19.01 ? 26  GLU A CA  1 
ATOM   189  C C   . GLU A 1 26  ? -2.406  4.921   -12.243 1.00 17.90 ? 26  GLU A C   1 
ATOM   190  O O   . GLU A 1 26  ? -2.858  3.776   -12.356 1.00 17.36 ? 26  GLU A O   1 
ATOM   191  C CB  . GLU A 1 26  ? -1.704  5.896   -14.412 1.00 21.03 ? 26  GLU A CB  1 
ATOM   192  C CG  . GLU A 1 26  ? -1.988  6.808   -15.612 1.00 22.92 ? 26  GLU A CG  1 
ATOM   193  C CD  . GLU A 1 26  ? -1.343  8.182   -15.521 1.00 25.72 ? 26  GLU A CD  1 
ATOM   194  O OE1 . GLU A 1 26  ? -0.941  8.627   -14.430 1.00 26.05 ? 26  GLU A OE1 1 
ATOM   195  O OE2 . GLU A 1 26  ? -1.250  8.834   -16.579 1.00 26.49 ? 26  GLU A OE2 1 
ATOM   196  N N   . ASP A 1 27  ? -1.575  5.278   -11.267 1.00 16.62 ? 27  ASP A N   1 
ATOM   197  C CA  . ASP A 1 27  ? -1.257  4.324   -10.212 1.00 16.42 ? 27  ASP A CA  1 
ATOM   198  C C   . ASP A 1 27  ? -2.488  4.103   -9.323  1.00 16.62 ? 27  ASP A C   1 
ATOM   199  O O   . ASP A 1 27  ? -2.711  3.001   -8.820  1.00 16.23 ? 27  ASP A O   1 
ATOM   200  C CB  . ASP A 1 27  ? -0.047  4.755   -9.389  1.00 15.93 ? 27  ASP A CB  1 
ATOM   201  C CG  . ASP A 1 27  ? 0.142   3.890   -8.159  1.00 16.63 ? 27  ASP A CG  1 
ATOM   202  O OD1 . ASP A 1 27  ? 0.408   2.683   -8.307  1.00 16.47 ? 27  ASP A OD1 1 
ATOM   203  O OD2 . ASP A 1 27  ? -0.051  4.434   -7.053  1.00 17.36 ? 27  ASP A OD2 1 
ATOM   204  N N   . GLN A 1 28  ? -3.304  5.135   -9.151  1.00 16.02 ? 28  GLN A N   1 
ATOM   205  C CA  . GLN A 1 28  ? -4.516  4.975   -8.366  1.00 17.51 ? 28  GLN A CA  1 
ATOM   206  C C   . GLN A 1 28  ? -5.507  4.051   -9.053  1.00 16.88 ? 28  GLN A C   1 
ATOM   207  O O   . GLN A 1 28  ? -6.194  3.250   -8.404  1.00 15.98 ? 28  GLN A O   1 
ATOM   208  C CB  . GLN A 1 28  ? -5.154  6.310   -8.103  1.00 19.24 ? 28  GLN A CB  1 
ATOM   209  C CG  . GLN A 1 28  ? -4.451  7.053   -7.026  1.00 22.67 ? 28  GLN A CG  1 
ATOM   210  C CD  . GLN A 1 28  ? -5.215  8.258   -6.646  1.00 24.15 ? 28  GLN A CD  1 
ATOM   211  O OE1 . GLN A 1 28  ? -6.328  8.472   -7.147  1.00 27.31 ? 28  GLN A OE1 1 
ATOM   212  N NE2 . GLN A 1 28  ? -4.659  9.061   -5.747  1.00 24.28 ? 28  GLN A NE2 1 
ATOM   213  N N   . ALA A 1 29  ? -5.532  4.116   -10.383 1.00 16.35 ? 29  ALA A N   1 
ATOM   214  C CA  . ALA A 1 29  ? -6.418  3.263   -11.169 1.00 16.34 ? 29  ALA A CA  1 
ATOM   215  C C   . ALA A 1 29  ? -5.968  1.804   -10.997 1.00 15.10 ? 29  ALA A C   1 
ATOM   216  O O   . ALA A 1 29  ? -6.778  0.908   -10.823 1.00 16.32 ? 29  ALA A O   1 
ATOM   217  C CB  . ALA A 1 29  ? -6.374  3.694   -12.671 1.00 15.37 ? 29  ALA A CB  1 
ATOM   218  N N   . HIS A 1 30  ? -4.665  1.585   -11.063 1.00 15.61 ? 30  HIS A N   1 
ATOM   219  C CA  . HIS A 1 30  ? -4.051  0.272   -10.904 1.00 15.02 ? 30  HIS A CA  1 
ATOM   220  C C   . HIS A 1 30  ? -4.385  -0.280  -9.506  1.00 14.81 ? 30  HIS A C   1 
ATOM   221  O O   . HIS A 1 30  ? -4.762  -1.447  -9.349  1.00 14.41 ? 30  HIS A O   1 
ATOM   222  C CB  . HIS A 1 30  ? -2.530  0.427   -11.072 1.00 15.61 ? 30  HIS A CB  1 
ATOM   223  C CG  . HIS A 1 30  ? -1.751  -0.801  -10.720 1.00 17.31 ? 30  HIS A CG  1 
ATOM   224  N ND1 . HIS A 1 30  ? -1.848  -1.975  -11.437 1.00 18.83 ? 30  HIS A ND1 1 
ATOM   225  C CD2 . HIS A 1 30  ? -0.841  -1.029  -9.744  1.00 18.43 ? 30  HIS A CD2 1 
ATOM   226  C CE1 . HIS A 1 30  ? -1.025  -2.872  -10.922 1.00 18.13 ? 30  HIS A CE1 1 
ATOM   227  N NE2 . HIS A 1 30  ? -0.401  -2.322  -9.896  1.00 20.20 ? 30  HIS A NE2 1 
ATOM   228  N N   . PHE A 1 31  ? -4.237  0.581   -8.507  1.00 14.15 ? 31  PHE A N   1 
ATOM   229  C CA  . PHE A 1 31  ? -4.527  0.233   -7.118  1.00 14.83 ? 31  PHE A CA  1 
ATOM   230  C C   . PHE A 1 31  ? -5.979  -0.270  -7.014  1.00 15.41 ? 31  PHE A C   1 
ATOM   231  O O   . PHE A 1 31  ? -6.249  -1.347  -6.452  1.00 15.10 ? 31  PHE A O   1 
ATOM   232  C CB  . PHE A 1 31  ? -4.288  1.469   -6.234  1.00 13.44 ? 31  PHE A CB  1 
ATOM   233  C CG  . PHE A 1 31  ? -4.861  1.356   -4.850  1.00 13.07 ? 31  PHE A CG  1 
ATOM   234  C CD1 . PHE A 1 31  ? -4.148  0.719   -3.838  1.00 12.42 ? 31  PHE A CD1 1 
ATOM   235  C CD2 . PHE A 1 31  ? -6.109  1.899   -4.555  1.00 13.92 ? 31  PHE A CD2 1 
ATOM   236  C CE1 . PHE A 1 31  ? -4.659  0.623   -2.562  1.00 11.99 ? 31  PHE A CE1 1 
ATOM   237  C CE2 . PHE A 1 31  ? -6.642  1.816   -3.268  1.00 14.44 ? 31  PHE A CE2 1 
ATOM   238  C CZ  . PHE A 1 31  ? -5.917  1.177   -2.267  1.00 13.75 ? 31  PHE A CZ  1 
ATOM   239  N N   . ARG A 1 32  ? -6.896  0.478   -7.636  1.00 16.06 ? 32  ARG A N   1 
ATOM   240  C CA  . ARG A 1 32  ? -8.313  0.133   -7.639  1.00 17.39 ? 32  ARG A CA  1 
ATOM   241  C C   . ARG A 1 32  ? -8.532  -1.212  -8.295  1.00 19.06 ? 32  ARG A C   1 
ATOM   242  O O   . ARG A 1 32  ? -9.234  -2.071  -7.749  1.00 19.93 ? 32  ARG A O   1 
ATOM   243  C CB  . ARG A 1 32  ? -9.110  1.209   -8.366  1.00 18.03 ? 32  ARG A CB  1 
ATOM   244  C CG  . ARG A 1 32  ? -10.578 0.896   -8.430  1.00 21.04 ? 32  ARG A CG  1 
ATOM   245  C CD  . ARG A 1 32  ? -11.312 1.910   -9.261  1.00 26.11 ? 32  ARG A CD  1 
ATOM   246  N NE  . ARG A 1 32  ? -12.690 1.457   -9.474  1.00 32.58 ? 32  ARG A NE  1 
ATOM   247  C CZ  . ARG A 1 32  ? -13.756 1.777   -8.718  1.00 33.47 ? 32  ARG A CZ  1 
ATOM   248  N NH1 . ARG A 1 32  ? -13.649 2.585   -7.646  1.00 33.93 ? 32  ARG A NH1 1 
ATOM   249  N NH2 . ARG A 1 32  ? -14.956 1.272   -9.039  1.00 33.28 ? 32  ARG A NH2 1 
ATOM   250  N N   . GLU A 1 33  ? -7.907  -1.404  -9.458  1.00 18.62 ? 33  GLU A N   1 
ATOM   251  C CA  . GLU A 1 33  ? -7.992  -2.641  -10.213 1.00 19.95 ? 33  GLU A CA  1 
ATOM   252  C C   . GLU A 1 33  ? -7.539  -3.805  -9.382  1.00 19.94 ? 33  GLU A C   1 
ATOM   253  O O   . GLU A 1 33  ? -8.168  -4.849  -9.422  1.00 21.33 ? 33  GLU A O   1 
ATOM   254  C CB  . GLU A 1 33  ? -7.082  -2.605  -11.425 1.00 22.80 ? 33  GLU A CB  1 
ATOM   255  C CG  . GLU A 1 33  ? -7.445  -1.577  -12.499 1.00 30.46 ? 33  GLU A CG  1 
ATOM   256  C CD  . GLU A 1 33  ? -6.523  -1.662  -13.731 1.00 34.03 ? 33  GLU A CD  1 
ATOM   257  O OE1 . GLU A 1 33  ? -5.643  -2.577  -13.769 1.00 37.71 ? 33  GLU A OE1 1 
ATOM   258  O OE2 . GLU A 1 33  ? -6.677  -0.804  -14.649 1.00 37.40 ? 33  GLU A OE2 1 
ATOM   259  N N   . ILE A 1 34  ? -6.443  -3.655  -8.637  1.00 18.50 ? 34  ILE A N   1 
ATOM   260  C CA  . ILE A 1 34  ? -5.948  -4.776  -7.836  1.00 17.50 ? 34  ILE A CA  1 
ATOM   261  C C   . ILE A 1 34  ? -6.811  -5.068  -6.597  1.00 17.31 ? 34  ILE A C   1 
ATOM   262  O O   . ILE A 1 34  ? -7.207  -6.207  -6.357  1.00 17.47 ? 34  ILE A O   1 
ATOM   263  C CB  . ILE A 1 34  ? -4.455  -4.567  -7.406  1.00 17.05 ? 34  ILE A CB  1 
ATOM   264  C CG1 . ILE A 1 34  ? -3.503  -4.559  -8.623  1.00 17.38 ? 34  ILE A CG1 1 
ATOM   265  C CG2 . ILE A 1 34  ? -4.010  -5.664  -6.432  1.00 16.16 ? 34  ILE A CG2 1 
ATOM   266  C CD1 . ILE A 1 34  ? -3.321  -5.913  -9.269  1.00 18.27 ? 34  ILE A CD1 1 
ATOM   267  N N   . THR A 1 35  ? -7.178  -4.028  -5.868  1.00 15.79 ? 35  THR A N   1 
ATOM   268  C CA  . THR A 1 35  ? -7.906  -4.192  -4.613  1.00 15.49 ? 35  THR A CA  1 
ATOM   269  C C   . THR A 1 35  ? -9.425  -4.334  -4.638  1.00 17.12 ? 35  THR A C   1 
ATOM   270  O O   . THR A 1 35  ? -9.999  -4.871  -3.704  1.00 17.02 ? 35  THR A O   1 
ATOM   271  C CB  . THR A 1 35  ? -7.584  -3.029  -3.683  1.00 14.09 ? 35  THR A CB  1 
ATOM   272  O OG1 . THR A 1 35  ? -8.014  -1.811  -4.298  1.00 14.08 ? 35  THR A OG1 1 
ATOM   273  C CG2 . THR A 1 35  ? -6.076  -2.940  -3.425  1.00 14.25 ? 35  THR A CG2 1 
ATOM   274  N N   . MET A 1 36  ? -10.080 -3.874  -5.704  1.00 18.55 ? 36  MET A N   1 
ATOM   275  C CA  . MET A 1 36  ? -11.544 -3.916  -5.763  1.00 17.75 ? 36  MET A CA  1 
ATOM   276  C C   . MET A 1 36  ? -12.132 -5.297  -5.460  1.00 16.82 ? 36  MET A C   1 
ATOM   277  O O   . MET A 1 36  ? -11.594 -6.319  -5.879  1.00 15.52 ? 36  MET A O   1 
ATOM   278  C CB  . MET A 1 36  ? -12.034 -3.397  -7.120  1.00 19.63 ? 36  MET A CB  1 
ATOM   279  C CG  . MET A 1 36  ? -13.534 -3.298  -7.211  1.00 22.04 ? 36  MET A CG  1 
ATOM   280  S SD  . MET A 1 36  ? -14.247 -2.099  -6.124  1.00 26.47 ? 36  MET A SD  1 
ATOM   281  C CE  . MET A 1 36  ? -13.487 -0.719  -6.642  1.00 22.53 ? 36  MET A CE  1 
ATOM   282  N N   . GLY A 1 37  ? -13.197 -5.313  -4.665  1.00 16.76 ? 37  GLY A N   1 
ATOM   283  C CA  . GLY A 1 37  ? -13.832 -6.569  -4.307  1.00 16.48 ? 37  GLY A CA  1 
ATOM   284  C C   . GLY A 1 37  ? -13.141 -7.392  -3.220  1.00 18.04 ? 37  GLY A C   1 
ATOM   285  O O   . GLY A 1 37  ? -13.641 -8.462  -2.870  1.00 18.88 ? 37  GLY A O   1 
ATOM   286  N N   . HIS A 1 38  ? -12.065 -6.878  -2.617  1.00 16.67 ? 38  HIS A N   1 
ATOM   287  C CA  . HIS A 1 38  ? -11.337 -7.636  -1.597  1.00 15.50 ? 38  HIS A CA  1 
ATOM   288  C C   . HIS A 1 38  ? -11.258 -6.901  -0.290  1.00 14.94 ? 38  HIS A C   1 
ATOM   289  O O   . HIS A 1 38  ? -11.729 -5.791  -0.161  1.00 16.03 ? 38  HIS A O   1 
ATOM   290  C CB  . HIS A 1 38  ? -9.899  -7.901  -2.062  1.00 17.57 ? 38  HIS A CB  1 
ATOM   291  C CG  . HIS A 1 38  ? -9.803  -8.629  -3.364  1.00 19.71 ? 38  HIS A CG  1 
ATOM   292  N ND1 . HIS A 1 38  ? -10.466 -9.816  -3.604  1.00 21.25 ? 38  HIS A ND1 1 
ATOM   293  C CD2 . HIS A 1 38  ? -9.206  -8.293  -4.528  1.00 18.58 ? 38  HIS A CD2 1 
ATOM   294  C CE1 . HIS A 1 38  ? -10.296 -10.170 -4.864  1.00 20.80 ? 38  HIS A CE1 1 
ATOM   295  N NE2 . HIS A 1 38  ? -9.533  -9.262  -5.445  1.00 21.33 ? 38  HIS A NE2 1 
ATOM   296  N N   . THR A 1 39  ? -10.669 -7.546  0.698   1.00 14.74 ? 39  THR A N   1 
ATOM   297  C CA  . THR A 1 39  ? -10.472 -6.922  1.989   1.00 14.20 ? 39  THR A CA  1 
ATOM   298  C C   . THR A 1 39  ? -9.158  -6.166  1.885   1.00 13.73 ? 39  THR A C   1 
ATOM   299  O O   . THR A 1 39  ? -8.200  -6.664  1.295   1.00 13.28 ? 39  THR A O   1 
ATOM   300  C CB  . THR A 1 39  ? -10.311 -7.970  3.089   1.00 14.86 ? 39  THR A CB  1 
ATOM   301  O OG1 . THR A 1 39  ? -11.530 -8.703  3.212   1.00 16.27 ? 39  THR A OG1 1 
ATOM   302  C CG2 . THR A 1 39  ? -9.970  -7.327  4.416   1.00 13.38 ? 39  THR A CG2 1 
ATOM   303  N N   . ILE A 1 40  ? -9.140  -4.936  2.377   1.00 14.13 ? 40  ILE A N   1 
ATOM   304  C CA  . ILE A 1 40  ? -7.911  -4.142  2.406   1.00 13.76 ? 40  ILE A CA  1 
ATOM   305  C C   . ILE A 1 40  ? -7.567  -3.842  3.872   1.00 13.03 ? 40  ILE A C   1 
ATOM   306  O O   . ILE A 1 40  ? -8.456  -3.607  4.691   1.00 15.30 ? 40  ILE A O   1 
ATOM   307  C CB  . ILE A 1 40  ? -8.012  -2.843  1.558   1.00 13.52 ? 40  ILE A CB  1 
ATOM   308  C CG1 . ILE A 1 40  ? -9.205  -1.982  2.003   1.00 13.18 ? 40  ILE A CG1 1 
ATOM   309  C CG2 . ILE A 1 40  ? -8.133  -3.227  0.076   1.00 12.78 ? 40  ILE A CG2 1 
ATOM   310  C CD1 . ILE A 1 40  ? -9.302  -0.601  1.337   1.00 12.06 ? 40  ILE A CD1 1 
ATOM   311  N N   . VAL A 1 41  ? -6.281  -3.899  4.204   1.00 13.67 ? 41  VAL A N   1 
ATOM   312  C CA  . VAL A 1 41  ? -5.775  -3.647  5.552   1.00 12.63 ? 41  VAL A CA  1 
ATOM   313  C C   . VAL A 1 41  ? -4.834  -2.470  5.514   1.00 12.18 ? 41  VAL A C   1 
ATOM   314  O O   . VAL A 1 41  ? -3.943  -2.405  4.678   1.00 11.50 ? 41  VAL A O   1 
ATOM   315  C CB  . VAL A 1 41  ? -5.010  -4.877  6.070   1.00 12.32 ? 41  VAL A CB  1 
ATOM   316  C CG1 . VAL A 1 41  ? -4.375  -4.582  7.437   1.00 13.12 ? 41  VAL A CG1 1 
ATOM   317  C CG2 . VAL A 1 41  ? -5.980  -6.040  6.200   1.00 14.37 ? 41  VAL A CG2 1 
ATOM   318  N N   . MET A 1 42  ? -5.011  -1.532  6.421   1.00 12.31 ? 42  MET A N   1 
ATOM   319  C CA  . MET A 1 42  ? -4.137  -0.381  6.451   1.00 12.47 ? 42  MET A CA  1 
ATOM   320  C C   . MET A 1 42  ? -3.904  0.081   7.893   1.00 13.24 ? 42  MET A C   1 
ATOM   321  O O   . MET A 1 42  ? -4.711  -0.176  8.783   1.00 13.68 ? 42  MET A O   1 
ATOM   322  C CB  . MET A 1 42  ? -4.759  0.769   5.646   1.00 12.08 ? 42  MET A CB  1 
ATOM   323  C CG  . MET A 1 42  ? -5.970  1.410   6.361   1.00 13.25 ? 42  MET A CG  1 
ATOM   324  S SD  . MET A 1 42  ? -7.046  2.399   5.283   1.00 14.83 ? 42  MET A SD  1 
ATOM   325  C CE  . MET A 1 42  ? -8.073  1.050   4.611   1.00 13.84 ? 42  MET A CE  1 
ATOM   326  N N   . GLY A 1 43  ? -2.789  0.776   8.102   1.00 14.03 ? 43  GLY A N   1 
ATOM   327  C CA  . GLY A 1 43  ? -2.489  1.337   9.406   1.00 13.59 ? 43  GLY A CA  1 
ATOM   328  C C   . GLY A 1 43  ? -3.369  2.550   9.593   1.00 14.82 ? 43  GLY A C   1 
ATOM   329  O O   . GLY A 1 43  ? -3.920  3.109   8.632   1.00 14.01 ? 43  GLY A O   1 
ATOM   330  N N   . ARG A 1 44  ? -3.520  2.978   10.837  1.00 15.88 ? 44  ARG A N   1 
ATOM   331  C CA  . ARG A 1 44  ? -4.391  4.120   11.110  1.00 17.54 ? 44  ARG A CA  1 
ATOM   332  C C   . ARG A 1 44  ? -3.980  5.411   10.390  1.00 16.65 ? 44  ARG A C   1 
ATOM   333  O O   . ARG A 1 44  ? -4.845  6.210   9.966   1.00 17.65 ? 44  ARG A O   1 
ATOM   334  C CB  . ARG A 1 44  ? -4.535  4.342   12.633  1.00 17.97 ? 44  ARG A CB  1 
ATOM   335  C CG  . ARG A 1 44  ? -5.580  5.413   12.999  1.00 18.08 ? 44  ARG A CG  1 
ATOM   336  C CD  . ARG A 1 44  ? -4.988  6.807   13.129  1.00 18.10 ? 44  ARG A CD  1 
ATOM   337  N NE  . ARG A 1 44  ? -3.861  6.789   14.062  1.00 20.02 ? 44  ARG A NE  1 
ATOM   338  C CZ  . ARG A 1 44  ? -2.942  7.742   14.146  1.00 20.12 ? 44  ARG A CZ  1 
ATOM   339  N NH1 . ARG A 1 44  ? -3.000  8.816   13.371  1.00 21.40 ? 44  ARG A NH1 1 
ATOM   340  N NH2 . ARG A 1 44  ? -1.914  7.592   14.969  1.00 22.32 ? 44  ARG A NH2 1 
ATOM   341  N N   . ARG A 1 45  ? -2.671  5.641   10.251  1.00 16.79 ? 45  ARG A N   1 
ATOM   342  C CA  . ARG A 1 45  ? -2.236  6.853   9.566   1.00 16.40 ? 45  ARG A CA  1 
ATOM   343  C C   . ARG A 1 45  ? -2.628  6.813   8.105   1.00 15.87 ? 45  ARG A C   1 
ATOM   344  O O   . ARG A 1 45  ? -2.981  7.843   7.531   1.00 17.06 ? 45  ARG A O   1 
ATOM   345  C CB  . ARG A 1 45  ? -0.744  7.056   9.689   1.00 16.27 ? 45  ARG A CB  1 
ATOM   346  C CG  . ARG A 1 45  ? -0.336  7.421   11.064  1.00 18.13 ? 45  ARG A CG  1 
ATOM   347  C CD  . ARG A 1 45  ? 1.133   7.665   11.064  1.00 18.93 ? 45  ARG A CD  1 
ATOM   348  N NE  . ARG A 1 45  ? 1.607   8.056   12.378  1.00 21.81 ? 45  ARG A NE  1 
ATOM   349  C CZ  . ARG A 1 45  ? 2.839   7.837   12.791  1.00 23.60 ? 45  ARG A CZ  1 
ATOM   350  N NH1 . ARG A 1 45  ? 3.699   7.214   11.993  1.00 22.88 ? 45  ARG A NH1 1 
ATOM   351  N NH2 . ARG A 1 45  ? 3.239   8.339   13.957  1.00 25.96 ? 45  ARG A NH2 1 
ATOM   352  N N   . THR A 1 46  ? -2.525  5.643   7.483   1.00 14.40 ? 46  THR A N   1 
ATOM   353  C CA  . THR A 1 46  ? -2.931  5.525   6.091   1.00 14.53 ? 46  THR A CA  1 
ATOM   354  C C   . THR A 1 46  ? -4.425  5.812   5.976   1.00 14.03 ? 46  THR A C   1 
ATOM   355  O O   . THR A 1 46  ? -4.831  6.493   5.077   1.00 13.47 ? 46  THR A O   1 
ATOM   356  C CB  . THR A 1 46  ? -2.553  4.155   5.503   1.00 15.37 ? 46  THR A CB  1 
ATOM   357  O OG1 . THR A 1 46  ? -1.120  4.098   5.393   1.00 13.82 ? 46  THR A OG1 1 
ATOM   358  C CG2 . THR A 1 46  ? -3.164  3.979   4.084   1.00 13.97 ? 46  THR A CG2 1 
ATOM   359  N N   . TRP A 1 47  ? -5.224  5.315   6.910   1.00 15.04 ? 47  TRP A N   1 
ATOM   360  C CA  . TRP A 1 47  ? -6.659  5.590   6.918   1.00 17.29 ? 47  TRP A CA  1 
ATOM   361  C C   . TRP A 1 47  ? -6.886  7.115   6.941   1.00 18.34 ? 47  TRP A C   1 
ATOM   362  O O   . TRP A 1 47  ? -7.620  7.656   6.095   1.00 17.71 ? 47  TRP A O   1 
ATOM   363  C CB  . TRP A 1 47  ? -7.320  4.942   8.140   1.00 16.39 ? 47  TRP A CB  1 
ATOM   364  C CG  . TRP A 1 47  ? -8.777  5.372   8.351   1.00 17.99 ? 47  TRP A CG  1 
ATOM   365  C CD1 . TRP A 1 47  ? -9.213  6.298   9.241   1.00 18.77 ? 47  TRP A CD1 1 
ATOM   366  C CD2 . TRP A 1 47  ? -9.966  4.889   7.662   1.00 18.24 ? 47  TRP A CD2 1 
ATOM   367  N NE1 . TRP A 1 47  ? -10.584 6.423   9.161   1.00 19.56 ? 47  TRP A NE1 1 
ATOM   368  C CE2 . TRP A 1 47  ? -11.069 5.570   8.210   1.00 18.30 ? 47  TRP A CE2 1 
ATOM   369  C CE3 . TRP A 1 47  ? -10.197 3.957   6.642   1.00 16.62 ? 47  TRP A CE3 1 
ATOM   370  C CZ2 . TRP A 1 47  ? -12.376 5.342   7.782   1.00 16.96 ? 47  TRP A CZ2 1 
ATOM   371  C CZ3 . TRP A 1 47  ? -11.503 3.741   6.213   1.00 14.51 ? 47  TRP A CZ3 1 
ATOM   372  C CH2 . TRP A 1 47  ? -12.564 4.422   6.781   1.00 15.18 ? 47  TRP A CH2 1 
ATOM   373  N N   . ASP A 1 48  ? -6.243  7.799   7.895   1.00 18.71 ? 48  ASP A N   1 
ATOM   374  C CA  . ASP A 1 48  ? -6.352  9.256   8.028   1.00 19.94 ? 48  ASP A CA  1 
ATOM   375  C C   . ASP A 1 48  ? -6.000  9.982   6.754   1.00 20.02 ? 48  ASP A C   1 
ATOM   376  O O   . ASP A 1 48  ? -6.637  10.972  6.408   1.00 21.39 ? 48  ASP A O   1 
ATOM   377  C CB  . ASP A 1 48  ? -5.450  9.781   9.133   1.00 20.54 ? 48  ASP A CB  1 
ATOM   378  C CG  . ASP A 1 48  ? -5.926  9.386   10.513  1.00 22.19 ? 48  ASP A CG  1 
ATOM   379  O OD1 . ASP A 1 48  ? -5.140  9.578   11.455  1.00 26.31 ? 48  ASP A OD1 1 
ATOM   380  O OD2 . ASP A 1 48  ? -7.055  8.866   10.680  1.00 24.88 ? 48  ASP A OD2 1 
ATOM   381  N N   . SER A 1 49  ? -5.005  9.470   6.031   1.00 19.56 ? 49  SER A N   1 
ATOM   382  C CA  . SER A 1 49  ? -4.556  10.074  4.785   1.00 19.35 ? 49  SER A CA  1 
ATOM   383  C C   . SER A 1 49  ? -5.504  9.908   3.607   1.00 19.98 ? 49  SER A C   1 
ATOM   384  O O   . SER A 1 49  ? -5.311  10.550  2.582   1.00 21.29 ? 49  SER A O   1 
ATOM   385  C CB  . SER A 1 49  ? -3.173  9.547   4.384   1.00 18.53 ? 49  SER A CB  1 
ATOM   386  O OG  . SER A 1 49  ? -3.249  8.249   3.816   1.00 19.67 ? 49  SER A OG  1 
ATOM   387  N N   . LEU A 1 50  ? -6.480  9.005   3.701   1.00 19.91 ? 50  LEU A N   1 
ATOM   388  C CA  . LEU A 1 50  ? -7.407  8.817   2.569   1.00 20.13 ? 50  LEU A CA  1 
ATOM   389  C C   . LEU A 1 50  ? -8.279  10.054  2.390   1.00 21.04 ? 50  LEU A C   1 
ATOM   390  O O   . LEU A 1 50  ? -8.679  10.677  3.369   1.00 23.13 ? 50  LEU A O   1 
ATOM   391  C CB  . LEU A 1 50  ? -8.321  7.586   2.772   1.00 17.29 ? 50  LEU A CB  1 
ATOM   392  C CG  . LEU A 1 50  ? -7.655  6.206   2.742   1.00 15.13 ? 50  LEU A CG  1 
ATOM   393  C CD1 . LEU A 1 50  ? -8.689  5.153   3.073   1.00 16.19 ? 50  LEU A CD1 1 
ATOM   394  C CD2 . LEU A 1 50  ? -7.015  5.929   1.412   1.00 14.33 ? 50  LEU A CD2 1 
ATOM   395  N N   . PRO A 1 51  ? -8.481  10.494  1.145   1.00 21.95 ? 51  PRO A N   1 
ATOM   396  C CA  . PRO A 1 51  ? -9.342  11.665  1.010   1.00 22.09 ? 51  PRO A CA  1 
ATOM   397  C C   . PRO A 1 51  ? -10.728 11.226  1.515   1.00 23.03 ? 51  PRO A C   1 
ATOM   398  O O   . PRO A 1 51  ? -11.136 10.063  1.362   1.00 22.76 ? 51  PRO A O   1 
ATOM   399  C CB  . PRO A 1 51  ? -9.353  11.906  -0.501  1.00 22.36 ? 51  PRO A CB  1 
ATOM   400  C CG  . PRO A 1 51  ? -8.072  11.361  -0.963  1.00 20.66 ? 51  PRO A CG  1 
ATOM   401  C CD  . PRO A 1 51  ? -7.910  10.097  -0.151  1.00 21.63 ? 51  PRO A CD  1 
ATOM   402  N N   . ALA A 1 52  ? -11.433 12.155  2.147   1.00 24.95 ? 52  ALA A N   1 
ATOM   403  C CA  . ALA A 1 52  ? -12.765 11.893  2.698   1.00 25.86 ? 52  ALA A CA  1 
ATOM   404  C C   . ALA A 1 52  ? -13.759 11.249  1.716   1.00 26.23 ? 52  ALA A C   1 
ATOM   405  O O   . ALA A 1 52  ? -14.605 10.430  2.118   1.00 25.75 ? 52  ALA A O   1 
ATOM   406  C CB  . ALA A 1 52  ? -13.351 13.187  3.253   1.00 26.03 ? 52  ALA A CB  1 
ATOM   407  N N   . LYS A 1 53  ? -13.655 11.602  0.435   1.00 27.20 ? 53  LYS A N   1 
ATOM   408  C CA  . LYS A 1 53  ? -14.576 11.044  -0.550  1.00 28.69 ? 53  LYS A CA  1 
ATOM   409  C C   . LYS A 1 53  ? -14.381 9.545   -0.810  1.00 27.07 ? 53  LYS A C   1 
ATOM   410  O O   . LYS A 1 53  ? -15.286 8.883   -1.323  1.00 27.92 ? 53  LYS A O   1 
ATOM   411  C CB  . LYS A 1 53  ? -14.587 11.871  -1.836  1.00 31.12 ? 53  LYS A CB  1 
ATOM   412  C CG  . LYS A 1 53  ? -13.230 12.147  -2.433  1.00 35.26 ? 53  LYS A CG  1 
ATOM   413  C CD  . LYS A 1 53  ? -13.313 13.154  -3.604  1.00 38.51 ? 53  LYS A CD  1 
ATOM   414  C CE  . LYS A 1 53  ? -11.928 13.326  -4.283  1.00 40.20 ? 53  LYS A CE  1 
ATOM   415  N NZ  . LYS A 1 53  ? -11.452 11.996  -4.805  1.00 40.41 ? 53  LYS A NZ  1 
ATOM   416  N N   . VAL A 1 54  ? -13.230 9.001   -0.419  1.00 24.97 ? 54  VAL A N   1 
ATOM   417  C CA  . VAL A 1 54  ? -12.998 7.573   -0.591  1.00 23.37 ? 54  VAL A CA  1 
ATOM   418  C C   . VAL A 1 54  ? -12.550 6.945   0.704   1.00 22.69 ? 54  VAL A C   1 
ATOM   419  O O   . VAL A 1 54  ? -11.726 6.041   0.713   1.00 22.47 ? 54  VAL A O   1 
ATOM   420  C CB  . VAL A 1 54  ? -11.970 7.266   -1.674  1.00 23.01 ? 54  VAL A CB  1 
ATOM   421  C CG1 . VAL A 1 54  ? -12.518 7.644   -3.024  1.00 23.06 ? 54  VAL A CG1 1 
ATOM   422  C CG2 . VAL A 1 54  ? -10.656 8.001   -1.379  1.00 24.48 ? 54  VAL A CG2 1 
ATOM   423  N N   . ARG A 1 55  ? -13.069 7.461   1.809   1.00 21.77 ? 55  ARG A N   1 
ATOM   424  C CA  . ARG A 1 55  ? -12.758 6.923   3.118   1.00 22.01 ? 55  ARG A CA  1 
ATOM   425  C C   . ARG A 1 55  ? -14.110 6.571   3.710   1.00 21.48 ? 55  ARG A C   1 
ATOM   426  O O   . ARG A 1 55  ? -14.846 7.463   4.118   1.00 24.45 ? 55  ARG A O   1 
ATOM   427  C CB  . ARG A 1 55  ? -12.052 7.967   3.977   1.00 21.29 ? 55  ARG A CB  1 
ATOM   428  C CG  . ARG A 1 55  ? -11.411 7.388   5.208   1.00 22.35 ? 55  ARG A CG  1 
ATOM   429  C CD  . ARG A 1 55  ? -10.597 8.397   5.974   1.00 22.54 ? 55  ARG A CD  1 
ATOM   430  N NE  . ARG A 1 55  ? -11.437 9.426   6.542   1.00 24.60 ? 55  ARG A NE  1 
ATOM   431  C CZ  . ARG A 1 55  ? -11.326 10.727  6.283   1.00 26.17 ? 55  ARG A CZ  1 
ATOM   432  N NH1 . ARG A 1 55  ? -10.387 11.192  5.465   1.00 26.73 ? 55  ARG A NH1 1 
ATOM   433  N NH2 . ARG A 1 55  ? -12.215 11.575  6.798   1.00 27.89 ? 55  ARG A NH2 1 
ATOM   434  N N   . PRO A 1 56  ? -14.475 5.273   3.750   1.00 20.06 ? 56  PRO A N   1 
ATOM   435  C CA  . PRO A 1 56  ? -13.734 4.105   3.293   1.00 18.67 ? 56  PRO A CA  1 
ATOM   436  C C   . PRO A 1 56  ? -13.683 3.964   1.789   1.00 17.85 ? 56  PRO A C   1 
ATOM   437  O O   . PRO A 1 56  ? -14.474 4.567   1.079   1.00 17.68 ? 56  PRO A O   1 
ATOM   438  C CB  . PRO A 1 56  ? -14.523 2.962   3.902   1.00 18.34 ? 56  PRO A CB  1 
ATOM   439  C CG  . PRO A 1 56  ? -15.914 3.448   3.809   1.00 18.63 ? 56  PRO A CG  1 
ATOM   440  C CD  . PRO A 1 56  ? -15.779 4.860   4.304   1.00 19.28 ? 56  PRO A CD  1 
ATOM   441  N N   . LEU A 1 57  ? -12.733 3.173   1.307   1.00 17.53 ? 57  LEU A N   1 
ATOM   442  C CA  . LEU A 1 57  ? -12.605 2.928   -0.117  1.00 17.35 ? 57  LEU A CA  1 
ATOM   443  C C   . LEU A 1 57  ? -13.774 2.059   -0.497  1.00 16.84 ? 57  LEU A C   1 
ATOM   444  O O   . LEU A 1 57  ? -13.990 1.010   0.099   1.00 18.02 ? 57  LEU A O   1 
ATOM   445  C CB  . LEU A 1 57  ? -11.269 2.244   -0.422  1.00 16.36 ? 57  LEU A CB  1 
ATOM   446  C CG  . LEU A 1 57  ? -10.131 3.261   -0.392  1.00 16.48 ? 57  LEU A CG  1 
ATOM   447  C CD1 . LEU A 1 57  ? -8.804  2.577   -0.180  1.00 16.69 ? 57  LEU A CD1 1 
ATOM   448  C CD2 . LEU A 1 57  ? -10.136 4.071   -1.690  1.00 15.51 ? 57  LEU A CD2 1 
ATOM   449  N N   . PRO A 1 58  ? -14.565 2.490   -1.488  1.00 17.72 ? 58  PRO A N   1 
ATOM   450  C CA  . PRO A 1 58  ? -15.736 1.717   -1.912  1.00 17.09 ? 58  PRO A CA  1 
ATOM   451  C C   . PRO A 1 58  ? -15.463 0.397   -2.574  1.00 16.01 ? 58  PRO A C   1 
ATOM   452  O O   . PRO A 1 58  ? -14.462 0.224   -3.263  1.00 16.17 ? 58  PRO A O   1 
ATOM   453  C CB  . PRO A 1 58  ? -16.473 2.685   -2.853  1.00 17.85 ? 58  PRO A CB  1 
ATOM   454  C CG  . PRO A 1 58  ? -15.350 3.477   -3.464  1.00 18.81 ? 58  PRO A CG  1 
ATOM   455  C CD  . PRO A 1 58  ? -14.454 3.746   -2.248  1.00 17.73 ? 58  PRO A CD  1 
ATOM   456  N N   . GLY A 1 59  ? -16.370 -0.541  -2.333  1.00 15.62 ? 59  GLY A N   1 
ATOM   457  C CA  . GLY A 1 59  ? -16.273 -1.851  -2.930  1.00 14.49 ? 59  GLY A CA  1 
ATOM   458  C C   . GLY A 1 59  ? -15.270 -2.788  -2.310  1.00 15.00 ? 59  GLY A C   1 
ATOM   459  O O   . GLY A 1 59  ? -15.005 -3.855  -2.852  1.00 16.15 ? 59  GLY A O   1 
ATOM   460  N N   . ARG A 1 60  ? -14.725 -2.389  -1.164  1.00 15.29 ? 60  ARG A N   1 
ATOM   461  C CA  . ARG A 1 60  ? -13.726 -3.173  -0.439  1.00 13.54 ? 60  ARG A CA  1 
ATOM   462  C C   . ARG A 1 60  ? -14.039 -3.158  1.053   1.00 13.41 ? 60  ARG A C   1 
ATOM   463  O O   . ARG A 1 60  ? -14.643 -2.210  1.544   1.00 14.81 ? 60  ARG A O   1 
ATOM   464  C CB  . ARG A 1 60  ? -12.348 -2.559  -0.656  1.00 11.38 ? 60  ARG A CB  1 
ATOM   465  C CG  . ARG A 1 60  ? -11.722 -2.935  -2.000  1.00 12.39 ? 60  ARG A CG  1 
ATOM   466  C CD  . ARG A 1 60  ? -10.883 -1.807  -2.593  1.00 13.69 ? 60  ARG A CD  1 
ATOM   467  N NE  . ARG A 1 60  ? -11.699 -0.674  -3.008  1.00 13.55 ? 60  ARG A NE  1 
ATOM   468  C CZ  . ARG A 1 60  ? -11.267 0.351   -3.728  1.00 14.07 ? 60  ARG A CZ  1 
ATOM   469  N NH1 . ARG A 1 60  ? -10.005 0.400   -4.126  1.00 13.80 ? 60  ARG A NH1 1 
ATOM   470  N NH2 . ARG A 1 60  ? -12.105 1.342   -4.043  1.00 15.33 ? 60  ARG A NH2 1 
ATOM   471  N N   . ARG A 1 61  ? -13.695 -4.242  1.754   1.00 12.65 ? 61  ARG A N   1 
ATOM   472  C CA  . ARG A 1 61  ? -13.891 -4.299  3.187   1.00 13.20 ? 61  ARG A CA  1 
ATOM   473  C C   . ARG A 1 61  ? -12.656 -3.618  3.764   1.00 13.53 ? 61  ARG A C   1 
ATOM   474  O O   . ARG A 1 61  ? -11.549 -4.128  3.665   1.00 14.39 ? 61  ARG A O   1 
ATOM   475  C CB  . ARG A 1 61  ? -13.959 -5.743  3.669   1.00 13.42 ? 61  ARG A CB  1 
ATOM   476  C CG  . ARG A 1 61  ? -14.244 -5.833  5.169   1.00 12.00 ? 61  ARG A CG  1 
ATOM   477  C CD  . ARG A 1 61  ? -14.239 -7.267  5.586   1.00 13.75 ? 61  ARG A CD  1 
ATOM   478  N NE  . ARG A 1 61  ? -14.547 -7.444  7.014   1.00 15.59 ? 61  ARG A NE  1 
ATOM   479  C CZ  . ARG A 1 61  ? -14.423 -8.597  7.675   1.00 13.39 ? 61  ARG A CZ  1 
ATOM   480  N NH1 . ARG A 1 61  ? -14.006 -9.682  7.046   1.00 14.94 ? 61  ARG A NH1 1 
ATOM   481  N NH2 . ARG A 1 61  ? -14.711 -8.660  8.962   1.00 14.93 ? 61  ARG A NH2 1 
ATOM   482  N N   . ASN A 1 62  ? -12.853 -2.441  4.336   1.00 14.20 ? 62  ASN A N   1 
ATOM   483  C CA  . ASN A 1 62  ? -11.752 -1.641  4.899   1.00 14.00 ? 62  ASN A CA  1 
ATOM   484  C C   . ASN A 1 62  ? -11.481 -2.072  6.327   1.00 14.40 ? 62  ASN A C   1 
ATOM   485  O O   . ASN A 1 62  ? -12.397 -2.072  7.172   1.00 16.07 ? 62  ASN A O   1 
ATOM   486  C CB  . ASN A 1 62  ? -12.080 -0.131  4.878   1.00 13.71 ? 62  ASN A CB  1 
ATOM   487  C CG  . ASN A 1 62  ? -12.129 0.457   3.464   1.00 14.61 ? 62  ASN A CG  1 
ATOM   488  O OD1 . ASN A 1 62  ? -12.785 -0.086  2.554   1.00 16.85 ? 62  ASN A OD1 1 
ATOM   489  N ND2 . ASN A 1 62  ? -11.480 1.588   3.286   1.00 13.25 ? 62  ASN A ND2 1 
ATOM   490  N N   . VAL A 1 63  ? -10.214 -2.393  6.599   1.00 13.93 ? 63  VAL A N   1 
ATOM   491  C CA  . VAL A 1 63  ? -9.770  -2.810  7.929   1.00 13.33 ? 63  VAL A CA  1 
ATOM   492  C C   . VAL A 1 63  ? -8.621  -1.862  8.328   1.00 14.06 ? 63  VAL A C   1 
ATOM   493  O O   . VAL A 1 63  ? -7.657  -1.664  7.573   1.00 14.12 ? 63  VAL A O   1 
ATOM   494  C CB  . VAL A 1 63  ? -9.343  -4.309  7.910   1.00 13.05 ? 63  VAL A CB  1 
ATOM   495  C CG1 . VAL A 1 63  ? -8.797  -4.758  9.300   1.00 13.04 ? 63  VAL A CG1 1 
ATOM   496  C CG2 . VAL A 1 63  ? -10.547 -5.188  7.486   1.00 12.83 ? 63  VAL A CG2 1 
ATOM   497  N N   . VAL A 1 64  ? -8.731  -1.277  9.514   1.00 13.39 ? 64  VAL A N   1 
ATOM   498  C CA  . VAL A 1 64  ? -7.755  -0.318  9.985   1.00 13.59 ? 64  VAL A CA  1 
ATOM   499  C C   . VAL A 1 64  ? -7.131  -0.785  11.282  1.00 15.23 ? 64  VAL A C   1 
ATOM   500  O O   . VAL A 1 64  ? -7.843  -1.094  12.222  1.00 15.19 ? 64  VAL A O   1 
ATOM   501  C CB  . VAL A 1 64  ? -8.450  1.021   10.231  1.00 13.97 ? 64  VAL A CB  1 
ATOM   502  C CG1 . VAL A 1 64  ? -7.479  2.064   10.785  1.00 14.71 ? 64  VAL A CG1 1 
ATOM   503  C CG2 . VAL A 1 64  ? -9.085  1.527   8.926   1.00 12.35 ? 64  VAL A CG2 1 
ATOM   504  N N   . LEU A 1 65  ? -5.807  -0.886  11.315  1.00 15.52 ? 65  LEU A N   1 
ATOM   505  C CA  . LEU A 1 65  ? -5.080  -1.304  12.516  1.00 16.75 ? 65  LEU A CA  1 
ATOM   506  C C   . LEU A 1 65  ? -4.819  -0.090  13.378  1.00 17.87 ? 65  LEU A C   1 
ATOM   507  O O   . LEU A 1 65  ? -4.279  0.914   12.896  1.00 16.95 ? 65  LEU A O   1 
ATOM   508  C CB  . LEU A 1 65  ? -3.697  -1.840  12.164  1.00 18.96 ? 65  LEU A CB  1 
ATOM   509  C CG  . LEU A 1 65  ? -3.321  -3.294  12.080  1.00 21.59 ? 65  LEU A CG  1 
ATOM   510  C CD1 . LEU A 1 65  ? -3.473  -4.027  13.422  1.00 22.64 ? 65  LEU A CD1 1 
ATOM   511  C CD2 . LEU A 1 65  ? -4.225  -3.845  11.034  1.00 25.69 ? 65  LEU A CD2 1 
ATOM   512  N N   . SER A 1 66  ? -5.119  -0.204  14.669  1.00 18.56 ? 66  SER A N   1 
ATOM   513  C CA  . SER A 1 66  ? -4.875  0.881   15.599  1.00 18.79 ? 66  SER A CA  1 
ATOM   514  C C   . SER A 1 66  ? -4.672  0.277   16.969  1.00 20.61 ? 66  SER A C   1 
ATOM   515  O O   . SER A 1 66  ? -5.218  -0.785  17.271  1.00 20.22 ? 66  SER A O   1 
ATOM   516  C CB  . SER A 1 66  ? -6.069  1.797   15.670  1.00 18.62 ? 66  SER A CB  1 
ATOM   517  O OG  . SER A 1 66  ? -5.751  2.926   16.458  1.00 21.69 ? 66  SER A OG  1 
ATOM   518  N N   . ARG A 1 67  ? -3.842  0.919   17.778  1.00 22.56 ? 67  ARG A N   1 
ATOM   519  C CA  . ARG A 1 67  ? -3.623  0.428   19.141  1.00 25.04 ? 67  ARG A CA  1 
ATOM   520  C C   . ARG A 1 67  ? -4.608  1.105   20.086  1.00 27.34 ? 67  ARG A C   1 
ATOM   521  O O   . ARG A 1 67  ? -4.713  0.726   21.248  1.00 27.56 ? 67  ARG A O   1 
ATOM   522  C CB  . ARG A 1 67  ? -2.193  0.669   19.613  1.00 22.16 ? 67  ARG A CB  1 
ATOM   523  C CG  . ARG A 1 67  ? -1.194  -0.284  19.022  1.00 22.64 ? 67  ARG A CG  1 
ATOM   524  C CD  . ARG A 1 67  ? 0.063   -0.331  19.872  1.00 23.53 ? 67  ARG A CD  1 
ATOM   525  N NE  . ARG A 1 67  ? 1.126   -1.054  19.188  1.00 25.26 ? 67  ARG A NE  1 
ATOM   526  C CZ  . ARG A 1 67  ? 1.908   -0.515  18.257  1.00 23.99 ? 67  ARG A CZ  1 
ATOM   527  N NH1 . ARG A 1 67  ? 1.747   0.749   17.911  1.00 24.76 ? 67  ARG A NH1 1 
ATOM   528  N NH2 . ARG A 1 67  ? 2.820   -1.251  17.644  1.00 26.93 ? 67  ARG A NH2 1 
ATOM   529  N N   . GLN A 1 68  ? -5.326  2.104   19.571  1.00 29.31 ? 68  GLN A N   1 
ATOM   530  C CA  . GLN A 1 68  ? -6.307  2.838   20.350  1.00 31.65 ? 68  GLN A CA  1 
ATOM   531  C C   . GLN A 1 68  ? -7.622  2.107   20.555  1.00 34.67 ? 68  GLN A C   1 
ATOM   532  O O   . GLN A 1 68  ? -8.286  1.665   19.587  1.00 35.66 ? 68  GLN A O   1 
ATOM   533  C CB  . GLN A 1 68  ? -6.595  4.185   19.729  1.00 30.87 ? 68  GLN A CB  1 
ATOM   534  C CG  . GLN A 1 68  ? -5.389  5.056   19.567  1.00 31.42 ? 68  GLN A CG  1 
ATOM   535  C CD  . GLN A 1 68  ? -5.698  6.263   18.721  1.00 31.91 ? 68  GLN A CD  1 
ATOM   536  O OE1 . GLN A 1 68  ? -6.662  6.990   18.999  1.00 32.64 ? 68  GLN A OE1 1 
ATOM   537  N NE2 . GLN A 1 68  ? -4.912  6.473   17.659  1.00 29.47 ? 68  GLN A NE2 1 
ATOM   538  N N   . ALA A 1 69  ? -8.023  2.105   21.831  1.00 37.27 ? 69  ALA A N   1 
ATOM   539  C CA  . ALA A 1 69  ? -9.241  1.480   22.360  1.00 38.43 ? 69  ALA A CA  1 
ATOM   540  C C   . ALA A 1 69  ? -10.453 1.509   21.424  1.00 39.19 ? 69  ALA A C   1 
ATOM   541  O O   . ALA A 1 69  ? -10.851 0.498   20.829  1.00 39.02 ? 69  ALA A O   1 
ATOM   542  C CB  . ALA A 1 69  ? -9.604  2.145   23.721  1.00 38.38 ? 69  ALA A CB  1 
ATOM   543  N N   . ASP A 1 70  ? -11.066 2.673   21.335  1.00 40.10 ? 70  ASP A N   1 
ATOM   544  C CA  . ASP A 1 70  ? -12.223 2.836   20.486  1.00 40.45 ? 70  ASP A CA  1 
ATOM   545  C C   . ASP A 1 70  ? -11.791 3.853   19.438  1.00 39.17 ? 70  ASP A C   1 
ATOM   546  O O   . ASP A 1 70  ? -12.219 5.016   19.487  1.00 40.52 ? 70  ASP A O   1 
ATOM   547  C CB  . ASP A 1 70  ? -13.426 3.317   21.353  1.00 43.00 ? 70  ASP A CB  1 
ATOM   548  C CG  . ASP A 1 70  ? -14.692 3.707   20.531  1.00 46.11 ? 70  ASP A CG  1 
ATOM   549  O OD1 . ASP A 1 70  ? -14.908 3.197   19.398  1.00 48.57 ? 70  ASP A OD1 1 
ATOM   550  O OD2 . ASP A 1 70  ? -15.489 4.538   21.051  1.00 47.38 ? 70  ASP A OD2 1 
ATOM   551  N N   . PHE A 1 71  ? -10.836 3.484   18.573  1.00 36.84 ? 71  PHE A N   1 
ATOM   552  C CA  . PHE A 1 71  ? -10.471 4.442   17.524  1.00 34.78 ? 71  PHE A CA  1 
ATOM   553  C C   . PHE A 1 71  ? -11.719 4.427   16.651  1.00 34.37 ? 71  PHE A C   1 
ATOM   554  O O   . PHE A 1 71  ? -12.349 3.379   16.511  1.00 35.53 ? 71  PHE A O   1 
ATOM   555  C CB  . PHE A 1 71  ? -9.252  4.004   16.692  1.00 31.65 ? 71  PHE A CB  1 
ATOM   556  C CG  . PHE A 1 71  ? -9.045  4.836   15.439  1.00 29.68 ? 71  PHE A CG  1 
ATOM   557  C CD1 . PHE A 1 71  ? -8.674  6.186   15.516  1.00 27.83 ? 71  PHE A CD1 1 
ATOM   558  C CD2 . PHE A 1 71  ? -9.240  4.283   14.172  1.00 28.33 ? 71  PHE A CD2 1 
ATOM   559  C CE1 . PHE A 1 71  ? -8.502  6.967   14.341  1.00 27.04 ? 71  PHE A CE1 1 
ATOM   560  C CE2 . PHE A 1 71  ? -9.064  5.067   13.011  1.00 26.41 ? 71  PHE A CE2 1 
ATOM   561  C CZ  . PHE A 1 71  ? -8.697  6.402   13.104  1.00 24.58 ? 71  PHE A CZ  1 
ATOM   562  N N   . MET A 1 72  ? -12.129 5.574   16.130  1.00 34.34 ? 72  MET A N   1 
ATOM   563  C CA  . MET A 1 72  ? -13.317 5.581   15.288  1.00 34.56 ? 72  MET A CA  1 
ATOM   564  C C   . MET A 1 72  ? -13.073 5.743   13.788  1.00 32.82 ? 72  MET A C   1 
ATOM   565  O O   . MET A 1 72  ? -12.518 6.745   13.330  1.00 32.12 ? 72  MET A O   1 
ATOM   566  C CB  . MET A 1 72  ? -14.345 6.595   15.806  1.00 39.09 ? 72  MET A CB  1 
ATOM   567  C CG  . MET A 1 72  ? -15.199 6.028   16.964  1.00 44.04 ? 72  MET A CG  1 
ATOM   568  S SD  . MET A 1 72  ? -16.258 7.242   17.780  1.00 51.20 ? 72  MET A SD  1 
ATOM   569  C CE  . MET A 1 72  ? -15.083 7.829   19.035  1.00 47.27 ? 72  MET A CE  1 
ATOM   570  N N   . ALA A 1 73  ? -13.472 4.722   13.031  1.00 30.58 ? 73  ALA A N   1 
ATOM   571  C CA  . ALA A 1 73  ? -13.321 4.732   11.583  1.00 27.78 ? 73  ALA A CA  1 
ATOM   572  C C   . ALA A 1 73  ? -14.635 4.270   10.979  1.00 26.27 ? 73  ALA A C   1 
ATOM   573  O O   . ALA A 1 73  ? -14.908 3.063   10.876  1.00 25.34 ? 73  ALA A O   1 
ATOM   574  C CB  . ALA A 1 73  ? -12.181 3.816   11.170  1.00 26.77 ? 73  ALA A CB  1 
ATOM   575  N N   . SER A 1 74  ? -15.469 5.232   10.619  1.00 25.91 ? 74  SER A N   1 
ATOM   576  C CA  . SER A 1 74  ? -16.766 4.888   10.058  1.00 25.87 ? 74  SER A CA  1 
ATOM   577  C C   . SER A 1 74  ? -16.684 4.207   8.698   1.00 23.73 ? 74  SER A C   1 
ATOM   578  O O   . SER A 1 74  ? -16.007 4.681   7.772   1.00 21.98 ? 74  SER A O   1 
ATOM   579  C CB  . SER A 1 74  ? -17.687 6.104   10.009  1.00 28.79 ? 74  SER A CB  1 
ATOM   580  O OG  . SER A 1 74  ? -17.103 7.135   9.237   1.00 32.98 ? 74  SER A OG  1 
ATOM   581  N N   . GLY A 1 75  ? -17.341 3.055   8.605   1.00 22.13 ? 75  GLY A N   1 
ATOM   582  C CA  . GLY A 1 75  ? -17.333 2.313   7.365   1.00 21.04 ? 75  GLY A CA  1 
ATOM   583  C C   . GLY A 1 75  ? -16.154 1.369   7.283   1.00 19.52 ? 75  GLY A C   1 
ATOM   584  O O   . GLY A 1 75  ? -15.909 0.750   6.263   1.00 18.96 ? 75  GLY A O   1 
ATOM   585  N N   . ALA A 1 76  ? -15.420 1.249   8.374   1.00 18.75 ? 76  ALA A N   1 
ATOM   586  C CA  . ALA A 1 76  ? -14.270 0.370   8.409   1.00 19.05 ? 76  ALA A CA  1 
ATOM   587  C C   . ALA A 1 76  ? -14.266 -0.429  9.685   1.00 18.51 ? 76  ALA A C   1 
ATOM   588  O O   . ALA A 1 76  ? -14.938 -0.085  10.651  1.00 19.61 ? 76  ALA A O   1 
ATOM   589  C CB  . ALA A 1 76  ? -12.968 1.191   8.309   1.00 18.50 ? 76  ALA A CB  1 
ATOM   590  N N   . GLU A 1 77  ? -13.562 -1.543  9.650   1.00 18.03 ? 77  GLU A N   1 
ATOM   591  C CA  . GLU A 1 77  ? -13.420 -2.395  10.803  1.00 18.32 ? 77  GLU A CA  1 
ATOM   592  C C   . GLU A 1 77  ? -12.090 -2.041  11.529  1.00 20.09 ? 77  GLU A C   1 
ATOM   593  O O   . GLU A 1 77  ? -11.005 -2.188  10.963  1.00 20.55 ? 77  GLU A O   1 
ATOM   594  C CB  . GLU A 1 77  ? -13.384 -3.846  10.349  1.00 17.98 ? 77  GLU A CB  1 
ATOM   595  C CG  . GLU A 1 77  ? -13.287 -4.805  11.506  1.00 20.28 ? 77  GLU A CG  1 
ATOM   596  C CD  . GLU A 1 77  ? -12.941 -6.189  11.088  1.00 22.40 ? 77  GLU A CD  1 
ATOM   597  O OE1 . GLU A 1 77  ? -13.535 -7.145  11.609  1.00 26.16 ? 77  GLU A OE1 1 
ATOM   598  O OE2 . GLU A 1 77  ? -12.053 -6.339  10.236  1.00 25.51 ? 77  GLU A OE2 1 
ATOM   599  N N   . VAL A 1 78  ? -12.164 -1.564  12.766  1.00 19.23 ? 78  VAL A N   1 
ATOM   600  C CA  . VAL A 1 78  ? -10.941 -1.251  13.498  1.00 19.57 ? 78  VAL A CA  1 
ATOM   601  C C   . VAL A 1 78  ? -10.500 -2.504  14.271  1.00 20.18 ? 78  VAL A C   1 
ATOM   602  O O   . VAL A 1 78  ? -11.330 -3.162  14.901  1.00 20.30 ? 78  VAL A O   1 
ATOM   603  C CB  . VAL A 1 78  ? -11.120 -0.020  14.457  1.00 19.72 ? 78  VAL A CB  1 
ATOM   604  C CG1 . VAL A 1 78  ? -9.817  0.260   15.266  1.00 19.34 ? 78  VAL A CG1 1 
ATOM   605  C CG2 . VAL A 1 78  ? -11.523 1.233   13.658  1.00 18.70 ? 78  VAL A CG2 1 
ATOM   606  N N   . VAL A 1 79  ? -9.228  -2.902  14.119  1.00 20.64 ? 79  VAL A N   1 
ATOM   607  C CA  . VAL A 1 79  ? -8.673  -4.072  14.831  1.00 20.91 ? 79  VAL A CA  1 
ATOM   608  C C   . VAL A 1 79  ? -7.395  -3.655  15.542  1.00 22.36 ? 79  VAL A C   1 
ATOM   609  O O   . VAL A 1 79  ? -6.810  -2.617  15.200  1.00 21.36 ? 79  VAL A O   1 
ATOM   610  C CB  . VAL A 1 79  ? -8.409  -5.291  13.920  1.00 20.29 ? 79  VAL A CB  1 
ATOM   611  C CG1 . VAL A 1 79  ? -9.740  -5.836  13.385  1.00 19.86 ? 79  VAL A CG1 1 
ATOM   612  C CG2 . VAL A 1 79  ? -7.477  -4.911  12.772  1.00 19.39 ? 79  VAL A CG2 1 
ATOM   613  N N   . GLY A 1 80  ? -6.998  -4.426  16.563  1.00 23.44 ? 80  GLY A N   1 
ATOM   614  C CA  . GLY A 1 80  ? -5.816  -4.071  17.346  1.00 23.83 ? 80  GLY A CA  1 
ATOM   615  C C   . GLY A 1 80  ? -4.581  -4.921  17.165  1.00 24.46 ? 80  GLY A C   1 
ATOM   616  O O   . GLY A 1 80  ? -3.558  -4.708  17.816  1.00 25.64 ? 80  GLY A O   1 
ATOM   617  N N   . SER A 1 81  ? -4.665  -5.893  16.280  1.00 25.74 ? 81  SER A N   1 
ATOM   618  C CA  . SER A 1 81  ? -3.535  -6.755  16.031  1.00 26.72 ? 81  SER A CA  1 
ATOM   619  C C   . SER A 1 81  ? -3.589  -7.219  14.579  1.00 27.41 ? 81  SER A C   1 
ATOM   620  O O   . SER A 1 81  ? -4.644  -7.170  13.935  1.00 25.90 ? 81  SER A O   1 
ATOM   621  C CB  . SER A 1 81  ? -3.595  -7.950  16.970  1.00 25.69 ? 81  SER A CB  1 
ATOM   622  O OG  . SER A 1 81  ? -4.697  -8.776  16.651  1.00 27.02 ? 81  SER A OG  1 
ATOM   623  N N   . LEU A 1 82  ? -2.445  -7.674  14.076  1.00 28.59 ? 82  LEU A N   1 
ATOM   624  C CA  . LEU A 1 82  ? -2.330  -8.155  12.709  1.00 29.79 ? 82  LEU A CA  1 
ATOM   625  C C   . LEU A 1 82  ? -3.147  -9.419  12.517  1.00 30.07 ? 82  LEU A C   1 
ATOM   626  O O   . LEU A 1 82  ? -3.761  -9.622  11.465  1.00 30.36 ? 82  LEU A O   1 
ATOM   627  C CB  . LEU A 1 82  ? -0.864  -8.429  12.363  1.00 29.84 ? 82  LEU A CB  1 
ATOM   628  C CG  . LEU A 1 82  ? -0.225  -7.679  11.198  1.00 29.83 ? 82  LEU A CG  1 
ATOM   629  C CD1 . LEU A 1 82  ? 0.627   -8.672  10.471  1.00 30.89 ? 82  LEU A CD1 1 
ATOM   630  C CD2 . LEU A 1 82  ? -1.236  -7.113  10.250  1.00 28.29 ? 82  LEU A CD2 1 
ATOM   631  N N   . GLU A 1 83  ? -3.145  -10.279 13.530  1.00 31.77 ? 83  GLU A N   1 
ATOM   632  C CA  . GLU A 1 83  ? -3.912  -11.526 13.479  1.00 32.29 ? 83  GLU A CA  1 
ATOM   633  C C   . GLU A 1 83  ? -5.415  -11.287 13.197  1.00 31.43 ? 83  GLU A C   1 
ATOM   634  O O   . GLU A 1 83  ? -6.016  -12.012 12.408  1.00 31.08 ? 83  GLU A O   1 
ATOM   635  C CB  . GLU A 1 83  ? -3.719  -12.326 14.783  1.00 34.76 ? 83  GLU A CB  1 
ATOM   636  C CG  . GLU A 1 83  ? -3.702  -11.470 16.091  1.00 38.27 ? 83  GLU A CG  1 
ATOM   637  C CD  . GLU A 1 83  ? -4.509  -12.082 17.279  1.00 40.45 ? 83  GLU A CD  1 
ATOM   638  O OE1 . GLU A 1 83  ? -5.165  -13.144 17.102  1.00 41.83 ? 83  GLU A OE1 1 
ATOM   639  O OE2 . GLU A 1 83  ? -4.508  -11.478 18.387  1.00 41.27 ? 83  GLU A OE2 1 
ATOM   640  N N   . GLU A 1 84  ? -6.013  -10.278 13.840  1.00 30.69 ? 84  GLU A N   1 
ATOM   641  C CA  . GLU A 1 84  ? -7.436  -9.964  13.638  1.00 31.29 ? 84  GLU A CA  1 
ATOM   642  C C   . GLU A 1 84  ? -7.650  -9.307  12.258  1.00 31.32 ? 84  GLU A C   1 
ATOM   643  O O   . GLU A 1 84  ? -8.729  -9.421  11.655  1.00 30.16 ? 84  GLU A O   1 
ATOM   644  C CB  . GLU A 1 84  ? -7.953  -8.989  14.705  1.00 33.15 ? 84  GLU A CB  1 
ATOM   645  C CG  . GLU A 1 84  ? -7.897  -9.407  16.182  1.00 35.02 ? 84  GLU A CG  1 
ATOM   646  C CD  . GLU A 1 84  ? -7.985  -8.176  17.110  1.00 37.40 ? 84  GLU A CD  1 
ATOM   647  O OE1 . GLU A 1 84  ? -7.006  -7.862  17.829  1.00 39.64 ? 84  GLU A OE1 1 
ATOM   648  O OE2 . GLU A 1 84  ? -9.025  -7.477  17.098  1.00 40.04 ? 84  GLU A OE2 1 
ATOM   649  N N   . ALA A 1 85  ? -6.618  -8.606  11.787  1.00 30.17 ? 85  ALA A N   1 
ATOM   650  C CA  . ALA A 1 85  ? -6.651  -7.913  10.500  1.00 30.77 ? 85  ALA A CA  1 
ATOM   651  C C   . ALA A 1 85  ? -6.500  -8.828  9.284   1.00 31.17 ? 85  ALA A C   1 
ATOM   652  O O   . ALA A 1 85  ? -7.213  -8.680  8.289   1.00 30.16 ? 85  ALA A O   1 
ATOM   653  C CB  . ALA A 1 85  ? -5.570  -6.842  10.460  1.00 29.00 ? 85  ALA A CB  1 
ATOM   654  N N   . LEU A 1 86  ? -5.595  -9.799  9.383   1.00 32.11 ? 86  LEU A N   1 
ATOM   655  C CA  . LEU A 1 86  ? -5.297  -10.696 8.272   1.00 32.87 ? 86  LEU A CA  1 
ATOM   656  C C   . LEU A 1 86  ? -6.088  -11.986 8.172   1.00 34.27 ? 86  LEU A C   1 
ATOM   657  O O   . LEU A 1 86  ? -5.569  -12.975 7.637   1.00 35.21 ? 86  LEU A O   1 
ATOM   658  C CB  . LEU A 1 86  ? -3.802  -11.025 8.286   1.00 31.46 ? 86  LEU A CB  1 
ATOM   659  C CG  . LEU A 1 86  ? -2.855  -9.835  8.305   1.00 31.89 ? 86  LEU A CG  1 
ATOM   660  C CD1 . LEU A 1 86  ? -1.440  -10.353 8.319   1.00 31.82 ? 86  LEU A CD1 1 
ATOM   661  C CD2 . LEU A 1 86  ? -3.088  -8.924  7.104   1.00 30.03 ? 86  LEU A CD2 1 
ATOM   662  N N   . THR A 1 87  ? -7.351  -11.977 8.610   1.00 35.58 ? 87  THR A N   1 
ATOM   663  C CA  . THR A 1 87  ? -8.169  -13.199 8.585   1.00 35.81 ? 87  THR A CA  1 
ATOM   664  C C   . THR A 1 87  ? -8.751  -13.574 7.234   1.00 36.28 ? 87  THR A C   1 
ATOM   665  O O   . THR A 1 87  ? -8.951  -14.760 6.962   1.00 36.74 ? 87  THR A O   1 
ATOM   666  C CB  . THR A 1 87  ? -9.320  -13.150 9.589   1.00 35.48 ? 87  THR A CB  1 
ATOM   667  O OG1 . THR A 1 87  ? -10.150 -12.039 9.287   1.00 35.99 ? 87  THR A OG1 1 
ATOM   668  C CG2 . THR A 1 87  ? -8.807  -12.981 10.984  1.00 36.00 ? 87  THR A CG2 1 
ATOM   669  N N   . SER A 1 88  ? -9.032  -12.585 6.384   1.00 36.10 ? 88  SER A N   1 
ATOM   670  C CA  . SER A 1 88  ? -9.593  -12.877 5.063   1.00 35.74 ? 88  SER A CA  1 
ATOM   671  C C   . SER A 1 88  ? -8.595  -13.592 4.150   1.00 35.92 ? 88  SER A C   1 
ATOM   672  O O   . SER A 1 88  ? -7.392  -13.329 4.195   1.00 36.27 ? 88  SER A O   1 
ATOM   673  C CB  . SER A 1 88  ? -10.076 -11.587 4.361   1.00 36.39 ? 88  SER A CB  1 
ATOM   674  O OG  . SER A 1 88  ? -11.117 -10.936 5.085   1.00 36.11 ? 88  SER A OG  1 
ATOM   675  N N   . PRO A 1 89  ? -9.087  -14.532 3.334   1.00 35.36 ? 89  PRO A N   1 
ATOM   676  C CA  . PRO A 1 89  ? -8.359  -15.347 2.357   1.00 34.89 ? 89  PRO A CA  1 
ATOM   677  C C   . PRO A 1 89  ? -7.688  -14.541 1.235   1.00 34.06 ? 89  PRO A C   1 
ATOM   678  O O   . PRO A 1 89  ? -6.703  -14.974 0.628   1.00 35.54 ? 89  PRO A O   1 
ATOM   679  C CB  . PRO A 1 89  ? -9.457  -16.248 1.810   1.00 35.48 ? 89  PRO A CB  1 
ATOM   680  C CG  . PRO A 1 89  ? -10.265 -16.511 3.057   1.00 36.69 ? 89  PRO A CG  1 
ATOM   681  C CD  . PRO A 1 89  ? -10.416 -15.115 3.596   1.00 36.01 ? 89  PRO A CD  1 
ATOM   682  N N   . GLU A 1 90  ? -8.251  -13.393 0.912   1.00 31.34 ? 90  GLU A N   1 
ATOM   683  C CA  . GLU A 1 90  ? -7.656  -12.553 -0.106  1.00 29.79 ? 90  GLU A CA  1 
ATOM   684  C C   . GLU A 1 90  ? -7.581  -11.125 0.463   1.00 26.82 ? 90  GLU A C   1 
ATOM   685  O O   . GLU A 1 90  ? -8.516  -10.337 0.357   1.00 26.40 ? 90  GLU A O   1 
ATOM   686  C CB  . GLU A 1 90  ? -8.469  -12.635 -1.381  1.00 31.20 ? 90  GLU A CB  1 
ATOM   687  C CG  . GLU A 1 90  ? -7.719  -13.262 -2.532  1.00 36.12 ? 90  GLU A CG  1 
ATOM   688  C CD  . GLU A 1 90  ? -7.513  -12.265 -3.672  1.00 38.62 ? 90  GLU A CD  1 
ATOM   689  O OE1 . GLU A 1 90  ? -7.674  -11.047 -3.420  1.00 40.52 ? 90  GLU A OE1 1 
ATOM   690  O OE2 . GLU A 1 90  ? -7.212  -12.692 -4.820  1.00 40.38 ? 90  GLU A OE2 1 
ATOM   691  N N   . THR A 1 91  ? -6.467  -10.849 1.146   1.00 22.79 ? 91  THR A N   1 
ATOM   692  C CA  . THR A 1 91  ? -6.226  -9.560  1.767   1.00 18.60 ? 91  THR A CA  1 
ATOM   693  C C   . THR A 1 91  ? -5.093  -8.757  1.126   1.00 16.98 ? 91  THR A C   1 
ATOM   694  O O   . THR A 1 91  ? -4.026  -9.289  0.845   1.00 16.46 ? 91  THR A O   1 
ATOM   695  C CB  . THR A 1 91  ? -5.865  -9.745  3.226   1.00 19.12 ? 91  THR A CB  1 
ATOM   696  O OG1 . THR A 1 91  ? -6.872  -10.532 3.853   1.00 20.83 ? 91  THR A OG1 1 
ATOM   697  C CG2 . THR A 1 91  ? -5.747  -8.387  3.941   1.00 19.22 ? 91  THR A CG2 1 
ATOM   698  N N   . TRP A 1 92  ? -5.343  -7.470  0.899   1.00 15.21 ? 92  TRP A N   1 
ATOM   699  C CA  . TRP A 1 92  ? -4.332  -6.568  0.350   1.00 13.71 ? 92  TRP A CA  1 
ATOM   700  C C   . TRP A 1 92  ? -4.015  -5.543  1.404   1.00 12.49 ? 92  TRP A C   1 
ATOM   701  O O   . TRP A 1 92  ? -4.899  -4.844  1.880   1.00 12.10 ? 92  TRP A O   1 
ATOM   702  C CB  . TRP A 1 92  ? -4.821  -5.856  -0.935  1.00 13.44 ? 92  TRP A CB  1 
ATOM   703  C CG  . TRP A 1 92  ? -4.777  -6.761  -2.128  1.00 12.97 ? 92  TRP A CG  1 
ATOM   704  C CD1 . TRP A 1 92  ? -5.814  -7.493  -2.650  1.00 15.25 ? 92  TRP A CD1 1 
ATOM   705  C CD2 . TRP A 1 92  ? -3.606  -7.158  -2.847  1.00 12.78 ? 92  TRP A CD2 1 
ATOM   706  N NE1 . TRP A 1 92  ? -5.348  -8.334  -3.635  1.00 14.39 ? 92  TRP A NE1 1 
ATOM   707  C CE2 . TRP A 1 92  ? -3.997  -8.148  -3.772  1.00 14.40 ? 92  TRP A CE2 1 
ATOM   708  C CE3 . TRP A 1 92  ? -2.267  -6.777  -2.790  1.00 11.46 ? 92  TRP A CE3 1 
ATOM   709  C CZ2 . TRP A 1 92  ? -3.090  -8.765  -4.631  1.00 14.18 ? 92  TRP A CZ2 1 
ATOM   710  C CZ3 . TRP A 1 92  ? -1.361  -7.392  -3.650  1.00 12.25 ? 92  TRP A CZ3 1 
ATOM   711  C CH2 . TRP A 1 92  ? -1.780  -8.375  -4.554  1.00 12.99 ? 92  TRP A CH2 1 
ATOM   712  N N   . VAL A 1 93  ? -2.756  -5.506  1.802   1.00 12.20 ? 93  VAL A N   1 
ATOM   713  C CA  . VAL A 1 93  ? -2.247  -4.546  2.782   1.00 11.55 ? 93  VAL A CA  1 
ATOM   714  C C   . VAL A 1 93  ? -1.874  -3.318  1.934   1.00 10.28 ? 93  VAL A C   1 
ATOM   715  O O   . VAL A 1 93  ? -1.081  -3.418  1.004   1.00 11.02 ? 93  VAL A O   1 
ATOM   716  C CB  . VAL A 1 93  ? -1.035  -5.149  3.522   1.00 10.32 ? 93  VAL A CB  1 
ATOM   717  C CG1 . VAL A 1 93  ? -0.364  -4.114  4.406   1.00 11.44 ? 93  VAL A CG1 1 
ATOM   718  C CG2 . VAL A 1 93  ? -1.540  -6.317  4.382   1.00 11.52 ? 93  VAL A CG2 1 
ATOM   719  N N   . ILE A 1 94  ? -2.499  -2.185  2.225   1.00 11.21 ? 94  ILE A N   1 
ATOM   720  C CA  . ILE A 1 94  ? -2.320  -0.985  1.415   1.00 10.63 ? 94  ILE A CA  1 
ATOM   721  C C   . ILE A 1 94  ? -1.545  0.151   2.074   1.00 11.38 ? 94  ILE A C   1 
ATOM   722  O O   . ILE A 1 94  ? -1.558  1.291   1.587   1.00 11.46 ? 94  ILE A O   1 
ATOM   723  C CB  . ILE A 1 94  ? -3.691  -0.470  0.922   1.00 10.68 ? 94  ILE A CB  1 
ATOM   724  C CG1 . ILE A 1 94  ? -4.510  0.091   2.101   1.00 11.36 ? 94  ILE A CG1 1 
ATOM   725  C CG2 . ILE A 1 94  ? -4.458  -1.628  0.276   1.00 10.67 ? 94  ILE A CG2 1 
ATOM   726  C CD1 . ILE A 1 94  ? -5.475  1.218   1.709   1.00 14.39 ? 94  ILE A CD1 1 
ATOM   727  N N   . GLY A 1 95  ? -0.837  -0.065  3.159   1.00 11.76 ? 95  GLY A N   1 
ATOM   728  C CA  . GLY A 1 95  ? 0.003   0.781   3.740   1.00 11.50 ? 95  GLY A CA  1 
ATOM   729  C C   . GLY A 1 95  ? -0.166  0.885   5.350   1.00 13.02 ? 95  GLY A C   1 
ATOM   730  O O   . GLY A 1 95  ? -1.065  0.377   5.891   1.00 13.13 ? 95  GLY A O   1 
ATOM   731  N N   . GLY A 1 96  ? 0.626   1.726   6.072   1.00 11.66 ? 96  GLY A N   1 
ATOM   732  C CA  . GLY A 1 96  ? 1.731   2.434   5.446   1.00 12.75 ? 96  GLY A CA  1 
ATOM   733  C C   . GLY A 1 96  ? 3.057   1.750   5.707   1.00 12.20 ? 96  GLY A C   1 
ATOM   734  O O   . GLY A 1 96  ? 3.120   0.532   5.736   1.00 12.77 ? 96  GLY A O   1 
ATOM   735  N N   . GLY A 1 97  ? 4.105   2.541   5.918   1.00 13.05 ? 97  GLY A N   1 
ATOM   736  C CA  . GLY A 1 97  ? 5.432   1.982   6.186   1.00 12.38 ? 97  GLY A CA  1 
ATOM   737  C C   . GLY A 1 97  ? 5.463   0.977   7.322   1.00 12.07 ? 97  GLY A C   1 
ATOM   738  O O   . GLY A 1 97  ? 6.021   -0.109  7.175   1.00 12.78 ? 97  GLY A O   1 
ATOM   739  N N   . GLN A 1 98  ? 4.817   1.310   8.439   1.00 13.70 ? 98  GLN A N   1 
ATOM   740  C CA  . GLN A 1 98  ? 4.788   0.413   9.593   1.00 13.95 ? 98  GLN A CA  1 
ATOM   741  C C   . GLN A 1 98  ? 4.067   -0.877  9.302   1.00 14.57 ? 98  GLN A C   1 
ATOM   742  O O   . GLN A 1 98  ? 4.561   -1.961  9.661   1.00 14.57 ? 98  GLN A O   1 
ATOM   743  C CB  . GLN A 1 98  ? 4.087   1.047   10.784  1.00 13.37 ? 98  GLN A CB  1 
ATOM   744  C CG  . GLN A 1 98  ? 4.905   2.080   11.500  1.00 17.71 ? 98  GLN A CG  1 
ATOM   745  C CD  . GLN A 1 98  ? 4.138   2.779   12.598  1.00 16.35 ? 98  GLN A CD  1 
ATOM   746  O OE1 . GLN A 1 98  ? 4.182   4.015   12.706  1.00 21.18 ? 98  GLN A OE1 1 
ATOM   747  N NE2 . GLN A 1 98  ? 3.437   2.008   13.411  1.00 15.75 ? 98  GLN A NE2 1 
ATOM   748  N N   . VAL A 1 99  ? 2.875   -0.758  8.719   1.00 12.99 ? 99  VAL A N   1 
ATOM   749  C CA  . VAL A 1 99  ? 2.085   -1.924  8.440   1.00 13.52 ? 99  VAL A CA  1 
ATOM   750  C C   . VAL A 1 99  ? 2.676   -2.843  7.389   1.00 13.31 ? 99  VAL A C   1 
ATOM   751  O O   . VAL A 1 99  ? 2.507   -4.054  7.475   1.00 13.07 ? 99  VAL A O   1 
ATOM   752  C CB  . VAL A 1 99  ? 0.606   -1.548  8.164   1.00 14.78 ? 99  VAL A CB  1 
ATOM   753  C CG1 . VAL A 1 99  ? -0.198  -2.792  7.751   1.00 13.85 ? 99  VAL A CG1 1 
ATOM   754  C CG2 . VAL A 1 99  ? 0.011   -0.948  9.419   1.00 13.91 ? 99  VAL A CG2 1 
ATOM   755  N N   . TYR A 1 100 ? 3.354   -2.282  6.392   1.00 13.50 ? 100 TYR A N   1 
ATOM   756  C CA  . TYR A 1 100 ? 4.021   -3.101  5.367   1.00 13.56 ? 100 TYR A CA  1 
ATOM   757  C C   . TYR A 1 100 ? 5.094   -3.946  6.058   1.00 14.12 ? 100 TYR A C   1 
ATOM   758  O O   . TYR A 1 100 ? 5.248   -5.118  5.761   1.00 14.53 ? 100 TYR A O   1 
ATOM   759  C CB  . TYR A 1 100 ? 4.701   -2.232  4.297   1.00 13.00 ? 100 TYR A CB  1 
ATOM   760  C CG  . TYR A 1 100 ? 3.778   -1.558  3.271   1.00 12.74 ? 100 TYR A CG  1 
ATOM   761  C CD1 . TYR A 1 100 ? 4.013   -0.235  2.866   1.00 12.45 ? 100 TYR A CD1 1 
ATOM   762  C CD2 . TYR A 1 100 ? 2.683   -2.224  2.719   1.00 12.36 ? 100 TYR A CD2 1 
ATOM   763  C CE1 . TYR A 1 100 ? 3.195   0.412   1.955   1.00 10.56 ? 100 TYR A CE1 1 
ATOM   764  C CE2 . TYR A 1 100 ? 1.848   -1.563  1.791   1.00 11.66 ? 100 TYR A CE2 1 
ATOM   765  C CZ  . TYR A 1 100 ? 2.117   -0.247  1.428   1.00 11.36 ? 100 TYR A CZ  1 
ATOM   766  O OH  . TYR A 1 100 ? 1.281   0.441   0.564   1.00 11.94 ? 100 TYR A OH  1 
ATOM   767  N N   . ALA A 1 101 ? 5.837   -3.329  6.968   1.00 14.20 ? 101 ALA A N   1 
ATOM   768  C CA  . ALA A 1 101 ? 6.899   -4.009  7.708   1.00 15.21 ? 101 ALA A CA  1 
ATOM   769  C C   . ALA A 1 101 ? 6.317   -5.153  8.526   1.00 16.78 ? 101 ALA A C   1 
ATOM   770  O O   . ALA A 1 101 ? 6.820   -6.282  8.516   1.00 17.36 ? 101 ALA A O   1 
ATOM   771  C CB  . ALA A 1 101 ? 7.613   -3.009  8.624   1.00 14.68 ? 101 ALA A CB  1 
ATOM   772  N N   . LEU A 1 102 ? 5.227   -4.860  9.201   1.00 17.33 ? 102 LEU A N   1 
ATOM   773  C CA  . LEU A 1 102 ? 4.541   -5.816  10.041  1.00 19.39 ? 102 LEU A CA  1 
ATOM   774  C C   . LEU A 1 102 ? 3.988   -6.987  9.245   1.00 19.40 ? 102 LEU A C   1 
ATOM   775  O O   . LEU A 1 102 ? 4.138   -8.145  9.639   1.00 19.93 ? 102 LEU A O   1 
ATOM   776  C CB  . LEU A 1 102 ? 3.361   -5.104  10.694  1.00 22.30 ? 102 LEU A CB  1 
ATOM   777  C CG  . LEU A 1 102 ? 2.899   -5.356  12.125  1.00 26.70 ? 102 LEU A CG  1 
ATOM   778  C CD1 . LEU A 1 102 ? 4.011   -4.885  13.082  1.00 27.96 ? 102 LEU A CD1 1 
ATOM   779  C CD2 . LEU A 1 102 ? 1.569   -4.573  12.378  1.00 27.74 ? 102 LEU A CD2 1 
ATOM   780  N N   . ALA A 1 103 ? 3.339   -6.679  8.127   1.00 17.45 ? 103 ALA A N   1 
ATOM   781  C CA  . ALA A 1 103 ? 2.688   -7.677  7.300   1.00 15.85 ? 103 ALA A CA  1 
ATOM   782  C C   . ALA A 1 103 ? 3.528   -8.469  6.301   1.00 15.35 ? 103 ALA A C   1 
ATOM   783  O O   . ALA A 1 103 ? 3.099   -9.537  5.878   1.00 14.82 ? 103 ALA A O   1 
ATOM   784  C CB  . ALA A 1 103 ? 1.497   -7.025  6.579   1.00 13.19 ? 103 ALA A CB  1 
ATOM   785  N N   . LEU A 1 104 ? 4.712   -7.968  5.931   1.00 15.14 ? 104 LEU A N   1 
ATOM   786  C CA  . LEU A 1 104 ? 5.559   -8.634  4.937   1.00 14.42 ? 104 LEU A CA  1 
ATOM   787  C C   . LEU A 1 104 ? 5.722   -10.124 5.179   1.00 14.11 ? 104 LEU A C   1 
ATOM   788  O O   . LEU A 1 104 ? 5.520   -10.906 4.257   1.00 15.26 ? 104 LEU A O   1 
ATOM   789  C CB  . LEU A 1 104 ? 6.959   -8.009  4.849   1.00 15.80 ? 104 LEU A CB  1 
ATOM   790  C CG  . LEU A 1 104 ? 7.692   -7.918  3.477   1.00 18.45 ? 104 LEU A CG  1 
ATOM   791  C CD1 . LEU A 1 104 ? 9.202   -7.784  3.624   1.00 19.90 ? 104 LEU A CD1 1 
ATOM   792  C CD2 . LEU A 1 104 ? 7.378   -9.020  2.565   1.00 20.06 ? 104 LEU A CD2 1 
ATOM   793  N N   . PRO A 1 105 ? 6.071   -10.544 6.425   1.00 14.67 ? 105 PRO A N   1 
ATOM   794  C CA  . PRO A 1 105 ? 6.240   -11.981 6.681   1.00 14.43 ? 105 PRO A CA  1 
ATOM   795  C C   . PRO A 1 105 ? 4.997   -12.810 6.380   1.00 13.23 ? 105 PRO A C   1 
ATOM   796  O O   . PRO A 1 105 ? 5.102   -13.986 6.148   1.00 13.58 ? 105 PRO A O   1 
ATOM   797  C CB  . PRO A 1 105 ? 6.577   -12.034 8.168   1.00 13.72 ? 105 PRO A CB  1 
ATOM   798  C CG  . PRO A 1 105 ? 7.162   -10.718 8.459   1.00 15.16 ? 105 PRO A CG  1 
ATOM   799  C CD  . PRO A 1 105 ? 6.338   -9.762  7.645   1.00 14.14 ? 105 PRO A CD  1 
ATOM   800  N N   . TYR A 1 106 ? 3.821   -12.216 6.392   1.00 12.38 ? 106 TYR A N   1 
ATOM   801  C CA  . TYR A 1 106 ? 2.609   -12.968 6.111   1.00 13.43 ? 106 TYR A CA  1 
ATOM   802  C C   . TYR A 1 106 ? 2.275   -12.975 4.639   1.00 14.21 ? 106 TYR A C   1 
ATOM   803  O O   . TYR A 1 106 ? 1.394   -13.705 4.216   1.00 14.28 ? 106 TYR A O   1 
ATOM   804  C CB  . TYR A 1 106 ? 1.405   -12.357 6.847   1.00 13.70 ? 106 TYR A CB  1 
ATOM   805  C CG  . TYR A 1 106 ? 1.561   -12.381 8.338   1.00 14.39 ? 106 TYR A CG  1 
ATOM   806  C CD1 . TYR A 1 106 ? 2.414   -11.474 8.981   1.00 13.53 ? 106 TYR A CD1 1 
ATOM   807  C CD2 . TYR A 1 106 ? 0.916   -13.363 9.110   1.00 14.25 ? 106 TYR A CD2 1 
ATOM   808  C CE1 . TYR A 1 106 ? 2.631   -11.557 10.350  1.00 15.32 ? 106 TYR A CE1 1 
ATOM   809  C CE2 . TYR A 1 106 ? 1.127   -13.453 10.489  1.00 15.34 ? 106 TYR A CE2 1 
ATOM   810  C CZ  . TYR A 1 106 ? 1.984   -12.559 11.097  1.00 15.31 ? 106 TYR A CZ  1 
ATOM   811  O OH  . TYR A 1 106 ? 2.251   -12.675 12.432  1.00 16.61 ? 106 TYR A OH  1 
ATOM   812  N N   . ALA A 1 107 ? 3.028   -12.208 3.862   1.00 14.01 ? 107 ALA A N   1 
ATOM   813  C CA  . ALA A 1 107 ? 2.740   -12.055 2.455   1.00 15.00 ? 107 ALA A CA  1 
ATOM   814  C C   . ALA A 1 107 ? 3.338   -13.026 1.465   1.00 16.09 ? 107 ALA A C   1 
ATOM   815  O O   . ALA A 1 107 ? 4.453   -13.471 1.610   1.00 17.54 ? 107 ALA A O   1 
ATOM   816  C CB  . ALA A 1 107 ? 3.090   -10.629 2.047   1.00 14.58 ? 107 ALA A CB  1 
ATOM   817  N N   . THR A 1 108 ? 2.589   -13.288 0.412   1.00 17.73 ? 108 THR A N   1 
ATOM   818  C CA  . THR A 1 108 ? 3.039   -14.142 -0.667  1.00 18.99 ? 108 THR A CA  1 
ATOM   819  C C   . THR A 1 108 ? 3.009   -13.422 -2.031  1.00 19.72 ? 108 THR A C   1 
ATOM   820  O O   . THR A 1 108 ? 3.482   -13.963 -3.030  1.00 20.67 ? 108 THR A O   1 
ATOM   821  C CB  . THR A 1 108 ? 2.281   -15.485 -0.705  1.00 20.27 ? 108 THR A CB  1 
ATOM   822  O OG1 . THR A 1 108 ? 0.869   -15.272 -0.699  1.00 22.15 ? 108 THR A OG1 1 
ATOM   823  C CG2 . THR A 1 108 ? 2.704   -16.357 0.508   1.00 21.23 ? 108 THR A CG2 1 
ATOM   824  N N   . ARG A 1 109 ? 2.515   -12.179 -2.055  1.00 18.42 ? 109 ARG A N   1 
ATOM   825  C CA  . ARG A 1 109 ? 2.472   -11.367 -3.265  1.00 17.01 ? 109 ARG A CA  1 
ATOM   826  C C   . ARG A 1 109 ? 2.721   -9.891  -2.946  1.00 15.68 ? 109 ARG A C   1 
ATOM   827  O O   . ARG A 1 109 ? 2.336   -9.404  -1.889  1.00 15.26 ? 109 ARG A O   1 
ATOM   828  C CB  . ARG A 1 109 ? 1.095   -11.445 -3.952  1.00 16.83 ? 109 ARG A CB  1 
ATOM   829  C CG  . ARG A 1 109 ? 0.779   -12.725 -4.714  1.00 19.97 ? 109 ARG A CG  1 
ATOM   830  C CD  . ARG A 1 109 ? -0.567  -12.612 -5.461  1.00 23.57 ? 109 ARG A CD  1 
ATOM   831  N NE  . ARG A 1 109 ? -0.616  -11.522 -6.460  1.00 24.43 ? 109 ARG A NE  1 
ATOM   832  C CZ  . ARG A 1 109 ? -1.718  -11.157 -7.126  1.00 23.52 ? 109 ARG A CZ  1 
ATOM   833  N NH1 . ARG A 1 109 ? -2.862  -11.796 -6.912  1.00 24.93 ? 109 ARG A NH1 1 
ATOM   834  N NH2 . ARG A 1 109 ? -1.704  -10.128 -7.965  1.00 22.27 ? 109 ARG A NH2 1 
ATOM   835  N N   . CYS A 1 110 ? 3.448   -9.214  -3.825  1.00 16.40 ? 110 CYS A N   1 
ATOM   836  C CA  . CYS A 1 110 ? 3.628   -7.768  -3.735  1.00 15.37 ? 110 CYS A CA  1 
ATOM   837  C C   . CYS A 1 110 ? 3.357   -7.217  -5.151  1.00 15.19 ? 110 CYS A C   1 
ATOM   838  O O   . CYS A 1 110 ? 3.758   -7.825  -6.148  1.00 17.28 ? 110 CYS A O   1 
ATOM   839  C CB  . CYS A 1 110 ? 5.021   -7.357  -3.285  1.00 15.74 ? 110 CYS A CB  1 
ATOM   840  S SG  . CYS A 1 110 ? 5.470   -7.756  -1.597  1.00 18.44 ? 110 CYS A SG  1 
ATOM   841  N N   . GLU A 1 111 ? 2.607   -6.120  -5.216  1.00 14.35 ? 111 GLU A N   1 
ATOM   842  C CA  . GLU A 1 111 ? 2.283   -5.415  -6.450  1.00 15.39 ? 111 GLU A CA  1 
ATOM   843  C C   . GLU A 1 111 ? 2.871   -4.027  -6.238  1.00 14.41 ? 111 GLU A C   1 
ATOM   844  O O   . GLU A 1 111 ? 2.379   -3.223  -5.434  1.00 13.52 ? 111 GLU A O   1 
ATOM   845  C CB  . GLU A 1 111 ? 0.776   -5.347  -6.664  1.00 16.09 ? 111 GLU A CB  1 
ATOM   846  C CG  . GLU A 1 111 ? 0.178   -6.666  -7.130  1.00 19.23 ? 111 GLU A CG  1 
ATOM   847  C CD  . GLU A 1 111 ? 0.813   -7.215  -8.418  1.00 21.17 ? 111 GLU A CD  1 
ATOM   848  O OE1 . GLU A 1 111 ? 1.222   -6.437  -9.290  1.00 21.14 ? 111 GLU A OE1 1 
ATOM   849  O OE2 . GLU A 1 111 ? 0.901   -8.444  -8.538  1.00 25.16 ? 111 GLU A OE2 1 
ATOM   850  N N   . VAL A 1 112 ? 3.996   -3.800  -6.892  1.00 14.88 ? 112 VAL A N   1 
ATOM   851  C CA  . VAL A 1 112 ? 4.740   -2.567  -6.724  1.00 15.79 ? 112 VAL A CA  1 
ATOM   852  C C   . VAL A 1 112 ? 4.762   -1.662  -7.950  1.00 17.34 ? 112 VAL A C   1 
ATOM   853  O O   . VAL A 1 112 ? 4.842   -2.125  -9.098  1.00 17.25 ? 112 VAL A O   1 
ATOM   854  C CB  . VAL A 1 112 ? 6.213   -2.881  -6.309  1.00 15.69 ? 112 VAL A CB  1 
ATOM   855  C CG1 . VAL A 1 112 ? 6.963   -1.589  -6.012  1.00 15.92 ? 112 VAL A CG1 1 
ATOM   856  C CG2 . VAL A 1 112 ? 6.229   -3.840  -5.114  1.00 14.17 ? 112 VAL A CG2 1 
ATOM   857  N N   . THR A 1 113 ? 4.595   -0.375  -7.694  1.00 16.35 ? 113 THR A N   1 
ATOM   858  C CA  . THR A 1 113 ? 4.658   0.625   -8.745  1.00 16.48 ? 113 THR A CA  1 
ATOM   859  C C   . THR A 1 113 ? 5.928   1.403   -8.448  1.00 16.83 ? 113 THR A C   1 
ATOM   860  O O   . THR A 1 113 ? 6.088   1.932   -7.331  1.00 17.16 ? 113 THR A O   1 
ATOM   861  C CB  . THR A 1 113 ? 3.474   1.581   -8.681  1.00 15.60 ? 113 THR A CB  1 
ATOM   862  O OG1 . THR A 1 113 ? 2.260   0.853   -8.938  1.00 16.67 ? 113 THR A OG1 1 
ATOM   863  C CG2 . THR A 1 113 ? 3.637   2.719   -9.726  1.00 14.70 ? 113 THR A CG2 1 
ATOM   864  N N   . GLU A 1 114 ? 6.889   1.370   -9.361  1.00 16.11 ? 114 GLU A N   1 
ATOM   865  C CA  . GLU A 1 114 ? 8.098   2.175   -9.153  1.00 15.64 ? 114 GLU A CA  1 
ATOM   866  C C   . GLU A 1 114 ? 7.904   3.497   -9.895  1.00 16.73 ? 114 GLU A C   1 
ATOM   867  O O   . GLU A 1 114 ? 7.534   3.513   -11.084 1.00 17.39 ? 114 GLU A O   1 
ATOM   868  C CB  . GLU A 1 114 ? 9.348   1.481   -9.684  1.00 15.47 ? 114 GLU A CB  1 
ATOM   869  C CG  . GLU A 1 114 ? 10.626  2.334   -9.468  1.00 19.16 ? 114 GLU A CG  1 
ATOM   870  C CD  . GLU A 1 114 ? 11.894  1.744   -10.124 1.00 20.46 ? 114 GLU A CD  1 
ATOM   871  O OE1 . GLU A 1 114 ? 11.846  0.661   -10.739 1.00 21.83 ? 114 GLU A OE1 1 
ATOM   872  O OE2 . GLU A 1 114 ? 12.959  2.367   -10.026 1.00 21.73 ? 114 GLU A OE2 1 
ATOM   873  N N   . VAL A 1 115 ? 8.134   4.598   -9.194  1.00 16.51 ? 115 VAL A N   1 
ATOM   874  C CA  . VAL A 1 115 ? 7.997   5.917   -9.770  1.00 16.25 ? 115 VAL A CA  1 
ATOM   875  C C   . VAL A 1 115 ? 9.420   6.463   -9.971  1.00 17.13 ? 115 VAL A C   1 
ATOM   876  O O   . VAL A 1 115 ? 10.235  6.524   -9.037  1.00 15.71 ? 115 VAL A O   1 
ATOM   877  C CB  . VAL A 1 115 ? 7.129   6.829   -8.857  1.00 16.10 ? 115 VAL A CB  1 
ATOM   878  C CG1 . VAL A 1 115 ? 6.832   8.184   -9.542  1.00 16.36 ? 115 VAL A CG1 1 
ATOM   879  C CG2 . VAL A 1 115 ? 5.802   6.135   -8.529  1.00 14.61 ? 115 VAL A CG2 1 
ATOM   880  N N   . ASP A 1 116 ? 9.743   6.757   -11.234 1.00 17.73 ? 116 ASP A N   1 
ATOM   881  C CA  . ASP A 1 116 ? 11.062  7.277   -11.614 1.00 17.87 ? 116 ASP A CA  1 
ATOM   882  C C   . ASP A 1 116 ? 11.213  8.781   -11.325 1.00 19.51 ? 116 ASP A C   1 
ATOM   883  O O   . ASP A 1 116 ? 11.297  9.604   -12.230 1.00 20.31 ? 116 ASP A O   1 
ATOM   884  C CB  . ASP A 1 116 ? 11.331  6.955   -13.085 1.00 17.50 ? 116 ASP A CB  1 
ATOM   885  C CG  . ASP A 1 116 ? 12.739  7.334   -13.527 1.00 19.88 ? 116 ASP A CG  1 
ATOM   886  O OD1 . ASP A 1 116 ? 13.603  7.688   -12.702 1.00 20.28 ? 116 ASP A OD1 1 
ATOM   887  O OD2 . ASP A 1 116 ? 12.985  7.298   -14.742 1.00 20.65 ? 116 ASP A OD2 1 
ATOM   888  N N   . ILE A 1 117 ? 11.308  9.115   -10.043 1.00 19.37 ? 117 ILE A N   1 
ATOM   889  C CA  . ILE A 1 117 ? 11.421  10.493  -9.576  1.00 20.05 ? 117 ILE A CA  1 
ATOM   890  C C   . ILE A 1 117 ? 12.605  10.563  -8.640  1.00 20.04 ? 117 ILE A C   1 
ATOM   891  O O   . ILE A 1 117 ? 12.868  9.629   -7.876  1.00 20.98 ? 117 ILE A O   1 
ATOM   892  C CB  . ILE A 1 117 ? 10.104  10.916  -8.831  1.00 20.71 ? 117 ILE A CB  1 
ATOM   893  C CG1 . ILE A 1 117 ? 10.164  12.348  -8.330  1.00 21.93 ? 117 ILE A CG1 1 
ATOM   894  C CG2 . ILE A 1 117 ? 9.816   10.004  -7.631  1.00 21.29 ? 117 ILE A CG2 1 
ATOM   895  C CD1 . ILE A 1 117 ? 8.873   12.746  -7.615  1.00 23.26 ? 117 ILE A CD1 1 
ATOM   896  N N   . GLY A 1 118 ? 13.398  11.609  -8.785  1.00 19.31 ? 118 GLY A N   1 
ATOM   897  C CA  . GLY A 1 118 ? 14.540  11.771  -7.912  1.00 20.35 ? 118 GLY A CA  1 
ATOM   898  C C   . GLY A 1 118 ? 14.032  12.256  -6.581  1.00 20.02 ? 118 GLY A C   1 
ATOM   899  O O   . GLY A 1 118 ? 13.579  13.384  -6.455  1.00 22.50 ? 118 GLY A O   1 
ATOM   900  N N   . LEU A 1 119 ? 14.047  11.372  -5.602  1.00 20.82 ? 119 LEU A N   1 
ATOM   901  C CA  . LEU A 1 119 ? 13.550  11.703  -4.281  1.00 21.02 ? 119 LEU A CA  1 
ATOM   902  C C   . LEU A 1 119 ? 14.369  10.978  -3.201  1.00 21.74 ? 119 LEU A C   1 
ATOM   903  O O   . LEU A 1 119 ? 13.954  9.959   -2.667  1.00 22.55 ? 119 LEU A O   1 
ATOM   904  C CB  . LEU A 1 119 ? 12.072  11.318  -4.215  1.00 21.26 ? 119 LEU A CB  1 
ATOM   905  C CG  . LEU A 1 119 ? 11.157  12.039  -3.240  1.00 22.02 ? 119 LEU A CG  1 
ATOM   906  C CD1 . LEU A 1 119 ? 11.022  13.483  -3.645  1.00 23.08 ? 119 LEU A CD1 1 
ATOM   907  C CD2 . LEU A 1 119 ? 9.802   11.339  -3.256  1.00 23.28 ? 119 LEU A CD2 1 
ATOM   908  N N   . PRO A 1 120 ? 15.564  11.503  -2.879  1.00 22.77 ? 120 PRO A N   1 
ATOM   909  C CA  . PRO A 1 120 ? 16.460  10.930  -1.864  1.00 22.19 ? 120 PRO A CA  1 
ATOM   910  C C   . PRO A 1 120 ? 15.730  10.770  -0.522  1.00 21.61 ? 120 PRO A C   1 
ATOM   911  O O   . PRO A 1 120 ? 14.940  11.630  -0.136  1.00 21.98 ? 120 PRO A O   1 
ATOM   912  C CB  . PRO A 1 120 ? 17.537  11.999  -1.732  1.00 21.86 ? 120 PRO A CB  1 
ATOM   913  C CG  . PRO A 1 120 ? 17.567  12.632  -3.057  1.00 22.63 ? 120 PRO A CG  1 
ATOM   914  C CD  . PRO A 1 120 ? 16.118  12.761  -3.410  1.00 22.19 ? 120 PRO A CD  1 
ATOM   915  N N   . ARG A 1 121 ? 15.991  9.681   0.187   1.00 21.66 ? 121 ARG A N   1 
ATOM   916  C CA  . ARG A 1 121 ? 15.331  9.475   1.474   1.00 22.43 ? 121 ARG A CA  1 
ATOM   917  C C   . ARG A 1 121 ? 15.708  10.580  2.479   1.00 21.75 ? 121 ARG A C   1 
ATOM   918  O O   . ARG A 1 121 ? 16.817  11.125  2.431   1.00 21.76 ? 121 ARG A O   1 
ATOM   919  C CB  . ARG A 1 121 ? 15.667  8.084   2.045   1.00 23.61 ? 121 ARG A CB  1 
ATOM   920  C CG  . ARG A 1 121 ? 15.204  6.923   1.142   1.00 27.73 ? 121 ARG A CG  1 
ATOM   921  C CD  . ARG A 1 121 ? 15.460  5.532   1.719   1.00 31.08 ? 121 ARG A CD  1 
ATOM   922  N NE  . ARG A 1 121 ? 16.848  5.344   2.126   1.00 35.75 ? 121 ARG A NE  1 
ATOM   923  C CZ  . ARG A 1 121 ? 17.875  5.216   1.289   1.00 36.85 ? 121 ARG A CZ  1 
ATOM   924  N NH1 . ARG A 1 121 ? 17.672  5.239   -0.040  1.00 37.45 ? 121 ARG A NH1 1 
ATOM   925  N NH2 . ARG A 1 121 ? 19.120  5.134   1.786   1.00 38.10 ? 121 ARG A NH2 1 
ATOM   926  N N   . GLU A 1 122 ? 14.734  10.996  3.282   1.00 20.35 ? 122 GLU A N   1 
ATOM   927  C CA  . GLU A 1 122 ? 14.955  11.988  4.328   1.00 19.96 ? 122 GLU A CA  1 
ATOM   928  C C   . GLU A 1 122 ? 14.479  11.371  5.645   1.00 20.40 ? 122 GLU A C   1 
ATOM   929  O O   . GLU A 1 122 ? 13.574  10.518  5.650   1.00 19.47 ? 122 GLU A O   1 
ATOM   930  C CB  . GLU A 1 122 ? 14.195  13.258  4.041   1.00 20.70 ? 122 GLU A CB  1 
ATOM   931  C CG  . GLU A 1 122 ? 14.708  13.885  2.803   1.00 22.13 ? 122 GLU A CG  1 
ATOM   932  C CD  . GLU A 1 122 ? 13.995  15.145  2.470   1.00 23.15 ? 122 GLU A CD  1 
ATOM   933  O OE1 . GLU A 1 122 ? 14.443  15.838  1.536   1.00 26.95 ? 122 GLU A OE1 1 
ATOM   934  O OE2 . GLU A 1 122 ? 12.984  15.455  3.121   1.00 25.40 ? 122 GLU A OE2 1 
ATOM   935  N N   . ALA A 1 123 ? 15.100  11.766  6.759   1.00 19.58 ? 123 ALA A N   1 
ATOM   936  C CA  . ALA A 1 123 ? 14.725  11.202  8.051   1.00 18.49 ? 123 ALA A CA  1 
ATOM   937  C C   . ALA A 1 123 ? 13.228  11.368  8.332   1.00 17.40 ? 123 ALA A C   1 
ATOM   938  O O   . ALA A 1 123 ? 12.645  12.425  8.096   1.00 15.61 ? 123 ALA A O   1 
ATOM   939  C CB  . ALA A 1 123 ? 15.554  11.821  9.151   1.00 17.89 ? 123 ALA A CB  1 
ATOM   940  N N   . GLY A 1 124 ? 12.608  10.288  8.781   1.00 16.62 ? 124 GLY A N   1 
ATOM   941  C CA  . GLY A 1 124 ? 11.195  10.324  9.108   1.00 16.55 ? 124 GLY A CA  1 
ATOM   942  C C   . GLY A 1 124 ? 10.272  9.896   7.980   1.00 17.75 ? 124 GLY A C   1 
ATOM   943  O O   . GLY A 1 124 ? 9.057   9.830   8.171   1.00 17.87 ? 124 GLY A O   1 
ATOM   944  N N   . ASP A 1 125 ? 10.827  9.662   6.800   1.00 17.38 ? 125 ASP A N   1 
ATOM   945  C CA  . ASP A 1 125 ? 10.032  9.248   5.631   1.00 16.99 ? 125 ASP A CA  1 
ATOM   946  C C   . ASP A 1 125 ? 9.449   7.862   5.860   1.00 17.79 ? 125 ASP A C   1 
ATOM   947  O O   . ASP A 1 125 ? 10.020  7.068   6.614   1.00 20.12 ? 125 ASP A O   1 
ATOM   948  C CB  . ASP A 1 125 ? 10.923  9.109   4.395   1.00 15.06 ? 125 ASP A CB  1 
ATOM   949  C CG  . ASP A 1 125 ? 11.222  10.426  3.700   1.00 14.55 ? 125 ASP A CG  1 
ATOM   950  O OD1 . ASP A 1 125 ? 10.630  11.487  4.005   1.00 16.81 ? 125 ASP A OD1 1 
ATOM   951  O OD2 . ASP A 1 125 ? 12.057  10.370  2.781   1.00 17.83 ? 125 ASP A OD2 1 
ATOM   952  N N   . ALA A 1 126 ? 8.303   7.580   5.242   1.00 16.41 ? 126 ALA A N   1 
ATOM   953  C CA  . ALA A 1 126 ? 7.739   6.236   5.299   1.00 14.97 ? 126 ALA A CA  1 
ATOM   954  C C   . ALA A 1 126 ? 8.453   5.581   4.108   1.00 15.88 ? 126 ALA A C   1 
ATOM   955  O O   . ALA A 1 126 ? 8.634   6.202   3.042   1.00 15.71 ? 126 ALA A O   1 
ATOM   956  C CB  . ALA A 1 126 ? 6.242   6.253   5.095   1.00 13.70 ? 126 ALA A CB  1 
ATOM   957  N N   . LEU A 1 127 ? 8.903   4.353   4.297   1.00 15.47 ? 127 LEU A N   1 
ATOM   958  C CA  . LEU A 1 127 ? 9.641   3.651   3.260   1.00 16.06 ? 127 LEU A CA  1 
ATOM   959  C C   . LEU A 1 127 ? 9.021   2.307   2.896   1.00 15.41 ? 127 LEU A C   1 
ATOM   960  O O   . LEU A 1 127 ? 8.388   1.655   3.715   1.00 15.46 ? 127 LEU A O   1 
ATOM   961  C CB  . LEU A 1 127 ? 11.079  3.408   3.725   1.00 16.36 ? 127 LEU A CB  1 
ATOM   962  C CG  . LEU A 1 127 ? 11.971  4.579   4.154   1.00 17.73 ? 127 LEU A CG  1 
ATOM   963  C CD1 . LEU A 1 127 ? 13.261  4.000   4.670   1.00 17.95 ? 127 LEU A CD1 1 
ATOM   964  C CD2 . LEU A 1 127 ? 12.241  5.529   2.982   1.00 16.49 ? 127 LEU A CD2 1 
ATOM   965  N N   . ALA A 1 128 ? 9.298   1.865   1.684   1.00 15.54 ? 128 ALA A N   1 
ATOM   966  C CA  . ALA A 1 128 ? 8.812   0.595   1.210   1.00 14.95 ? 128 ALA A CA  1 
ATOM   967  C C   . ALA A 1 128 ? 9.633   -0.514  1.875   1.00 16.01 ? 128 ALA A C   1 
ATOM   968  O O   . ALA A 1 128 ? 10.775  -0.280  2.316   1.00 15.34 ? 128 ALA A O   1 
ATOM   969  C CB  . ALA A 1 128 ? 8.989   0.516   -0.296  1.00 13.17 ? 128 ALA A CB  1 
ATOM   970  N N   . PRO A 1 129 ? 9.019   -1.696  2.064   1.00 16.98 ? 129 PRO A N   1 
ATOM   971  C CA  . PRO A 1 129 ? 9.753   -2.805  2.663   1.00 18.40 ? 129 PRO A CA  1 
ATOM   972  C C   . PRO A 1 129 ? 10.767  -3.269  1.602   1.00 20.51 ? 129 PRO A C   1 
ATOM   973  O O   . PRO A 1 129 ? 10.625  -2.977  0.414   1.00 21.31 ? 129 PRO A O   1 
ATOM   974  C CB  . PRO A 1 129 ? 8.658   -3.840  2.925   1.00 18.83 ? 129 PRO A CB  1 
ATOM   975  C CG  . PRO A 1 129 ? 7.588   -3.517  1.940   1.00 18.53 ? 129 PRO A CG  1 
ATOM   976  C CD  . PRO A 1 129 ? 7.591   -2.026  1.856   1.00 16.04 ? 129 PRO A CD  1 
ATOM   977  N N   . VAL A 1 130 ? 11.884  -3.832  2.030   1.00 24.49 ? 130 VAL A N   1 
ATOM   978  C CA  . VAL A 1 130 ? 12.864  -4.297  1.057   1.00 26.09 ? 130 VAL A CA  1 
ATOM   979  C C   . VAL A 1 130 ? 12.677  -5.797  0.881   1.00 25.51 ? 130 VAL A C   1 
ATOM   980  O O   . VAL A 1 130 ? 12.527  -6.541  1.856   1.00 26.58 ? 130 VAL A O   1 
ATOM   981  C CB  . VAL A 1 130 ? 14.315  -3.940  1.449   1.00 28.13 ? 130 VAL A CB  1 
ATOM   982  C CG1 . VAL A 1 130 ? 15.226  -4.005  0.185   1.00 30.54 ? 130 VAL A CG1 1 
ATOM   983  C CG2 . VAL A 1 130 ? 14.367  -2.517  2.047   1.00 28.99 ? 130 VAL A CG2 1 
ATOM   984  N N   . LEU A 1 131 ? 12.534  -6.187  -0.388  1.00 25.23 ? 131 LEU A N   1 
ATOM   985  C CA  . LEU A 1 131 ? 12.303  -7.568  -0.792  1.00 23.48 ? 131 LEU A CA  1 
ATOM   986  C C   . LEU A 1 131 ? 13.596  -8.362  -0.963  1.00 22.92 ? 131 LEU A C   1 
ATOM   987  O O   . LEU A 1 131 ? 14.520  -7.960  -1.678  1.00 22.80 ? 131 LEU A O   1 
ATOM   988  C CB  . LEU A 1 131 ? 11.456  -7.593  -2.065  1.00 21.10 ? 131 LEU A CB  1 
ATOM   989  C CG  . LEU A 1 131 ? 10.094  -6.879  -1.937  1.00 19.24 ? 131 LEU A CG  1 
ATOM   990  C CD1 . LEU A 1 131 ? 9.292   -7.065  -3.186  1.00 19.63 ? 131 LEU A CD1 1 
ATOM   991  C CD2 . LEU A 1 131 ? 9.310   -7.424  -0.754  1.00 18.22 ? 131 LEU A CD2 1 
ATOM   992  N N   . ASP A 1 132 ? 13.678  -9.455  -0.223  1.00 25.13 ? 132 ASP A N   1 
ATOM   993  C CA  . ASP A 1 132 ? 14.852  -10.308 -0.279  1.00 26.14 ? 132 ASP A CA  1 
ATOM   994  C C   . ASP A 1 132 ? 14.725  -11.368 -1.363  1.00 26.85 ? 132 ASP A C   1 
ATOM   995  O O   . ASP A 1 132 ? 13.811  -11.315 -2.183  1.00 26.06 ? 132 ASP A O   1 
ATOM   996  C CB  . ASP A 1 132 ? 15.144  -10.923 1.099   1.00 26.66 ? 132 ASP A CB  1 
ATOM   997  C CG  . ASP A 1 132 ? 14.074  -11.888 1.565   1.00 26.67 ? 132 ASP A CG  1 
ATOM   998  O OD1 . ASP A 1 132 ? 14.010  -12.142 2.776   1.00 28.91 ? 132 ASP A OD1 1 
ATOM   999  O OD2 . ASP A 1 132 ? 13.295  -12.417 0.749   1.00 28.34 ? 132 ASP A OD2 1 
ATOM   1000 N N   . GLU A 1 133 ? 15.583  -12.385 -1.314  1.00 28.78 ? 133 GLU A N   1 
ATOM   1001 C CA  . GLU A 1 133 ? 15.577  -13.406 -2.347  1.00 29.46 ? 133 GLU A CA  1 
ATOM   1002 C C   . GLU A 1 133 ? 14.505  -14.443 -2.245  1.00 29.63 ? 133 GLU A C   1 
ATOM   1003 O O   . GLU A 1 133 ? 14.442  -15.355 -3.069  1.00 30.41 ? 133 GLU A O   1 
ATOM   1004 C CB  . GLU A 1 133 ? 16.948  -14.057 -2.495  1.00 32.19 ? 133 GLU A CB  1 
ATOM   1005 C CG  . GLU A 1 133 ? 18.076  -13.094 -2.893  1.00 34.92 ? 133 GLU A CG  1 
ATOM   1006 C CD  . GLU A 1 133 ? 17.733  -12.257 -4.125  1.00 38.23 ? 133 GLU A CD  1 
ATOM   1007 O OE1 . GLU A 1 133 ? 17.996  -11.020 -4.083  1.00 40.17 ? 133 GLU A OE1 1 
ATOM   1008 O OE2 . GLU A 1 133 ? 17.194  -12.829 -5.114  1.00 38.56 ? 133 GLU A OE2 1 
ATOM   1009 N N   . THR A 1 134 ? 13.647  -14.337 -1.240  1.00 28.70 ? 134 THR A N   1 
ATOM   1010 C CA  . THR A 1 134 ? 12.564  -15.292 -1.161  1.00 27.07 ? 134 THR A CA  1 
ATOM   1011 C C   . THR A 1 134 ? 11.562  -14.915 -2.264  1.00 27.13 ? 134 THR A C   1 
ATOM   1012 O O   . THR A 1 134 ? 10.743  -15.731 -2.666  1.00 28.17 ? 134 THR A O   1 
ATOM   1013 C CB  . THR A 1 134 ? 11.870  -15.286 0.235   1.00 27.40 ? 134 THR A CB  1 
ATOM   1014 O OG1 . THR A 1 134 ? 11.384  -13.978 0.535   1.00 28.35 ? 134 THR A OG1 1 
ATOM   1015 C CG2 . THR A 1 134 ? 12.842  -15.707 1.325   1.00 26.78 ? 134 THR A CG2 1 
ATOM   1016 N N   . TRP A 1 135 ? 11.708  -13.716 -2.828  1.00 26.65 ? 135 TRP A N   1 
ATOM   1017 C CA  . TRP A 1 135 ? 10.790  -13.219 -3.862  1.00 27.21 ? 135 TRP A CA  1 
ATOM   1018 C C   . TRP A 1 135 ? 11.220  -13.373 -5.305  1.00 29.58 ? 135 TRP A C   1 
ATOM   1019 O O   . TRP A 1 135 ? 12.362  -13.084 -5.637  1.00 31.72 ? 135 TRP A O   1 
ATOM   1020 C CB  . TRP A 1 135 ? 10.538  -11.731 -3.641  1.00 23.38 ? 135 TRP A CB  1 
ATOM   1021 C CG  . TRP A 1 135 ? 9.900   -11.443 -2.336  1.00 20.40 ? 135 TRP A CG  1 
ATOM   1022 C CD1 . TRP A 1 135 ? 10.526  -11.118 -1.182  1.00 17.48 ? 135 TRP A CD1 1 
ATOM   1023 C CD2 . TRP A 1 135 ? 8.493   -11.476 -2.050  1.00 18.28 ? 135 TRP A CD2 1 
ATOM   1024 N NE1 . TRP A 1 135 ? 9.593   -10.937 -0.178  1.00 18.38 ? 135 TRP A NE1 1 
ATOM   1025 C CE2 . TRP A 1 135 ? 8.337   -11.151 -0.691  1.00 17.90 ? 135 TRP A CE2 1 
ATOM   1026 C CE3 . TRP A 1 135 ? 7.352   -11.747 -2.816  1.00 18.00 ? 135 TRP A CE3 1 
ATOM   1027 C CZ2 . TRP A 1 135 ? 7.070   -11.091 -0.069  1.00 16.72 ? 135 TRP A CZ2 1 
ATOM   1028 C CZ3 . TRP A 1 135 ? 6.096   -11.687 -2.209  1.00 16.86 ? 135 TRP A CZ3 1 
ATOM   1029 C CH2 . TRP A 1 135 ? 5.970   -11.363 -0.846  1.00 18.79 ? 135 TRP A CH2 1 
ATOM   1030 N N   . ARG A 1 136 ? 10.289  -13.797 -6.158  1.00 31.03 ? 136 ARG A N   1 
ATOM   1031 C CA  . ARG A 1 136 ? 10.529  -13.906 -7.610  1.00 33.43 ? 136 ARG A CA  1 
ATOM   1032 C C   . ARG A 1 136 ? 9.731   -12.743 -8.189  1.00 33.38 ? 136 ARG A C   1 
ATOM   1033 O O   . ARG A 1 136 ? 8.546   -12.572 -7.865  1.00 32.70 ? 136 ARG A O   1 
ATOM   1034 C CB  . ARG A 1 136 ? 9.953   -15.194 -8.212  1.00 34.80 ? 136 ARG A CB  1 
ATOM   1035 C CG  . ARG A 1 136 ? 10.590  -16.474 -7.739  1.00 40.77 ? 136 ARG A CG  1 
ATOM   1036 C CD  . ARG A 1 136 ? 9.908   -17.669 -8.404  1.00 44.79 ? 136 ARG A CD  1 
ATOM   1037 N NE  . ARG A 1 136 ? 10.236  -18.912 -7.706  1.00 49.57 ? 136 ARG A NE  1 
ATOM   1038 C CZ  . ARG A 1 136 ? 9.341   -19.820 -7.300  1.00 51.70 ? 136 ARG A CZ  1 
ATOM   1039 N NH1 . ARG A 1 136 ? 8.034   -19.638 -7.520  1.00 53.27 ? 136 ARG A NH1 1 
ATOM   1040 N NH2 . ARG A 1 136 ? 9.755   -20.915 -6.656  1.00 52.55 ? 136 ARG A NH2 1 
ATOM   1041 N N   . GLY A 1 137 ? 10.354  -11.981 -9.080  1.00 34.34 ? 137 GLY A N   1 
ATOM   1042 C CA  . GLY A 1 137 ? 9.673   -10.840 -9.665  1.00 34.74 ? 137 GLY A CA  1 
ATOM   1043 C C   . GLY A 1 137 ? 9.646   -10.796 -11.174 1.00 33.73 ? 137 GLY A C   1 
ATOM   1044 O O   . GLY A 1 137 ? 10.453  -11.435 -11.821 1.00 34.27 ? 137 GLY A O   1 
ATOM   1045 N N   . GLU A 1 138 ? 8.673   -10.059 -11.705 1.00 33.26 ? 138 GLU A N   1 
ATOM   1046 C CA  . GLU A 1 138 ? 8.452   -9.838  -13.128 1.00 31.39 ? 138 GLU A CA  1 
ATOM   1047 C C   . GLU A 1 138 ? 8.328   -8.334  -13.232 1.00 29.88 ? 138 GLU A C   1 
ATOM   1048 O O   . GLU A 1 138 ? 7.468   -7.732  -12.593 1.00 29.29 ? 138 GLU A O   1 
ATOM   1049 C CB  . GLU A 1 138 ? 7.125   -10.432 -13.564 1.00 32.75 ? 138 GLU A CB  1 
ATOM   1050 C CG  . GLU A 1 138 ? 6.910   -11.878 -13.166 1.00 37.40 ? 138 GLU A CG  1 
ATOM   1051 C CD  . GLU A 1 138 ? 5.524   -12.106 -12.608 1.00 39.91 ? 138 GLU A CD  1 
ATOM   1052 O OE1 . GLU A 1 138 ? 5.427   -12.672 -11.492 1.00 41.77 ? 138 GLU A OE1 1 
ATOM   1053 O OE2 . GLU A 1 138 ? 4.540   -11.669 -13.267 1.00 42.10 ? 138 GLU A OE2 1 
ATOM   1054 N N   . THR A 1 139 ? 9.192   -7.732  -14.036 1.00 28.90 ? 139 THR A N   1 
ATOM   1055 C CA  . THR A 1 139 ? 9.222   -6.284  -14.239 1.00 28.54 ? 139 THR A CA  1 
ATOM   1056 C C   . THR A 1 139 ? 8.495   -5.861  -15.481 1.00 27.98 ? 139 THR A C   1 
ATOM   1057 O O   . THR A 1 139 ? 8.767   -6.394  -16.550 1.00 28.63 ? 139 THR A O   1 
ATOM   1058 C CB  . THR A 1 139 ? 10.632  -5.793  -14.416 1.00 28.64 ? 139 THR A CB  1 
ATOM   1059 O OG1 . THR A 1 139 ? 11.429  -6.253  -13.319 1.00 32.34 ? 139 THR A OG1 1 
ATOM   1060 C CG2 . THR A 1 139 ? 10.650  -4.288  -14.442 1.00 29.91 ? 139 THR A CG2 1 
ATOM   1061 N N   . GLY A 1 140 ? 7.593   -4.894  -15.331 1.00 26.50 ? 140 GLY A N   1 
ATOM   1062 C CA  . GLY A 1 140 ? 6.827   -4.363  -16.437 1.00 25.37 ? 140 GLY A CA  1 
ATOM   1063 C C   . GLY A 1 140 ? 7.602   -3.288  -17.175 1.00 25.27 ? 140 GLY A C   1 
ATOM   1064 O O   . GLY A 1 140 ? 8.667   -2.846  -16.739 1.00 24.18 ? 140 GLY A O   1 
ATOM   1065 N N   . GLU A 1 141 ? 7.075   -2.880  -18.320 1.00 26.39 ? 141 GLU A N   1 
ATOM   1066 C CA  . GLU A 1 141 ? 7.727   -1.854  -19.129 1.00 27.33 ? 141 GLU A CA  1 
ATOM   1067 C C   . GLU A 1 141 ? 7.473   -0.455  -18.599 1.00 26.64 ? 141 GLU A C   1 
ATOM   1068 O O   . GLU A 1 141 ? 6.389   -0.161  -18.126 1.00 27.06 ? 141 GLU A O   1 
ATOM   1069 C CB  . GLU A 1 141 ? 7.261   -1.942  -20.600 1.00 30.27 ? 141 GLU A CB  1 
ATOM   1070 C CG  . GLU A 1 141 ? 7.960   -3.036  -21.444 1.00 35.92 ? 141 GLU A CG  1 
ATOM   1071 C CD  . GLU A 1 141 ? 9.496   -3.089  -21.239 1.00 40.44 ? 141 GLU A CD  1 
ATOM   1072 O OE1 . GLU A 1 141 ? 10.004  -4.162  -20.795 1.00 42.45 ? 141 GLU A OE1 1 
ATOM   1073 O OE2 . GLU A 1 141 ? 10.195  -2.067  -21.487 1.00 42.33 ? 141 GLU A OE2 1 
ATOM   1074 N N   . TRP A 1 142 ? 8.468   0.415   -18.683 1.00 25.33 ? 142 TRP A N   1 
ATOM   1075 C CA  . TRP A 1 142 ? 8.293   1.784   -18.240 1.00 25.51 ? 142 TRP A CA  1 
ATOM   1076 C C   . TRP A 1 142 ? 7.148   2.447   -19.031 1.00 26.64 ? 142 TRP A C   1 
ATOM   1077 O O   . TRP A 1 142 ? 6.964   2.148   -20.225 1.00 29.27 ? 142 TRP A O   1 
ATOM   1078 C CB  . TRP A 1 142 ? 9.578   2.559   -18.477 1.00 23.85 ? 142 TRP A CB  1 
ATOM   1079 C CG  . TRP A 1 142 ? 10.634  2.264   -17.498 1.00 22.75 ? 142 TRP A CG  1 
ATOM   1080 C CD1 . TRP A 1 142 ? 11.786  1.570   -17.718 1.00 22.48 ? 142 TRP A CD1 1 
ATOM   1081 C CD2 . TRP A 1 142 ? 10.675  2.697   -16.138 1.00 22.05 ? 142 TRP A CD2 1 
ATOM   1082 N NE1 . TRP A 1 142 ? 12.558  1.557   -16.579 1.00 23.29 ? 142 TRP A NE1 1 
ATOM   1083 C CE2 . TRP A 1 142 ? 11.895  2.240   -15.591 1.00 22.51 ? 142 TRP A CE2 1 
ATOM   1084 C CE3 . TRP A 1 142 ? 9.798   3.432   -15.327 1.00 21.29 ? 142 TRP A CE3 1 
ATOM   1085 C CZ2 . TRP A 1 142 ? 12.264  2.493   -14.262 1.00 22.39 ? 142 TRP A CZ2 1 
ATOM   1086 C CZ3 . TRP A 1 142 ? 10.156  3.688   -14.010 1.00 20.50 ? 142 TRP A CZ3 1 
ATOM   1087 C CH2 . TRP A 1 142 ? 11.384  3.217   -13.490 1.00 22.20 ? 142 TRP A CH2 1 
ATOM   1088 N N   . ARG A 1 143 ? 6.374   3.314   -18.377 1.00 25.45 ? 143 ARG A N   1 
ATOM   1089 C CA  . ARG A 1 143 ? 5.279   4.015   -19.031 1.00 25.41 ? 143 ARG A CA  1 
ATOM   1090 C C   . ARG A 1 143 ? 5.384   5.464   -18.590 1.00 26.08 ? 143 ARG A C   1 
ATOM   1091 O O   . ARG A 1 143 ? 6.025   5.766   -17.583 1.00 24.49 ? 143 ARG A O   1 
ATOM   1092 C CB  . ARG A 1 143 ? 3.907   3.453   -18.599 1.00 27.08 ? 143 ARG A CB  1 
ATOM   1093 C CG  . ARG A 1 143 ? 3.752   1.917   -18.701 1.00 30.03 ? 143 ARG A CG  1 
ATOM   1094 C CD  . ARG A 1 143 ? 2.448   1.360   -18.045 1.00 31.50 ? 143 ARG A CD  1 
ATOM   1095 N NE  . ARG A 1 143 ? 2.403   -0.127  -17.999 1.00 32.98 ? 143 ARG A NE  1 
ATOM   1096 C CZ  . ARG A 1 143 ? 1.396   -0.864  -17.501 1.00 31.92 ? 143 ARG A CZ  1 
ATOM   1097 N NH1 . ARG A 1 143 ? 0.308   -0.279  -16.984 1.00 31.84 ? 143 ARG A NH1 1 
ATOM   1098 N NH2 . ARG A 1 143 ? 1.466   -2.200  -17.520 1.00 31.55 ? 143 ARG A NH2 1 
ATOM   1099 N N   . PHE A 1 144 ? 4.821   6.376   -19.381 1.00 26.00 ? 144 PHE A N   1 
ATOM   1100 C CA  . PHE A 1 144 ? 4.811   7.789   -19.005 1.00 26.21 ? 144 PHE A CA  1 
ATOM   1101 C C   . PHE A 1 144 ? 3.391   8.116   -18.558 1.00 26.55 ? 144 PHE A C   1 
ATOM   1102 O O   . PHE A 1 144 ? 2.411   7.693   -19.190 1.00 27.42 ? 144 PHE A O   1 
ATOM   1103 C CB  . PHE A 1 144 ? 5.186   8.709   -20.182 1.00 25.51 ? 144 PHE A CB  1 
ATOM   1104 C CG  . PHE A 1 144 ? 6.632   9.140   -20.194 1.00 23.63 ? 144 PHE A CG  1 
ATOM   1105 C CD1 . PHE A 1 144 ? 7.524   8.590   -21.105 1.00 23.36 ? 144 PHE A CD1 1 
ATOM   1106 C CD2 . PHE A 1 144 ? 7.098   10.087  -19.286 1.00 23.09 ? 144 PHE A CD2 1 
ATOM   1107 C CE1 . PHE A 1 144 ? 8.851   8.978   -21.106 1.00 22.96 ? 144 PHE A CE1 1 
ATOM   1108 C CE2 . PHE A 1 144 ? 8.426   10.487  -19.277 1.00 21.92 ? 144 PHE A CE2 1 
ATOM   1109 C CZ  . PHE A 1 144 ? 9.311   9.939   -20.184 1.00 23.18 ? 144 PHE A CZ  1 
ATOM   1110 N N   . SER A 1 145 ? 3.276   8.799   -17.429 1.00 26.66 ? 145 SER A N   1 
ATOM   1111 C CA  . SER A 1 145 ? 1.976   9.193   -16.958 1.00 28.75 ? 145 SER A CA  1 
ATOM   1112 C C   . SER A 1 145 ? 1.714   10.600  -17.480 1.00 30.15 ? 145 SER A C   1 
ATOM   1113 O O   . SER A 1 145 ? 2.641   11.284  -17.917 1.00 30.61 ? 145 SER A O   1 
ATOM   1114 C CB  . SER A 1 145 ? 1.947   9.188   -15.439 1.00 28.93 ? 145 SER A CB  1 
ATOM   1115 O OG  . SER A 1 145 ? 2.338   10.420  -14.896 1.00 31.39 ? 145 SER A OG  1 
ATOM   1116 N N   . ARG A 1 146 ? 0.455   11.022  -17.462 1.00 31.18 ? 146 ARG A N   1 
ATOM   1117 C CA  . ARG A 1 146 ? 0.094   12.365  -17.891 1.00 32.45 ? 146 ARG A CA  1 
ATOM   1118 C C   . ARG A 1 146 ? 0.844   13.395  -17.032 1.00 32.31 ? 146 ARG A C   1 
ATOM   1119 O O   . ARG A 1 146 ? 1.119   14.493  -17.491 1.00 32.06 ? 146 ARG A O   1 
ATOM   1120 C CB  . ARG A 1 146 ? -1.422  12.564  -17.784 1.00 34.33 ? 146 ARG A CB  1 
ATOM   1121 C CG  . ARG A 1 146 ? -2.177  11.738  -18.816 1.00 38.85 ? 146 ARG A CG  1 
ATOM   1122 C CD  . ARG A 1 146 ? -3.703  11.793  -18.663 1.00 42.58 ? 146 ARG A CD  1 
ATOM   1123 N NE  . ARG A 1 146 ? -4.232  10.642  -17.913 1.00 45.04 ? 146 ARG A NE  1 
ATOM   1124 C CZ  . ARG A 1 146 ? -4.628  10.666  -16.631 1.00 46.17 ? 146 ARG A CZ  1 
ATOM   1125 N NH1 . ARG A 1 146 ? -4.573  11.796  -15.901 1.00 45.68 ? 146 ARG A NH1 1 
ATOM   1126 N NH2 . ARG A 1 146 ? -5.077  9.537   -16.076 1.00 45.97 ? 146 ARG A NH2 1 
ATOM   1127 N N   . SER A 1 147 ? 1.201   13.034  -15.793 1.00 32.23 ? 147 SER A N   1 
ATOM   1128 C CA  . SER A 1 147 ? 1.933   13.959  -14.915 1.00 31.83 ? 147 SER A CA  1 
ATOM   1129 C C   . SER A 1 147 ? 3.405   14.147  -15.357 1.00 32.30 ? 147 SER A C   1 
ATOM   1130 O O   . SER A 1 147 ? 4.141   14.975  -14.770 1.00 33.89 ? 147 SER A O   1 
ATOM   1131 C CB  . SER A 1 147 ? 1.863   13.517  -13.433 1.00 32.92 ? 147 SER A CB  1 
ATOM   1132 O OG  . SER A 1 147 ? 2.698   12.399  -13.144 1.00 34.22 ? 147 SER A OG  1 
ATOM   1133 N N   . GLY A 1 148 ? 3.823   13.384  -16.377 1.00 30.04 ? 148 GLY A N   1 
ATOM   1134 C CA  . GLY A 1 148 ? 5.181   13.467  -16.887 1.00 28.23 ? 148 GLY A CA  1 
ATOM   1135 C C   . GLY A 1 148 ? 6.158   12.494  -16.272 1.00 26.77 ? 148 GLY A C   1 
ATOM   1136 O O   . GLY A 1 148 ? 7.267   12.338  -16.758 1.00 26.85 ? 148 GLY A O   1 
ATOM   1137 N N   . LEU A 1 149 ? 5.728   11.793  -15.228 1.00 25.87 ? 149 LEU A N   1 
ATOM   1138 C CA  . LEU A 1 149 ? 6.587   10.834  -14.536 1.00 23.81 ? 149 LEU A CA  1 
ATOM   1139 C C   . LEU A 1 149 ? 6.670   9.476   -15.201 1.00 21.49 ? 149 LEU A C   1 
ATOM   1140 O O   . LEU A 1 149 ? 5.668   8.959   -15.677 1.00 21.45 ? 149 LEU A O   1 
ATOM   1141 C CB  . LEU A 1 149 ? 6.054   10.634  -13.121 1.00 24.53 ? 149 LEU A CB  1 
ATOM   1142 C CG  . LEU A 1 149 ? 6.095   11.845  -12.208 1.00 24.37 ? 149 LEU A CG  1 
ATOM   1143 C CD1 . LEU A 1 149 ? 5.560   11.433  -10.809 1.00 28.89 ? 149 LEU A CD1 1 
ATOM   1144 C CD2 . LEU A 1 149 ? 7.528   12.319  -12.121 1.00 26.15 ? 149 LEU A CD2 1 
ATOM   1145 N N   . ARG A 1 150 ? 7.869   8.910   -15.316 1.00 21.22 ? 150 ARG A N   1 
ATOM   1146 C CA  . ARG A 1 150 ? 7.905   7.546   -15.851 1.00 20.33 ? 150 ARG A CA  1 
ATOM   1147 C C   . ARG A 1 150 ? 7.628   6.635   -14.651 1.00 19.22 ? 150 ARG A C   1 
ATOM   1148 O O   . ARG A 1 150 ? 8.025   6.937   -13.509 1.00 18.87 ? 150 ARG A O   1 
ATOM   1149 C CB  . ARG A 1 150 ? 9.259   7.107   -16.400 1.00 21.49 ? 150 ARG A CB  1 
ATOM   1150 C CG  . ARG A 1 150 ? 9.790   7.851   -17.550 1.00 23.60 ? 150 ARG A CG  1 
ATOM   1151 C CD  . ARG A 1 150 ? 10.793  6.975   -18.272 1.00 23.56 ? 150 ARG A CD  1 
ATOM   1152 N NE  . ARG A 1 150 ? 11.839  6.527   -17.375 1.00 25.21 ? 150 ARG A NE  1 
ATOM   1153 C CZ  . ARG A 1 150 ? 12.569  5.443   -17.573 1.00 24.27 ? 150 ARG A CZ  1 
ATOM   1154 N NH1 . ARG A 1 150 ? 12.366  4.706   -18.654 1.00 25.90 ? 150 ARG A NH1 1 
ATOM   1155 N NH2 . ARG A 1 150 ? 13.470  5.076   -16.668 1.00 25.73 ? 150 ARG A NH2 1 
ATOM   1156 N N   . TYR A 1 151 ? 6.967   5.523   -14.917 1.00 17.89 ? 151 TYR A N   1 
ATOM   1157 C CA  . TYR A 1 151 ? 6.674   4.580   -13.874 1.00 17.30 ? 151 TYR A CA  1 
ATOM   1158 C C   . TYR A 1 151 ? 6.539   3.174   -14.483 1.00 18.08 ? 151 TYR A C   1 
ATOM   1159 O O   . TYR A 1 151 ? 6.347   3.029   -15.696 1.00 17.17 ? 151 TYR A O   1 
ATOM   1160 C CB  . TYR A 1 151 ? 5.390   5.023   -13.159 1.00 16.94 ? 151 TYR A CB  1 
ATOM   1161 C CG  . TYR A 1 151 ? 4.136   4.828   -13.964 1.00 18.08 ? 151 TYR A CG  1 
ATOM   1162 C CD1 . TYR A 1 151 ? 3.396   3.640   -13.862 1.00 17.16 ? 151 TYR A CD1 1 
ATOM   1163 C CD2 . TYR A 1 151 ? 3.695   5.819   -14.850 1.00 18.06 ? 151 TYR A CD2 1 
ATOM   1164 C CE1 . TYR A 1 151 ? 2.251   3.443   -14.627 1.00 18.77 ? 151 TYR A CE1 1 
ATOM   1165 C CE2 . TYR A 1 151 ? 2.560   5.635   -15.607 1.00 18.76 ? 151 TYR A CE2 1 
ATOM   1166 C CZ  . TYR A 1 151 ? 1.842   4.445   -15.497 1.00 19.44 ? 151 TYR A CZ  1 
ATOM   1167 O OH  . TYR A 1 151 ? 0.719   4.263   -16.264 1.00 21.32 ? 151 TYR A OH  1 
ATOM   1168 N N   . ARG A 1 152 ? 6.711   2.141   -13.654 1.00 17.73 ? 152 ARG A N   1 
ATOM   1169 C CA  . ARG A 1 152 ? 6.549   0.763   -14.096 1.00 17.85 ? 152 ARG A CA  1 
ATOM   1170 C C   . ARG A 1 152 ? 6.016   -0.091  -12.954 1.00 18.51 ? 152 ARG A C   1 
ATOM   1171 O O   . ARG A 1 152 ? 6.192   0.226   -11.772 1.00 18.10 ? 152 ARG A O   1 
ATOM   1172 C CB  . ARG A 1 152 ? 7.834   0.143   -14.654 1.00 17.39 ? 152 ARG A CB  1 
ATOM   1173 C CG  . ARG A 1 152 ? 8.986   0.128   -13.707 1.00 17.17 ? 152 ARG A CG  1 
ATOM   1174 C CD  . ARG A 1 152 ? 10.073  -0.765  -14.191 1.00 20.15 ? 152 ARG A CD  1 
ATOM   1175 N NE  . ARG A 1 152 ? 11.291  -0.559  -13.418 1.00 22.75 ? 152 ARG A NE  1 
ATOM   1176 C CZ  . ARG A 1 152 ? 12.517  -0.842  -13.857 1.00 25.84 ? 152 ARG A CZ  1 
ATOM   1177 N NH1 . ARG A 1 152 ? 12.690  -1.367  -15.060 1.00 26.55 ? 152 ARG A NH1 1 
ATOM   1178 N NH2 . ARG A 1 152 ? 13.589  -0.459  -13.167 1.00 26.75 ? 152 ARG A NH2 1 
ATOM   1179 N N   . LEU A 1 153 ? 5.357   -1.174  -13.332 1.00 19.10 ? 153 LEU A N   1 
ATOM   1180 C CA  . LEU A 1 153 ? 4.764   -2.093  -12.375 1.00 19.22 ? 153 LEU A CA  1 
ATOM   1181 C C   . LEU A 1 153 ? 5.627   -3.355  -12.212 1.00 19.81 ? 153 LEU A C   1 
ATOM   1182 O O   . LEU A 1 153 ? 6.261   -3.830  -13.170 1.00 19.53 ? 153 LEU A O   1 
ATOM   1183 C CB  . LEU A 1 153 ? 3.345   -2.479  -12.851 1.00 18.89 ? 153 LEU A CB  1 
ATOM   1184 C CG  . LEU A 1 153 ? 2.416   -1.335  -13.313 1.00 19.06 ? 153 LEU A CG  1 
ATOM   1185 C CD1 . LEU A 1 153 ? 1.096   -1.913  -13.785 1.00 20.72 ? 153 LEU A CD1 1 
ATOM   1186 C CD2 . LEU A 1 153 ? 2.170   -0.298  -12.214 1.00 19.10 ? 153 LEU A CD2 1 
ATOM   1187 N N   . TYR A 1 154 ? 5.656   -3.868  -10.985 1.00 18.60 ? 154 TYR A N   1 
ATOM   1188 C CA  . TYR A 1 154 ? 6.367   -5.097  -10.632 1.00 19.11 ? 154 TYR A CA  1 
ATOM   1189 C C   . TYR A 1 154 ? 5.382   -6.023  -9.934  1.00 20.60 ? 154 TYR A C   1 
ATOM   1190 O O   . TYR A 1 154 ? 4.575   -5.566  -9.119  1.00 20.36 ? 154 TYR A O   1 
ATOM   1191 C CB  . TYR A 1 154 ? 7.431   -4.832  -9.598  1.00 21.56 ? 154 TYR A CB  1 
ATOM   1192 C CG  . TYR A 1 154 ? 8.694   -4.193  -10.071 1.00 23.45 ? 154 TYR A CG  1 
ATOM   1193 C CD1 . TYR A 1 154 ? 8.761   -2.825  -10.249 1.00 24.95 ? 154 TYR A CD1 1 
ATOM   1194 C CD2 . TYR A 1 154 ? 9.874   -4.941  -10.180 1.00 24.83 ? 154 TYR A CD2 1 
ATOM   1195 C CE1 . TYR A 1 154 ? 9.958   -2.199  -10.504 1.00 26.70 ? 154 TYR A CE1 1 
ATOM   1196 C CE2 . TYR A 1 154 ? 11.089  -4.323  -10.433 1.00 26.74 ? 154 TYR A CE2 1 
ATOM   1197 C CZ  . TYR A 1 154 ? 11.120  -2.945  -10.583 1.00 27.67 ? 154 TYR A CZ  1 
ATOM   1198 O OH  . TYR A 1 154 ? 12.317  -2.278  -10.728 1.00 30.24 ? 154 TYR A OH  1 
ATOM   1199 N N   . SER A 1 155 ? 5.448   -7.313  -10.225 1.00 20.59 ? 155 SER A N   1 
ATOM   1200 C CA  . SER A 1 155 ? 4.585   -8.285  -9.557  1.00 21.25 ? 155 SER A CA  1 
ATOM   1201 C C   . SER A 1 155 ? 5.518   -9.295  -8.958  1.00 22.48 ? 155 SER A C   1 
ATOM   1202 O O   . SER A 1 155 ? 6.300   -9.921  -9.683  1.00 23.41 ? 155 SER A O   1 
ATOM   1203 C CB  . SER A 1 155 ? 3.657   -8.992  -10.531 1.00 22.74 ? 155 SER A CB  1 
ATOM   1204 O OG  . SER A 1 155 ? 2.703   -8.075  -11.015 1.00 24.14 ? 155 SER A OG  1 
ATOM   1205 N N   . TYR A 1 156 ? 5.497   -9.405  -7.631  1.00 21.61 ? 156 TYR A N   1 
ATOM   1206 C CA  . TYR A 1 156 ? 6.367   -10.347 -6.965  1.00 21.83 ? 156 TYR A CA  1 
ATOM   1207 C C   . TYR A 1 156 ? 5.552   -11.410 -6.295  1.00 22.73 ? 156 TYR A C   1 
ATOM   1208 O O   . TYR A 1 156 ? 4.410   -11.168 -5.892  1.00 21.82 ? 156 TYR A O   1 
ATOM   1209 C CB  . TYR A 1 156 ? 7.205   -9.663  -5.907  1.00 20.47 ? 156 TYR A CB  1 
ATOM   1210 C CG  . TYR A 1 156 ? 8.195   -8.660  -6.428  1.00 22.17 ? 156 TYR A CG  1 
ATOM   1211 C CD1 . TYR A 1 156 ? 7.904   -7.291  -6.385  1.00 21.12 ? 156 TYR A CD1 1 
ATOM   1212 C CD2 . TYR A 1 156 ? 9.488   -9.049  -6.805  1.00 21.81 ? 156 TYR A CD2 1 
ATOM   1213 C CE1 . TYR A 1 156 ? 8.852   -6.350  -6.668  1.00 21.04 ? 156 TYR A CE1 1 
ATOM   1214 C CE2 . TYR A 1 156 ? 10.454  -8.112  -7.090  1.00 22.67 ? 156 TYR A CE2 1 
ATOM   1215 C CZ  . TYR A 1 156 ? 10.135  -6.750  -7.004  1.00 23.68 ? 156 TYR A CZ  1 
ATOM   1216 O OH  . TYR A 1 156 ? 11.113  -5.779  -7.126  1.00 24.67 ? 156 TYR A OH  1 
ATOM   1217 N N   . HIS A 1 157 ? 6.144   -12.593 -6.173  1.00 23.78 ? 157 HIS A N   1 
ATOM   1218 C CA  . HIS A 1 157 ? 5.476   -13.694 -5.513  1.00 26.82 ? 157 HIS A CA  1 
ATOM   1219 C C   . HIS A 1 157 ? 6.490   -14.597 -4.831  1.00 26.72 ? 157 HIS A C   1 
ATOM   1220 O O   . HIS A 1 157 ? 7.717   -14.510 -5.055  1.00 26.64 ? 157 HIS A O   1 
ATOM   1221 C CB  . HIS A 1 157 ? 4.630   -14.505 -6.504  1.00 29.56 ? 157 HIS A CB  1 
ATOM   1222 C CG  . HIS A 1 157 ? 5.425   -15.077 -7.635  1.00 34.82 ? 157 HIS A CG  1 
ATOM   1223 N ND1 . HIS A 1 157 ? 5.602   -14.410 -8.835  1.00 37.02 ? 157 HIS A ND1 1 
ATOM   1224 C CD2 . HIS A 1 157 ? 6.164   -16.216 -7.725  1.00 36.42 ? 157 HIS A CD2 1 
ATOM   1225 C CE1 . HIS A 1 157 ? 6.421   -15.109 -9.607  1.00 38.37 ? 157 HIS A CE1 1 
ATOM   1226 N NE2 . HIS A 1 157 ? 6.775   -16.207 -8.959  1.00 37.47 ? 157 HIS A NE2 1 
ATOM   1227 N N   . ARG A 1 158 ? 5.957   -15.378 -3.905  1.00 27.07 ? 158 ARG A N   1 
ATOM   1228 C CA  . ARG A 1 158 ? 6.700   -16.382 -3.157  1.00 28.04 ? 158 ARG A CA  1 
ATOM   1229 C C   . ARG A 1 158 ? 5.647   -17.377 -2.631  1.00 29.65 ? 158 ARG A C   1 
ATOM   1230 O O   . ARG A 1 158 ? 4.497   -17.000 -2.344  1.00 31.74 ? 158 ARG A O   1 
ATOM   1231 C CB  . ARG A 1 158 ? 7.587   -15.768 -2.063  1.00 25.01 ? 158 ARG A CB  1 
ATOM   1232 C CG  . ARG A 1 158 ? 6.875   -15.154 -0.915  1.00 23.60 ? 158 ARG A CG  1 
ATOM   1233 C CD  . ARG A 1 158 ? 7.885   -14.775 0.129   1.00 20.59 ? 158 ARG A CD  1 
ATOM   1234 N NE  . ARG A 1 158 ? 7.243   -14.070 1.230   1.00 20.83 ? 158 ARG A NE  1 
ATOM   1235 C CZ  . ARG A 1 158 ? 7.885   -13.475 2.237   1.00 18.58 ? 158 ARG A CZ  1 
ATOM   1236 N NH1 . ARG A 1 158 ? 9.209   -13.498 2.321   1.00 18.52 ? 158 ARG A NH1 1 
ATOM   1237 N NH2 . ARG A 1 158 ? 7.200   -12.791 3.137   1.00 17.32 ? 158 ARG A NH2 1 
ATOM   1238 N N   . SER A 1 159 ? 5.986   -18.663 -2.648  1.00 30.53 ? 159 SER A N   1 
ATOM   1239 C CA  . SER A 1 159 ? 5.052   -19.693 -2.211  1.00 31.63 ? 159 SER A CA  1 
ATOM   1240 C C   . SER A 1 159 ? 5.160   -20.054 -0.740  1.00 31.38 ? 159 SER A C   1 
ATOM   1241 O O   . SER A 1 159 ? 4.149   -20.560 -0.218  1.00 31.69 ? 159 SER A O   1 
ATOM   1242 C CB  . SER A 1 159 ? 5.211   -20.951 -3.073  1.00 32.83 ? 159 SER A CB  1 
ATOM   1243 O OG  . SER A 1 159 ? 4.897   -20.697 -4.438  1.00 35.70 ? 159 SER A OG  1 
ATOM   1244 O OXT . SER A 1 159 ? 6.241   -19.862 -0.142  1.00 31.13 ? 159 SER A OXT 1 
HETATM 1245 S S   . SO4 B 2 .   ? -0.093  10.812  14.559  1.00 29.68 ? 506 SO4 A S   1 
HETATM 1246 O O1  . SO4 B 2 .   ? 1.024   11.040  13.668  1.00 35.79 ? 506 SO4 A O1  1 
HETATM 1247 O O2  . SO4 B 2 .   ? -0.487  10.764  13.147  1.00 30.42 ? 506 SO4 A O2  1 
HETATM 1248 O O3  . SO4 B 2 .   ? -0.816  11.741  15.443  1.00 29.90 ? 506 SO4 A O3  1 
HETATM 1249 O O4  . SO4 B 2 .   ? 0.581   9.879   15.451  1.00 27.15 ? 506 SO4 A O4  1 
HETATM 1250 P PA  . NDP C 3 .   ? 0.775   3.467   9.011   1.00 16.02 ? 500 NDP A PA  1 
HETATM 1251 O O1A . NDP C 3 .   ? 1.456   2.174   8.778   1.00 14.32 ? 500 NDP A O1A 1 
HETATM 1252 O O2A . NDP C 3 .   ? -0.224  3.826   7.969   1.00 16.61 ? 500 NDP A O2A 1 
HETATM 1253 O O5B . NDP C 3 .   ? -0.033  3.466   10.380  1.00 16.08 ? 500 NDP A O5B 1 
HETATM 1254 C C5B . NDP C 3 .   ? 0.735   3.213   11.596  1.00 17.26 ? 500 NDP A C5B 1 
HETATM 1255 C C4B . NDP C 3 .   ? -0.355  3.134   12.676  1.00 16.91 ? 500 NDP A C4B 1 
HETATM 1256 O O4B . NDP C 3 .   ? -0.933  1.821   12.571  1.00 18.36 ? 500 NDP A O4B 1 
HETATM 1257 C C3B . NDP C 3 .   ? 0.216   3.212   14.107  1.00 18.54 ? 500 NDP A C3B 1 
HETATM 1258 O O3B . NDP C 3 .   ? 0.408   4.587   14.390  1.00 19.57 ? 500 NDP A O3B 1 
HETATM 1259 C C2B . NDP C 3 .   ? -0.954  2.462   14.841  1.00 19.45 ? 500 NDP A C2B 1 
HETATM 1260 O O2B . NDP C 3 .   ? -2.150  3.191   14.996  1.00 22.06 ? 500 NDP A O2B 1 
HETATM 1261 C C1B . NDP C 3 .   ? -1.178  1.319   13.906  1.00 20.32 ? 500 NDP A C1B 1 
HETATM 1262 N N9A . NDP C 3 .   ? -0.316  0.194   14.192  1.00 20.92 ? 500 NDP A N9A 1 
HETATM 1263 C C8A . NDP C 3 .   ? 0.982   -0.044  13.799  1.00 21.74 ? 500 NDP A C8A 1 
HETATM 1264 N N7A . NDP C 3 .   ? 1.454   -1.204  14.226  1.00 22.87 ? 500 NDP A N7A 1 
HETATM 1265 C C5A . NDP C 3 .   ? 0.392   -1.733  14.925  1.00 23.42 ? 500 NDP A C5A 1 
HETATM 1266 C C6A . NDP C 3 .   ? 0.240   -2.986  15.658  1.00 23.76 ? 500 NDP A C6A 1 
HETATM 1267 N N6A . NDP C 3 .   ? 1.271   -3.885  15.739  1.00 26.13 ? 500 NDP A N6A 1 
HETATM 1268 N N1A . NDP C 3 .   ? -0.975  -3.201  16.253  1.00 21.08 ? 500 NDP A N1A 1 
HETATM 1269 C C2A . NDP C 3 .   ? -1.951  -2.241  16.136  1.00 20.35 ? 500 NDP A C2A 1 
HETATM 1270 N N3A . NDP C 3 .   ? -1.902  -1.085  15.508  1.00 21.60 ? 500 NDP A N3A 1 
HETATM 1271 C C4A . NDP C 3 .   ? -0.699  -0.900  14.907  1.00 22.20 ? 500 NDP A C4A 1 
HETATM 1272 O O3  . NDP C 3 .   ? 1.779   4.601   9.145   1.00 16.44 ? 500 NDP A O3  1 
HETATM 1273 P PN  . NDP C 3 .   ? 3.158   5.126   8.568   1.00 17.68 ? 500 NDP A PN  1 
HETATM 1274 O O1N . NDP C 3 .   ? 3.552   6.409   9.189   1.00 16.03 ? 500 NDP A O1N 1 
HETATM 1275 O O2N . NDP C 3 .   ? 4.205   4.102   8.678   1.00 14.27 ? 500 NDP A O2N 1 
HETATM 1276 O O5D . NDP C 3 .   ? 2.800   5.313   6.976   1.00 15.15 ? 500 NDP A O5D 1 
HETATM 1277 C C5D . NDP C 3 .   ? 1.939   6.443   6.616   1.00 16.01 ? 500 NDP A C5D 1 
HETATM 1278 C C4D . NDP C 3 .   ? 2.651   7.074   5.406   1.00 16.93 ? 500 NDP A C4D 1 
HETATM 1279 O O4D . NDP C 3 .   ? 2.615   6.087   4.342   1.00 15.88 ? 500 NDP A O4D 1 
HETATM 1280 C C3D . NDP C 3 .   ? 1.955   8.341   4.837   1.00 16.43 ? 500 NDP A C3D 1 
HETATM 1281 O O3D . NDP C 3 .   ? 2.942   9.255   4.504   1.00 14.90 ? 500 NDP A O3D 1 
HETATM 1282 C C2D . NDP C 3 .   ? 1.208   7.768   3.622   1.00 16.15 ? 500 NDP A C2D 1 
HETATM 1283 O O2D . NDP C 3 .   ? 1.013   8.815   2.676   1.00 19.28 ? 500 NDP A O2D 1 
HETATM 1284 C C1D . NDP C 3 .   ? 2.158   6.694   3.128   1.00 15.87 ? 500 NDP A C1D 1 
HETATM 1285 N N1N . NDP C 3 .   ? 1.503   5.639   2.270   1.00 13.91 ? 500 NDP A N1N 1 
HETATM 1286 C C2N . NDP C 3 .   ? 2.084   5.472   0.989   1.00 13.83 ? 500 NDP A C2N 1 
HETATM 1287 C C3N . NDP C 3 .   ? 1.528   4.511   0.171   1.00 12.10 ? 500 NDP A C3N 1 
HETATM 1288 C C7N . NDP C 3 .   ? 2.178   4.335   -1.251  1.00 12.39 ? 500 NDP A C7N 1 
HETATM 1289 O O7N . NDP C 3 .   ? 1.839   3.376   -1.877  1.00 14.65 ? 500 NDP A O7N 1 
HETATM 1290 N N7N . NDP C 3 .   ? 3.084   5.269   -1.692  1.00 13.04 ? 500 NDP A N7N 1 
HETATM 1291 C C4N . NDP C 3 .   ? 0.410   3.672   0.525   1.00 13.59 ? 500 NDP A C4N 1 
HETATM 1292 C C5N . NDP C 3 .   ? -0.077  3.962   1.847   1.00 13.15 ? 500 NDP A C5N 1 
HETATM 1293 C C6N . NDP C 3 .   ? 0.414   4.884   2.704   1.00 14.77 ? 500 NDP A C6N 1 
HETATM 1294 P P2B . NDP C 3 .   ? -2.378  4.173   16.351  1.00 21.82 ? 500 NDP A P2B 1 
HETATM 1295 O O1X . NDP C 3 .   ? -1.355  5.175   16.285  1.00 21.62 ? 500 NDP A O1X 1 
HETATM 1296 O O2X . NDP C 3 .   ? -3.774  4.626   15.986  1.00 22.16 ? 500 NDP A O2X 1 
HETATM 1297 O O3X . NDP C 3 .   ? -2.257  3.188   17.445  1.00 21.62 ? 500 NDP A O3X 1 
HETATM 1298 N N1  . MTX D 4 .   ? -0.867  3.184   -4.878  1.00 13.60 ? 501 MTX A N1  1 
HETATM 1299 C C2  . MTX D 4 .   ? -0.427  1.869   -4.709  1.00 13.35 ? 501 MTX A C2  1 
HETATM 1300 N NA2 . MTX D 4 .   ? 0.147   1.292   -5.798  1.00 11.98 ? 501 MTX A NA2 1 
HETATM 1301 N N3  . MTX D 4 .   ? -0.567  1.239   -3.537  1.00 12.36 ? 501 MTX A N3  1 
HETATM 1302 C C4  . MTX D 4 .   ? -1.135  1.714   -2.413  1.00 11.71 ? 501 MTX A C4  1 
HETATM 1303 N NA4 . MTX D 4 .   ? -1.269  1.048   -1.307  1.00 10.30 ? 501 MTX A NA4 1 
HETATM 1304 C C4A . MTX D 4 .   ? -1.639  3.089   -2.577  1.00 12.66 ? 501 MTX A C4A 1 
HETATM 1305 N N5  . MTX D 4 .   ? -2.316  3.699   -1.573  1.00 13.25 ? 501 MTX A N5  1 
HETATM 1306 C C6  . MTX D 4 .   ? -2.716  4.951   -1.774  1.00 13.66 ? 501 MTX A C6  1 
HETATM 1307 C C7  . MTX D 4 .   ? -2.375  5.550   -2.984  1.00 12.84 ? 501 MTX A C7  1 
HETATM 1308 N N8  . MTX D 4 .   ? -1.862  5.067   -3.990  1.00 13.97 ? 501 MTX A N8  1 
HETATM 1309 C C8A . MTX D 4 .   ? -1.432  3.778   -3.798  1.00 12.81 ? 501 MTX A C8A 1 
HETATM 1310 C C9  . MTX D 4 .   ? -3.354  5.614   -0.546  1.00 14.78 ? 501 MTX A C9  1 
HETATM 1311 N N10 . MTX D 4 .   ? -4.170  6.696   -0.962  1.00 16.64 ? 501 MTX A N10 1 
HETATM 1312 C CM  . MTX D 4 .   ? -3.786  8.004   -0.304  1.00 16.27 ? 501 MTX A CM  1 
HETATM 1313 C C11 . MTX D 4 .   ? -7.380  6.549   -3.618  1.00 18.83 ? 501 MTX A C11 1 
HETATM 1314 C C12 . MTX D 4 .   ? -6.888  7.787   -3.148  1.00 19.02 ? 501 MTX A C12 1 
HETATM 1315 C C13 . MTX D 4 .   ? -5.911  8.075   -2.263  1.00 18.03 ? 501 MTX A C13 1 
HETATM 1316 C C14 . MTX D 4 .   ? -5.271  6.768   -1.752  1.00 15.62 ? 501 MTX A C14 1 
HETATM 1317 C C15 . MTX D 4 .   ? -5.798  5.479   -2.286  1.00 16.01 ? 501 MTX A C15 1 
HETATM 1318 C C16 . MTX D 4 .   ? -6.715  5.365   -3.195  1.00 18.12 ? 501 MTX A C16 1 
HETATM 1319 C C   . MTX D 4 .   ? -8.363  6.611   -4.517  1.00 20.82 ? 501 MTX A C   1 
HETATM 1320 O O   . MTX D 4 .   ? -9.102  7.488   -5.007  1.00 20.58 ? 501 MTX A O   1 
HETATM 1321 N N   . MTX D 4 .   ? -8.806  5.622   -5.223  1.00 20.64 ? 501 MTX A N   1 
HETATM 1322 C CA  . MTX D 4 .   ? -9.815  5.189   -5.982  1.00 21.80 ? 501 MTX A CA  1 
HETATM 1323 C CT  . MTX D 4 .   ? -10.037 3.709   -5.702  1.00 22.59 ? 501 MTX A CT  1 
HETATM 1324 O O1  . MTX D 4 .   ? -9.304  2.799   -5.374  1.00 22.50 ? 501 MTX A O1  1 
HETATM 1325 O O2  . MTX D 4 .   ? -11.372 3.414   -5.875  1.00 21.55 ? 501 MTX A O2  1 
HETATM 1326 C CB  . MTX D 4 .   ? -9.731  5.121   -7.558  1.00 23.75 ? 501 MTX A CB  1 
HETATM 1327 C CG  . MTX D 4 .   ? -9.289  6.301   -8.352  1.00 25.09 ? 501 MTX A CG  1 
HETATM 1328 C CD  . MTX D 4 .   ? -8.558  6.502   -9.838  1.00 27.15 ? 501 MTX A CD  1 
HETATM 1329 O OE1 . MTX D 4 .   ? -7.735  7.537   -10.183 1.00 32.99 ? 501 MTX A OE1 1 
HETATM 1330 O OE2 . MTX D 4 .   ? -9.150  5.385   -10.207 1.00 28.59 ? 501 MTX A OE2 1 
HETATM 1331 C C1  . GOL E 5 .   ? -0.325  7.127   -6.044  1.00 28.25 ? 502 GOL A C1  1 
HETATM 1332 O O1  . GOL E 5 .   ? 1.033   7.039   -6.517  1.00 25.09 ? 502 GOL A O1  1 
HETATM 1333 C C2  . GOL E 5 .   ? -0.615  8.543   -5.489  1.00 29.24 ? 502 GOL A C2  1 
HETATM 1334 O O2  . GOL E 5 .   ? -1.833  8.665   -4.751  1.00 31.83 ? 502 GOL A O2  1 
HETATM 1335 C C3  . GOL E 5 .   ? -0.364  9.713   -6.427  1.00 30.19 ? 502 GOL A C3  1 
HETATM 1336 O O3  . GOL E 5 .   ? -1.510  10.007  -7.238  1.00 33.93 ? 502 GOL A O3  1 
HETATM 1337 C C1  . GOL F 5 .   ? 6.944   6.072   8.915   1.00 23.16 ? 503 GOL A C1  1 
HETATM 1338 O O1  . GOL F 5 .   ? 6.701   4.697   8.592   1.00 22.68 ? 503 GOL A O1  1 
HETATM 1339 C C2  . GOL F 5 .   ? 7.454   6.112   10.371  1.00 25.52 ? 503 GOL A C2  1 
HETATM 1340 O O2  . GOL F 5 .   ? 6.518   5.714   11.367  1.00 23.49 ? 503 GOL A O2  1 
HETATM 1341 C C3  . GOL F 5 .   ? 8.396   7.278   10.738  1.00 27.51 ? 503 GOL A C3  1 
HETATM 1342 O O3  . GOL F 5 .   ? 8.313   7.703   12.094  1.00 30.40 ? 503 GOL A O3  1 
HETATM 1343 C C1  . GOL G 5 .   ? -1.183  -4.371  -15.315 1.00 45.44 ? 504 GOL A C1  1 
HETATM 1344 O O1  . GOL G 5 .   ? -0.236  -4.300  -16.412 1.00 45.63 ? 504 GOL A O1  1 
HETATM 1345 C C2  . GOL G 5 .   ? -2.385  -3.426  -15.615 1.00 45.06 ? 504 GOL A C2  1 
HETATM 1346 O O2  . GOL G 5 .   ? -3.235  -3.749  -16.696 1.00 45.09 ? 504 GOL A O2  1 
HETATM 1347 C C3  . GOL G 5 .   ? -2.246  -1.924  -15.323 1.00 45.32 ? 504 GOL A C3  1 
HETATM 1348 O O3  . GOL G 5 .   ? -3.000  -1.537  -14.176 1.00 47.34 ? 504 GOL A O3  1 
HETATM 1349 C C1  . GOL H 5 .   ? 12.598  0.281   -6.930  1.00 46.59 ? 505 GOL A C1  1 
HETATM 1350 O O1  . GOL H 5 .   ? 13.972  0.531   -6.452  1.00 44.88 ? 505 GOL A O1  1 
HETATM 1351 C C2  . GOL H 5 .   ? 12.387  -1.251  -7.124  1.00 46.63 ? 505 GOL A C2  1 
HETATM 1352 O O2  . GOL H 5 .   ? 13.187  -1.923  -8.087  1.00 49.05 ? 505 GOL A O2  1 
HETATM 1353 C C3  . GOL H 5 .   ? 10.986  -1.836  -6.956  1.00 45.95 ? 505 GOL A C3  1 
HETATM 1354 O O3  . GOL H 5 .   ? 10.990  -3.001  -6.152  1.00 45.26 ? 505 GOL A O3  1 
HETATM 1355 O O   . HOH I 6 .   ? 9.439   -11.769 5.257   1.00 12.21 ? 507 HOH A O   1 
HETATM 1356 O O   . HOH I 6 .   ? 1.249   -1.096  -7.282  1.00 13.36 ? 508 HOH A O   1 
HETATM 1357 O O   . HOH I 6 .   ? 8.962   3.508   7.246   1.00 21.12 ? 509 HOH A O   1 
HETATM 1358 O O   . HOH I 6 .   ? -15.520 -1.331  4.757   1.00 17.34 ? 510 HOH A O   1 
HETATM 1359 O O   . HOH I 6 .   ? 7.852   -0.638  5.220   1.00 16.25 ? 511 HOH A O   1 
HETATM 1360 O O   . HOH I 6 .   ? 10.424  12.847  6.250   1.00 20.80 ? 512 HOH A O   1 
HETATM 1361 O O   . HOH I 6 .   ? 4.850   -1.432  -16.041 1.00 21.78 ? 513 HOH A O   1 
HETATM 1362 O O   . HOH I 6 .   ? -1.439  8.482   1.758   1.00 27.72 ? 514 HOH A O   1 
HETATM 1363 O O   . HOH I 6 .   ? -16.135 0.419   2.001   1.00 21.73 ? 515 HOH A O   1 
HETATM 1364 O O   . HOH I 6 .   ? 2.048   -10.618 -7.242  1.00 23.09 ? 516 HOH A O   1 
HETATM 1365 O O   . HOH I 6 .   ? 10.036  10.392  -14.317 1.00 26.20 ? 517 HOH A O   1 
HETATM 1366 O O   . HOH I 6 .   ? 11.198  -10.367 1.964   1.00 23.62 ? 518 HOH A O   1 
HETATM 1367 O O   . HOH I 6 .   ? 4.671   10.639  5.982   1.00 21.22 ? 519 HOH A O   1 
HETATM 1368 O O   . HOH I 6 .   ? -16.565 5.869   0.608   1.00 25.83 ? 520 HOH A O   1 
HETATM 1369 O O   . HOH I 6 .   ? 12.996  13.694  -10.453 1.00 28.21 ? 521 HOH A O   1 
HETATM 1370 O O   . HOH I 6 .   ? 11.205  -2.263  -17.216 1.00 24.63 ? 522 HOH A O   1 
HETATM 1371 O O   . HOH I 6 .   ? 18.135  7.814   -0.988  1.00 24.06 ? 523 HOH A O   1 
HETATM 1372 O O   . HOH I 6 .   ? 14.081  8.017   -6.186  1.00 20.22 ? 524 HOH A O   1 
HETATM 1373 O O   . HOH I 6 .   ? 14.019  13.897  -1.275  1.00 25.45 ? 525 HOH A O   1 
HETATM 1374 O O   . HOH I 6 .   ? 3.273   -3.800  -16.884 1.00 25.95 ? 526 HOH A O   1 
HETATM 1375 O O   . HOH I 6 .   ? 5.792   -9.073  11.659  1.00 23.34 ? 527 HOH A O   1 
HETATM 1376 O O   . HOH I 6 .   ? 13.755  15.188  7.491   1.00 38.58 ? 528 HOH A O   1 
HETATM 1377 O O   . HOH I 6 .   ? 11.559  -2.080  -1.811  1.00 28.23 ? 529 HOH A O   1 
HETATM 1378 O O   . HOH I 6 .   ? 1.920   -3.751  -9.588  1.00 22.44 ? 530 HOH A O   1 
HETATM 1379 O O   . HOH I 6 .   ? 12.774  1.196   0.961   1.00 24.01 ? 531 HOH A O   1 
HETATM 1380 O O   . HOH I 6 .   ? 0.064   -14.999 1.911   1.00 23.73 ? 532 HOH A O   1 
HETATM 1381 O O   . HOH I 6 .   ? -12.668 14.201  -0.454  1.00 30.79 ? 533 HOH A O   1 
HETATM 1382 O O   . HOH I 6 .   ? -15.538 7.077   7.173   1.00 35.80 ? 534 HOH A O   1 
HETATM 1383 O O   . HOH I 6 .   ? -3.253  2.278   -14.473 1.00 28.21 ? 535 HOH A O   1 
HETATM 1384 O O   . HOH I 6 .   ? -10.581 -9.426  7.663   1.00 28.08 ? 536 HOH A O   1 
HETATM 1385 O O   . HOH I 6 .   ? 10.800  5.654   8.692   1.00 20.64 ? 537 HOH A O   1 
HETATM 1386 O O   . HOH I 6 .   ? 9.271   -6.782  7.419   1.00 27.89 ? 538 HOH A O   1 
HETATM 1387 O O   . HOH I 6 .   ? 4.189   14.584  0.703   1.00 36.54 ? 539 HOH A O   1 
HETATM 1388 O O   . HOH I 6 .   ? -12.200 -5.869  16.164  1.00 34.75 ? 540 HOH A O   1 
HETATM 1389 O O   . HOH I 6 .   ? 3.224   2.360   16.015  1.00 27.27 ? 541 HOH A O   1 
HETATM 1390 O O   . HOH I 6 .   ? -13.302 5.086   -6.506  1.00 46.61 ? 542 HOH A O   1 
HETATM 1391 O O   . HOH I 6 .   ? 0.294   2.971   18.567  1.00 26.51 ? 543 HOH A O   1 
HETATM 1392 O O   . HOH I 6 .   ? 17.548  13.389  6.457   1.00 27.51 ? 544 HOH A O   1 
HETATM 1393 O O   . HOH I 6 .   ? 10.264  -4.661  5.797   1.00 31.24 ? 545 HOH A O   1 
HETATM 1394 O O   . HOH I 6 .   ? 17.726  13.855  2.137   1.00 60.02 ? 546 HOH A O   1 
HETATM 1395 O O   . HOH I 6 .   ? 7.146   -17.859 1.215   1.00 38.01 ? 547 HOH A O   1 
HETATM 1396 O O   . HOH I 6 .   ? -6.920  9.731   13.911  1.00 32.20 ? 548 HOH A O   1 
HETATM 1397 O O   . HOH I 6 .   ? 16.376  4.161   -13.904 1.00 44.85 ? 549 HOH A O   1 
HETATM 1398 O O   . HOH I 6 .   ? -12.054 -11.841 -2.204  1.00 39.41 ? 550 HOH A O   1 
HETATM 1399 O O   . HOH I 6 .   ? 12.147  -0.591  4.661   1.00 27.89 ? 551 HOH A O   1 
HETATM 1400 O O   . HOH I 6 .   ? -10.646 15.068  2.687   1.00 35.31 ? 552 HOH A O   1 
HETATM 1401 O O   . HOH I 6 .   ? -9.334  1.495   -12.135 1.00 36.17 ? 553 HOH A O   1 
HETATM 1402 O O   . HOH I 6 .   ? 5.761   -2.207  11.937  1.00 27.53 ? 554 HOH A O   1 
HETATM 1403 O O   . HOH I 6 .   ? -0.357  -15.373 5.618   1.00 25.14 ? 555 HOH A O   1 
HETATM 1404 O O   . HOH I 6 .   ? 3.016   5.038   14.897  1.00 28.52 ? 556 HOH A O   1 
HETATM 1405 O O   . HOH I 6 .   ? 0.677   5.705   -18.697 1.00 40.00 ? 557 HOH A O   1 
HETATM 1406 O O   . HOH I 6 .   ? -10.852 -8.726  10.124  1.00 28.43 ? 558 HOH A O   1 
HETATM 1407 O O   . HOH I 6 .   ? -9.639  10.088  -4.732  1.00 41.52 ? 559 HOH A O   1 
HETATM 1408 O O   . HOH I 6 .   ? 14.988  -18.215 -2.938  1.00 35.42 ? 560 HOH A O   1 
HETATM 1409 O O   . HOH I 6 .   ? 18.782  -11.304 0.754   1.00 41.59 ? 561 HOH A O   1 
HETATM 1410 O O   . HOH I 6 .   ? -12.043 8.136   11.270  1.00 35.16 ? 562 HOH A O   1 
HETATM 1411 O O   . HOH I 6 .   ? -13.854 8.930   9.552   1.00 35.04 ? 563 HOH A O   1 
HETATM 1412 O O   . HOH I 6 .   ? 5.061   -4.322  -19.300 1.00 30.57 ? 564 HOH A O   1 
HETATM 1413 O O   . HOH I 6 .   ? -0.278  15.217  6.036   1.00 52.31 ? 565 HOH A O   1 
HETATM 1414 O O   . HOH I 6 .   ? -1.173  -9.846  15.578  1.00 49.03 ? 566 HOH A O   1 
HETATM 1415 O O   . HOH I 6 .   ? -9.952  -6.875  -7.958  1.00 41.78 ? 567 HOH A O   1 
HETATM 1416 O O   . HOH I 6 .   ? -9.264  -9.888  -8.373  1.00 44.21 ? 568 HOH A O   1 
HETATM 1417 O O   . HOH I 6 .   ? -0.840  10.007  7.229   1.00 37.46 ? 569 HOH A O   1 
HETATM 1418 O O   . HOH I 6 .   ? 2.975   -13.213 -8.687  1.00 44.35 ? 570 HOH A O   1 
HETATM 1419 O O   . HOH I 6 .   ? 4.056   -1.585  14.239  1.00 33.81 ? 571 HOH A O   1 
HETATM 1420 O O   . HOH I 6 .   ? 11.367  15.244  5.199   1.00 26.39 ? 572 HOH A O   1 
HETATM 1421 O O   . HOH I 6 .   ? 17.476  -13.801 0.403   1.00 23.63 ? 573 HOH A O   1 
HETATM 1422 O O   . HOH I 6 .   ? 6.227   7.548   14.016  1.00 27.30 ? 574 HOH A O   1 
HETATM 1423 O O   . HOH I 6 .   ? 4.330   -11.217 13.572  1.00 23.74 ? 575 HOH A O   1 
HETATM 1424 O O   . HOH I 6 .   ? 10.233  -1.849  6.152   1.00 24.82 ? 576 HOH A O   1 
HETATM 1425 O O   . HOH I 6 .   ? 4.085   8.607   8.071   1.00 26.15 ? 577 HOH A O   1 
HETATM 1426 O O   . HOH I 6 .   ? -16.481 6.371   -2.176  1.00 41.05 ? 578 HOH A O   1 
HETATM 1427 O O   . HOH I 6 .   ? -8.066  -9.867  6.351   1.00 30.95 ? 579 HOH A O   1 
HETATM 1428 O O   . HOH I 6 .   ? 10.746  5.629   -21.294 1.00 35.21 ? 580 HOH A O   1 
HETATM 1429 O O   . HOH I 6 .   ? -4.380  -9.602  -9.332  1.00 33.82 ? 581 HOH A O   1 
HETATM 1430 O O   . HOH I 6 .   ? -4.298  -14.077 -5.469  1.00 50.45 ? 582 HOH A O   1 
HETATM 1431 O O   . HOH I 6 .   ? 14.300  0.466   -1.628  1.00 41.21 ? 583 HOH A O   1 
HETATM 1432 O O   . HOH I 6 .   ? 4.070   -6.386  -13.497 1.00 40.45 ? 584 HOH A O   1 
HETATM 1433 O O   . HOH I 6 .   ? 14.843  5.447   -11.432 1.00 24.82 ? 585 HOH A O   1 
HETATM 1434 O O   . HOH I 6 .   ? -13.796 -11.018 10.331  1.00 23.72 ? 586 HOH A O   1 
HETATM 1435 O O   . HOH I 6 .   ? 16.423  9.436   -5.716  1.00 25.97 ? 587 HOH A O   1 
HETATM 1436 O O   . HOH I 6 .   ? 15.900  7.961   -14.589 1.00 38.00 ? 588 HOH A O   1 
HETATM 1437 O O   . HOH I 6 .   ? -1.511  10.785  0.173   1.00 29.38 ? 589 HOH A O   1 
HETATM 1438 O O   . HOH I 6 .   ? -12.429 -1.516  -10.108 1.00 40.13 ? 590 HOH A O   1 
HETATM 1439 O O   . HOH I 6 .   ? -6.225  -10.367 -5.401  1.00 43.17 ? 591 HOH A O   1 
HETATM 1440 O O   . HOH I 6 .   ? 7.871   -4.275  12.377  1.00 27.89 ? 592 HOH A O   1 
HETATM 1441 O O   . HOH I 6 .   ? 15.466  0.245   -16.997 1.00 35.75 ? 593 HOH A O   1 
HETATM 1442 O O   . HOH I 6 .   ? 4.992   0.164   15.974  1.00 39.42 ? 594 HOH A O   1 
HETATM 1443 O O   . HOH I 6 .   ? -18.078 3.384   0.733   1.00 46.79 ? 595 HOH A O   1 
HETATM 1444 O O   . HOH I 6 .   ? 7.844   14.917  9.145   1.00 57.71 ? 596 HOH A O   1 
HETATM 1445 O O   . HOH I 6 .   ? 15.056  1.638   -11.478 1.00 42.40 ? 597 HOH A O   1 
HETATM 1446 O O   . HOH I 6 .   ? -0.115  -6.655  16.390  1.00 40.67 ? 598 HOH A O   1 
HETATM 1447 O O   . HOH I 6 .   ? -0.269  12.853  -3.359  1.00 35.59 ? 599 HOH A O   1 
HETATM 1448 O O   . HOH I 6 .   ? -12.885 0.705   17.992  1.00 43.20 ? 600 HOH A O   1 
HETATM 1449 O O   . HOH I 6 .   ? 1.715   -8.474  16.661  1.00 48.04 ? 601 HOH A O   1 
HETATM 1450 O O   . HOH I 6 .   ? 5.431   -7.341  15.728  1.00 33.68 ? 602 HOH A O   1 
HETATM 1451 O O   . HOH I 6 .   ? -1.835  7.791   -18.892 1.00 41.94 ? 603 HOH A O   1 
HETATM 1452 O O   . HOH I 6 .   ? 16.784  -1.263  -14.895 1.00 31.82 ? 604 HOH A O   1 
HETATM 1453 O O   . HOH I 6 .   ? -13.604 -8.710  1.685   1.00 48.52 ? 605 HOH A O   1 
HETATM 1454 O O   . HOH I 6 .   ? -11.058 8.634   15.858  1.00 48.22 ? 606 HOH A O   1 
HETATM 1455 O O   . HOH I 6 .   ? 6.837   -4.993  15.502  1.00 56.45 ? 607 HOH A O   1 
HETATM 1456 O O   . HOH I 6 .   ? -13.446 -8.800  -7.323  1.00 43.57 ? 608 HOH A O   1 
HETATM 1457 O O   . HOH I 6 .   ? -2.237  10.504  -2.579  1.00 31.20 ? 609 HOH A O   1 
HETATM 1458 O O   . HOH I 6 .   ? 7.759   13.006  7.004   1.00 32.56 ? 610 HOH A O   1 
HETATM 1459 O O   . HOH I 6 .   ? -0.746  1.946   -16.300 1.00 38.78 ? 611 HOH A O   1 
HETATM 1460 O O   . HOH I 6 .   ? -6.307  -8.617  -7.392  1.00 35.31 ? 612 HOH A O   1 
HETATM 1461 O O   . HOH I 6 .   ? -4.836  11.389  -1.558  1.00 45.12 ? 613 HOH A O   1 
HETATM 1462 O O   . HOH I 6 .   ? -0.229  -13.675 13.893  1.00 44.72 ? 614 HOH A O   1 
HETATM 1463 O O   . HOH I 6 .   ? -0.279  -5.638  -12.082 1.00 37.16 ? 615 HOH A O   1 
HETATM 1464 O O   . HOH I 6 .   ? 6.871   16.305  -2.958  1.00 43.81 ? 616 HOH A O   1 
HETATM 1465 O O   . HOH I 6 .   ? 16.051  15.788  5.307   1.00 38.43 ? 617 HOH A O   1 
HETATM 1466 O O   . HOH I 6 .   ? 12.369  -6.955  11.263  1.00 43.74 ? 618 HOH A O   1 
HETATM 1467 O O   . HOH I 6 .   ? 4.893   1.107   -21.957 1.00 48.78 ? 619 HOH A O   1 
HETATM 1468 O O   . HOH I 6 .   ? -3.584  -15.860 3.635   1.00 41.74 ? 620 HOH A O   1 
HETATM 1469 O O   . HOH I 6 .   ? 3.045   15.554  -4.394  1.00 41.61 ? 621 HOH A O   1 
HETATM 1470 O O   . HOH I 6 .   ? 4.478   14.465  -9.115  1.00 27.02 ? 622 HOH A O   1 
HETATM 1471 O O   . HOH I 6 .   ? -5.316  5.148   -15.838 1.00 41.69 ? 623 HOH A O   1 
HETATM 1472 O O   . HOH I 6 .   ? -10.954 -10.479 -0.034  1.00 32.38 ? 624 HOH A O   1 
HETATM 1473 O O   . HOH I 6 .   ? 9.700   -9.164  6.498   1.00 37.18 ? 625 HOH A O   1 
HETATM 1474 O O   . HOH I 6 .   ? -7.760  -0.875  18.315  1.00 37.30 ? 626 HOH A O   1 
HETATM 1475 O O   . HOH I 6 .   ? 19.284  14.795  8.736   1.00 40.31 ? 627 HOH A O   1 
HETATM 1476 O O   . HOH I 6 .   ? 12.650  14.155  -13.018 1.00 44.12 ? 628 HOH A O   1 
HETATM 1477 O O   . HOH I 6 .   ? -2.457  4.248   19.951  1.00 45.21 ? 629 HOH A O   1 
HETATM 1478 O O   . HOH I 6 .   ? 1.379   10.419  8.901   1.00 39.12 ? 630 HOH A O   1 
HETATM 1479 O O   . HOH I 6 .   ? 7.399   10.036  15.722  1.00 49.27 ? 631 HOH A O   1 
HETATM 1480 O O   . HOH I 6 .   ? 8.354   -19.723 -2.615  1.00 41.12 ? 632 HOH A O   1 
HETATM 1481 O O   . HOH I 6 .   ? 15.206  2.193   2.162   1.00 50.77 ? 633 HOH A O   1 
HETATM 1482 O O   . HOH I 6 .   ? -8.184  8.954   18.082  1.00 54.19 ? 634 HOH A O   1 
HETATM 1483 O O   . HOH I 6 .   ? -5.425  -14.667 5.236   1.00 33.08 ? 635 HOH A O   1 
HETATM 1484 O O   . HOH I 6 .   ? 3.772   -1.905  -19.537 1.00 55.31 ? 636 HOH A O   1 
HETATM 1485 O O   . HOH I 6 .   ? 4.763   11.455  12.671  1.00 43.09 ? 637 HOH A O   1 
HETATM 1486 O O   . HOH I 6 .   ? -8.966  11.681  9.156   1.00 40.52 ? 638 HOH A O   1 
HETATM 1487 O O   . HOH I 6 .   ? 11.504  -9.519  8.390   1.00 45.58 ? 639 HOH A O   1 
HETATM 1488 O O   . HOH I 6 .   ? -2.815  12.927  6.316   1.00 47.78 ? 640 HOH A O   1 
HETATM 1489 O O   . HOH I 6 .   ? 1.513   -15.998 -4.815  1.00 42.17 ? 641 HOH A O   1 
HETATM 1490 O O   . HOH I 6 .   ? 17.551  5.101   -11.162 1.00 44.48 ? 642 HOH A O   1 
HETATM 1491 O O   . HOH I 6 .   ? 9.966   1.014   7.084   1.00 44.21 ? 643 HOH A O   1 
HETATM 1492 O O   . HOH I 6 .   ? -6.487  11.328  -4.507  1.00 49.94 ? 644 HOH A O   1 
HETATM 1493 O O   . HOH I 6 .   ? 19.110  -15.375 -0.958  1.00 46.38 ? 645 HOH A O   1 
HETATM 1494 O O   . HOH I 6 .   ? 3.689   -10.389 15.943  1.00 47.67 ? 646 HOH A O   1 
HETATM 1495 O O   . HOH I 6 .   ? -5.238  8.574   16.339  1.00 42.23 ? 647 HOH A O   1 
HETATM 1496 O O   . HOH I 6 .   ? 3.789   -3.717  15.973  1.00 52.99 ? 648 HOH A O   1 
HETATM 1497 O O   . HOH I 6 .   ? -2.904  -3.100  19.708  1.00 47.57 ? 649 HOH A O   1 
HETATM 1498 O O   . HOH I 6 .   ? -2.699  8.183   18.934  1.00 54.67 ? 650 HOH A O   1 
HETATM 1499 O O   . HOH I 6 .   ? 14.047  -10.574 -5.070  1.00 46.22 ? 651 HOH A O   1 
HETATM 1500 O O   . HOH I 6 .   ? 13.168  -6.918  -8.746  1.00 52.42 ? 652 HOH A O   1 
HETATM 1501 O O   . HOH I 6 .   ? 5.936   -18.743 -6.296  1.00 61.21 ? 653 HOH A O   1 
HETATM 1502 O O   . HOH I 6 .   ? 4.299   14.835  9.038   1.00 55.58 ? 654 HOH A O   1 
HETATM 1503 O O   . HOH I 6 .   ? 11.891  -5.014  -19.419 1.00 54.47 ? 655 HOH A O   1 
HETATM 1504 O O   . HOH I 6 .   ? -8.100  -4.873  -12.725 1.00 60.73 ? 656 HOH A O   1 
HETATM 1505 O O   . HOH I 6 .   ? -17.209 9.049   3.461   1.00 61.41 ? 657 HOH A O   1 
HETATM 1506 O O   . HOH I 6 .   ? 12.943  -13.979 -10.011 1.00 66.09 ? 658 HOH A O   1 
HETATM 1507 O O   . HOH I 6 .   ? 14.601  -10.827 4.796   1.00 52.72 ? 659 HOH A O   1 
HETATM 1508 O O   . HOH I 6 .   ? 3.965   12.898  16.354  1.00 53.69 ? 660 HOH A O   1 
HETATM 1509 O O   . HOH I 6 .   ? 3.801   -20.021 2.235   1.00 55.83 ? 661 HOH A O   1 
HETATM 1510 O O   . HOH I 6 .   ? -7.720  12.723  4.762   1.00 73.35 ? 662 HOH A O   1 
HETATM 1511 O O   . HOH I 6 .   ? -9.284  15.310  -0.298  1.00 61.49 ? 663 HOH A O   1 
HETATM 1512 O O   . HOH I 6 .   ? -11.311 4.607   22.877  1.00 59.48 ? 664 HOH A O   1 
HETATM 1513 O O   . HOH I 6 .   ? -11.113 -12.650 1.731   1.00 52.32 ? 665 HOH A O   1 
HETATM 1514 O O   . HOH I 6 .   ? 11.344  17.953  -2.797  1.00 52.41 ? 666 HOH A O   1 
HETATM 1515 O O   . HOH I 6 .   ? 10.419  -3.556  12.700  1.00 55.37 ? 667 HOH A O   1 
HETATM 1516 O O   . HOH I 6 .   ? 6.688   16.357  1.359   1.00 50.23 ? 668 HOH A O   1 
HETATM 1517 O O   . HOH I 6 .   ? -3.541  -13.660 -9.947  1.00 64.60 ? 669 HOH A O   1 
HETATM 1518 O O   . HOH I 6 .   ? 13.110  -11.120 -9.336  1.00 64.61 ? 670 HOH A O   1 
HETATM 1519 O O   . HOH I 6 .   ? -10.365 -0.952  -11.708 1.00 54.68 ? 671 HOH A O   1 
HETATM 1520 O O   . HOH I 6 .   ? -1.490  -17.759 2.627   1.00 54.34 ? 672 HOH A O   1 
HETATM 1521 O O   . HOH I 6 .   ? 10.076  -5.520  10.637  1.00 62.47 ? 673 HOH A O   1 
HETATM 1522 O O   . HOH I 6 .   ? -18.892 0.715   -1.495  1.00 57.51 ? 674 HOH A O   1 
HETATM 1523 O O   . HOH I 6 .   ? 14.547  -6.759  -3.909  1.00 48.13 ? 675 HOH A O   1 
HETATM 1524 O O   . HOH I 6 .   ? -11.879 -4.877  -10.044 1.00 72.67 ? 676 HOH A O   1 
HETATM 1525 O O   . HOH I 6 .   ? -3.399  -4.688  -13.126 1.00 66.26 ? 677 HOH A O   1 
HETATM 1526 O O   . HOH I 6 .   ? 12.507  -4.773  4.228   1.00 49.36 ? 678 HOH A O   1 
HETATM 1527 O O   . HOH I 6 .   ? -2.536  -14.683 6.883   1.00 55.04 ? 679 HOH A O   1 
HETATM 1528 O O   . HOH I 6 .   ? 9.031   18.172  2.122   1.00 51.34 ? 680 HOH A O   1 
HETATM 1529 O O   . HOH I 6 .   ? -1.688  -16.693 -4.353  1.00 54.48 ? 681 HOH A O   1 
HETATM 1530 O O   . HOH I 6 .   ? -9.393  6.291   -13.105 1.00 52.64 ? 682 HOH A O   1 
HETATM 1531 O O   . HOH I 6 .   ? 13.896  -20.121 -9.602  1.00 59.54 ? 683 HOH A O   1 
HETATM 1532 O O   . HOH I 6 .   ? -6.767  14.033  0.105   1.00 56.99 ? 684 HOH A O   1 
HETATM 1533 O O   . HOH I 6 .   ? 8.537   15.626  -4.787  1.00 48.04 ? 685 HOH A O   1 
HETATM 1534 O O   . HOH I 6 .   ? 11.697  15.379  -8.446  1.00 57.31 ? 686 HOH A O   1 
HETATM 1535 O O   . HOH I 6 .   ? -13.422 -11.246 0.688   1.00 49.59 ? 687 HOH A O   1 
HETATM 1536 O O   . HOH I 6 .   ? 8.979   16.827  5.251   1.00 55.20 ? 688 HOH A O   1 
HETATM 1537 O O   . HOH I 6 .   ? 9.090   0.129   -22.003 1.00 62.74 ? 689 HOH A O   1 
HETATM 1538 O O   . HOH I 6 .   ? -5.909  14.304  3.423   1.00 70.96 ? 690 HOH A O   1 
HETATM 1539 O O   . HOH I 6 .   ? -9.377  9.599   11.074  1.00 45.46 ? 691 HOH A O   1 
HETATM 1540 O O   . HOH I 6 .   ? 2.224   17.376  8.694   1.00 65.67 ? 692 HOH A O   1 
HETATM 1541 O O   . HOH I 6 .   ? 6.608   -6.754  12.507  1.00 59.68 ? 693 HOH A O   1 
HETATM 1542 O O   . HOH I 6 .   ? -7.785  -3.360  -16.433 1.00 54.20 ? 694 HOH A O   1 
HETATM 1543 O O   . HOH I 6 .   ? 11.510  -10.055 -15.138 1.00 63.85 ? 695 HOH A O   1 
HETATM 1544 O O   . HOH I 6 .   ? 2.529   0.021   21.957  1.00 55.41 ? 696 HOH A O   1 
HETATM 1545 O O   . HOH I 6 .   ? -9.564  -1.419  21.981  1.00 51.53 ? 697 HOH A O   1 
HETATM 1546 O O   . HOH I 6 .   ? 8.805   16.104  -0.967  1.00 46.89 ? 698 HOH A O   1 
HETATM 1547 O O   . HOH I 6 .   ? 1.673   -3.741  20.430  1.00 52.17 ? 699 HOH A O   1 
HETATM 1548 O O   . HOH I 6 .   ? 6.549   17.336  6.039   1.00 57.28 ? 700 HOH A O   1 
HETATM 1549 O O   . HOH I 6 .   ? -14.470 8.230   22.348  1.00 61.35 ? 701 HOH A O   1 
# 
